data_6B0Z
#
_entry.id   6B0Z
#
_cell.length_a   81.495
_cell.length_b   155.312
_cell.length_c   163.054
_cell.angle_alpha   90.000
_cell.angle_beta   90.000
_cell.angle_gamma   90.000
#
_symmetry.space_group_name_H-M   'P 21 21 21'
#
loop_
_entity.id
_entity.type
_entity.pdbx_description
1 polymer 'Isocitrate dehydrogenase [NADP] cytoplasmic'
2 non-polymer 'NADPH DIHYDRO-NICOTINAMIDE-ADENINE-DINUCLEOTIDE PHOSPHATE'
3 non-polymer "(4R)-4-[(1S)-1-fluoroethyl]-3-[2-({(1S)-1-[4-methyl-2'-(trifluoromethyl)[3,4'-bipyridin]-6-yl]ethyl}amino)pyrimidin-4-yl]-1,3-oxazolidin-2-one"
4 non-polymer 'CITRATE ANION'
5 water water
#
_entity_poly.entity_id   1
_entity_poly.type   'polypeptide(L)'
_entity_poly.pdbx_seq_one_letter_code
;GPGMSKKISGGSVVEMQGDEMTRIIWELIKEKLIFPYVELDLHSYDLGIENRDATNDQVTKDAAEAIKKHNVGVKCATIT
PDEKRVEEFKLKQMWKSPNGTIRNILGGTVFREAIICKNIPRLVSGWVKPIIIGHHAYGDQYRATDFVVPGPGKVEITYT
PSDGTQKVTYLVHNFEEGGGVAMGMYNQDKSIEDFAHSSFQMALSKGWPLYLSTKNTILKKYDGRFKDIFQEIYDKQYKS
QFEAQKIWYEHRLIDDMVAQAMKSEGGFIWACKNYDGDVQSDSVAQGYGSLGMMTSVLVCPDGKTVEAEAAHGTVTRHYR
MYQKGQETSTNPIASIFAWTRGLAHRAKLDNNKELAFFANALEEVSIETIEAGFMTKDLAACIKGLPNVQRSDYLNTFEF
MDKLGENLKIKLAQAKL
;
_entity_poly.pdbx_strand_id   A,C,B,D
#
# COMPACT_ATOMS: atom_id res chain seq x y z
N LYS A 6 -9.03 23.82 -14.38
CA LYS A 6 -7.96 23.07 -13.72
C LYS A 6 -8.38 22.72 -12.28
N LYS A 7 -7.81 21.64 -11.76
CA LYS A 7 -8.30 20.95 -10.58
C LYS A 7 -7.61 21.43 -9.31
N ILE A 8 -8.29 21.19 -8.18
CA ILE A 8 -7.80 21.57 -6.86
C ILE A 8 -6.71 20.59 -6.42
N SER A 9 -5.69 21.11 -5.73
CA SER A 9 -4.68 20.28 -5.08
C SER A 9 -5.17 19.91 -3.69
N GLY A 10 -5.51 18.64 -3.49
CA GLY A 10 -6.12 18.20 -2.25
C GLY A 10 -5.14 17.76 -1.18
N GLY A 11 -3.94 17.35 -1.57
CA GLY A 11 -2.93 16.96 -0.61
C GLY A 11 -2.98 15.49 -0.26
N SER A 12 -2.32 15.17 0.85
CA SER A 12 -2.12 13.79 1.30
C SER A 12 -3.42 13.23 1.90
N VAL A 13 -3.96 12.19 1.27
CA VAL A 13 -5.17 11.53 1.74
C VAL A 13 -4.96 10.02 1.69
N VAL A 14 -5.27 9.35 2.81
CA VAL A 14 -5.21 7.90 2.89
C VAL A 14 -6.58 7.34 2.54
N GLU A 15 -6.63 6.49 1.52
CA GLU A 15 -7.87 5.88 1.05
C GLU A 15 -7.79 4.37 1.24
N MET A 16 -8.91 3.77 1.62
CA MET A 16 -9.02 2.33 1.83
C MET A 16 -10.18 1.78 1.04
N GLN A 17 -9.89 0.93 0.05
CA GLN A 17 -10.91 0.30 -0.75
C GLN A 17 -11.47 -0.92 -0.04
N GLY A 18 -12.74 -1.21 -0.31
CA GLY A 18 -13.49 -2.19 0.45
C GLY A 18 -14.12 -3.25 -0.44
N ASP A 19 -15.32 -3.68 -0.06
CA ASP A 19 -15.95 -4.87 -0.62
C ASP A 19 -17.37 -4.60 -1.11
N GLU A 20 -17.82 -5.49 -2.01
CA GLU A 20 -19.21 -5.70 -2.42
C GLU A 20 -19.86 -4.40 -2.87
N MET A 21 -21.06 -4.06 -2.39
CA MET A 21 -21.83 -2.96 -2.97
C MET A 21 -21.16 -1.61 -2.72
N THR A 22 -20.62 -1.42 -1.52
CA THR A 22 -19.95 -0.15 -1.23
C THR A 22 -18.72 0.04 -2.09
N ARG A 23 -18.05 -1.04 -2.47
CA ARG A 23 -16.90 -0.92 -3.37
C ARG A 23 -17.32 -0.31 -4.70
N ILE A 24 -18.43 -0.77 -5.26
CA ILE A 24 -18.94 -0.22 -6.51
C ILE A 24 -19.23 1.27 -6.34
N ILE A 25 -19.93 1.62 -5.26
CA ILE A 25 -20.28 3.02 -5.02
C ILE A 25 -19.05 3.85 -4.77
N TRP A 26 -18.07 3.29 -4.04
CA TRP A 26 -16.83 4.00 -3.74
C TRP A 26 -16.13 4.47 -5.00
N GLU A 27 -15.95 3.56 -5.97
CA GLU A 27 -15.31 3.94 -7.23
C GLU A 27 -16.15 4.95 -7.99
N LEU A 28 -17.47 4.76 -8.00
CA LEU A 28 -18.36 5.74 -8.64
C LEU A 28 -18.17 7.12 -8.03
N ILE A 29 -18.03 7.19 -6.70
CA ILE A 29 -17.79 8.47 -6.04
C ILE A 29 -16.50 9.10 -6.55
N LYS A 30 -15.42 8.31 -6.59
CA LYS A 30 -14.13 8.85 -7.02
C LYS A 30 -14.18 9.27 -8.49
N GLU A 31 -14.78 8.44 -9.34
CA GLU A 31 -14.81 8.76 -10.76
C GLU A 31 -15.70 9.97 -11.04
N LYS A 32 -16.88 10.00 -10.44
CA LYS A 32 -17.87 11.02 -10.82
C LYS A 32 -17.74 12.29 -9.99
N LEU A 33 -17.39 12.18 -8.71
CA LEU A 33 -17.50 13.32 -7.80
C LEU A 33 -16.19 13.86 -7.29
N ILE A 34 -15.14 13.04 -7.15
CA ILE A 34 -13.90 13.51 -6.56
C ILE A 34 -12.88 13.88 -7.64
N PHE A 35 -12.43 12.88 -8.39
CA PHE A 35 -11.31 13.07 -9.30
C PHE A 35 -11.52 14.16 -10.35
N PRO A 36 -12.72 14.42 -10.89
CA PRO A 36 -12.86 15.51 -11.84
C PRO A 36 -12.60 16.90 -11.27
N TYR A 37 -12.50 17.05 -9.95
CA TYR A 37 -12.31 18.36 -9.34
C TYR A 37 -11.12 18.47 -8.41
N VAL A 38 -10.60 17.36 -7.90
CA VAL A 38 -9.50 17.37 -6.93
C VAL A 38 -8.40 16.42 -7.38
N GLU A 39 -7.16 16.88 -7.26
CA GLU A 39 -5.99 16.03 -7.41
C GLU A 39 -5.46 15.70 -6.01
N LEU A 40 -5.16 14.43 -5.78
CA LEU A 40 -4.76 13.95 -4.46
C LEU A 40 -3.43 13.21 -4.54
N ASP A 41 -2.57 13.49 -3.57
CA ASP A 41 -1.42 12.63 -3.28
C ASP A 41 -1.97 11.42 -2.55
N LEU A 42 -2.52 10.49 -3.33
CA LEU A 42 -3.41 9.45 -2.83
C LEU A 42 -2.61 8.26 -2.32
N HIS A 43 -2.62 8.06 -1.00
CA HIS A 43 -2.07 6.85 -0.39
C HIS A 43 -3.20 5.84 -0.32
N SER A 44 -3.19 4.89 -1.27
CA SER A 44 -4.33 4.02 -1.52
C SER A 44 -4.02 2.59 -1.10
N TYR A 45 -4.92 2.01 -0.30
CA TYR A 45 -4.76 0.66 0.22
C TYR A 45 -6.02 -0.13 -0.07
N ASP A 46 -5.83 -1.35 -0.55
CA ASP A 46 -6.93 -2.23 -0.94
C ASP A 46 -7.23 -3.17 0.23
N LEU A 47 -8.28 -2.84 0.98
CA LEU A 47 -8.75 -3.70 2.06
C LEU A 47 -9.86 -4.65 1.60
N GLY A 48 -9.95 -4.88 0.29
CA GLY A 48 -10.82 -5.91 -0.24
C GLY A 48 -10.47 -7.25 0.39
N ILE A 49 -11.46 -8.14 0.53
CA ILE A 49 -11.27 -9.33 1.35
C ILE A 49 -10.19 -10.24 0.75
N GLU A 50 -10.21 -10.41 -0.58
CA GLU A 50 -9.23 -11.28 -1.22
C GLU A 50 -7.82 -10.75 -1.04
N ASN A 51 -7.64 -9.42 -1.11
CA ASN A 51 -6.30 -8.86 -0.95
C ASN A 51 -5.84 -8.88 0.50
N ARG A 52 -6.76 -8.74 1.46
CA ARG A 52 -6.39 -8.96 2.85
C ARG A 52 -5.95 -10.39 3.07
N ASP A 53 -6.64 -11.35 2.46
CA ASP A 53 -6.24 -12.75 2.56
C ASP A 53 -4.87 -12.97 1.90
N ALA A 54 -4.67 -12.39 0.72
CA ALA A 54 -3.42 -12.61 -0.01
C ALA A 54 -2.22 -11.99 0.71
N THR A 55 -2.42 -10.88 1.42
CA THR A 55 -1.35 -10.22 2.14
C THR A 55 -1.30 -10.59 3.61
N ASN A 56 -2.12 -11.56 4.05
CA ASN A 56 -2.18 -11.96 5.45
C ASN A 56 -2.48 -10.77 6.35
N ASP A 57 -3.43 -9.93 5.91
CA ASP A 57 -3.94 -8.76 6.63
C ASP A 57 -2.89 -7.66 6.81
N GLN A 58 -1.74 -7.77 6.16
CA GLN A 58 -0.70 -6.75 6.30
C GLN A 58 -1.18 -5.42 5.74
N VAL A 59 -1.96 -5.45 4.66
CA VAL A 59 -2.43 -4.21 4.05
C VAL A 59 -3.31 -3.45 5.02
N THR A 60 -4.05 -4.16 5.88
CA THR A 60 -4.87 -3.51 6.89
C THR A 60 -4.00 -2.73 7.87
N LYS A 61 -2.93 -3.36 8.35
CA LYS A 61 -2.02 -2.67 9.27
C LYS A 61 -1.30 -1.52 8.60
N ASP A 62 -0.91 -1.69 7.33
CA ASP A 62 -0.19 -0.64 6.62
C ASP A 62 -1.08 0.58 6.40
N ALA A 63 -2.36 0.37 6.14
CA ALA A 63 -3.28 1.49 6.00
C ALA A 63 -3.39 2.27 7.30
N ALA A 64 -3.37 1.57 8.44
CA ALA A 64 -3.52 2.25 9.72
C ALA A 64 -2.30 3.12 10.02
N GLU A 65 -1.09 2.60 9.80
CA GLU A 65 0.11 3.40 9.99
CA GLU A 65 0.08 3.44 10.02
C GLU A 65 0.14 4.58 9.02
N ALA A 66 -0.46 4.41 7.84
CA ALA A 66 -0.51 5.50 6.88
C ALA A 66 -1.43 6.62 7.36
N ILE A 67 -2.60 6.27 7.90
CA ILE A 67 -3.47 7.26 8.50
C ILE A 67 -2.74 7.99 9.62
N LYS A 68 -2.06 7.23 10.48
CA LYS A 68 -1.27 7.81 11.56
C LYS A 68 -0.25 8.80 11.03
N LYS A 69 0.40 8.47 9.92
CA LYS A 69 1.42 9.37 9.37
C LYS A 69 0.79 10.60 8.72
N HIS A 70 -0.32 10.43 8.01
CA HIS A 70 -0.84 11.49 7.15
C HIS A 70 -2.13 12.14 7.67
N ASN A 71 -2.66 11.70 8.81
CA ASN A 71 -3.72 12.39 9.56
C ASN A 71 -5.11 12.36 8.92
N VAL A 72 -5.26 11.85 7.70
CA VAL A 72 -6.56 11.84 7.05
C VAL A 72 -6.78 10.49 6.39
N GLY A 73 -7.75 9.73 6.87
CA GLY A 73 -8.14 8.47 6.26
C GLY A 73 -9.61 8.52 5.87
N VAL A 74 -9.91 7.95 4.70
CA VAL A 74 -11.27 7.76 4.23
C VAL A 74 -11.40 6.28 3.84
N LYS A 75 -12.40 5.60 4.40
CA LYS A 75 -12.45 4.15 4.34
C LYS A 75 -13.79 3.67 3.80
N CYS A 76 -13.72 2.75 2.85
CA CYS A 76 -14.89 2.05 2.33
C CYS A 76 -15.20 0.85 3.21
N ALA A 77 -16.47 0.45 3.23
CA ALA A 77 -16.91 -0.64 4.08
C ALA A 77 -16.25 -1.96 3.66
N THR A 78 -15.98 -2.81 4.65
CA THR A 78 -15.22 -4.03 4.45
C THR A 78 -15.96 -5.22 5.06
N ILE A 79 -15.80 -6.38 4.42
CA ILE A 79 -16.33 -7.62 4.97
C ILE A 79 -15.53 -8.01 6.20
N THR A 80 -16.21 -8.21 7.32
CA THR A 80 -15.57 -8.83 8.46
C THR A 80 -15.84 -10.33 8.41
N PRO A 81 -14.80 -11.15 8.27
CA PRO A 81 -15.03 -12.57 8.00
C PRO A 81 -15.72 -13.28 9.15
N ASP A 82 -16.73 -14.08 8.82
CA ASP A 82 -17.27 -15.10 9.71
C ASP A 82 -17.02 -16.46 9.07
N GLU A 83 -17.53 -17.50 9.73
CA GLU A 83 -17.27 -18.86 9.25
C GLU A 83 -17.80 -19.08 7.84
N LYS A 84 -18.95 -18.46 7.52
CA LYS A 84 -19.49 -18.60 6.17
C LYS A 84 -18.69 -17.79 5.15
N ARG A 85 -18.11 -16.65 5.57
CA ARG A 85 -17.24 -15.92 4.67
C ARG A 85 -15.95 -16.69 4.42
N VAL A 86 -15.46 -17.40 5.44
CA VAL A 86 -14.25 -18.20 5.29
C VAL A 86 -14.40 -19.19 4.15
N GLU A 87 -15.58 -19.80 4.03
CA GLU A 87 -15.80 -20.78 2.96
C GLU A 87 -16.12 -20.10 1.64
N GLU A 88 -16.78 -18.93 1.69
CA GLU A 88 -17.12 -18.23 0.46
C GLU A 88 -15.87 -17.85 -0.33
N PHE A 89 -14.82 -17.39 0.35
CA PHE A 89 -13.61 -16.93 -0.31
C PHE A 89 -12.43 -17.88 -0.09
N LYS A 90 -12.65 -19.02 0.55
CA LYS A 90 -11.58 -19.95 0.91
C LYS A 90 -10.45 -19.23 1.65
N LEU A 91 -10.84 -18.50 2.69
CA LEU A 91 -9.88 -17.71 3.45
C LEU A 91 -8.89 -18.60 4.17
N LYS A 92 -7.67 -18.09 4.33
CA LYS A 92 -6.64 -18.80 5.08
C LYS A 92 -7.03 -18.92 6.56
N GLN A 93 -7.77 -17.95 7.07
CA GLN A 93 -8.23 -17.91 8.45
C GLN A 93 -9.28 -16.82 8.55
N MET A 94 -10.01 -16.82 9.67
CA MET A 94 -11.05 -15.82 9.90
C MET A 94 -10.37 -14.53 10.34
N TRP A 95 -10.04 -13.69 9.35
CA TRP A 95 -9.30 -12.47 9.62
C TRP A 95 -10.09 -11.54 10.54
N LYS A 96 -9.36 -10.86 11.42
CA LYS A 96 -9.96 -9.91 12.33
C LYS A 96 -10.51 -8.71 11.58
N SER A 97 -11.59 -8.13 12.09
CA SER A 97 -12.22 -6.94 11.55
C SER A 97 -11.18 -5.87 11.24
N PRO A 98 -11.12 -5.39 9.99
CA PRO A 98 -10.17 -4.30 9.69
C PRO A 98 -10.40 -3.10 10.57
N ASN A 99 -11.67 -2.81 10.87
CA ASN A 99 -12.00 -1.66 11.69
C ASN A 99 -11.41 -1.78 13.09
N GLY A 100 -11.50 -2.97 13.69
CA GLY A 100 -10.88 -3.17 14.99
C GLY A 100 -9.38 -3.02 14.96
N THR A 101 -8.75 -3.48 13.88
CA THR A 101 -7.31 -3.32 13.73
C THR A 101 -6.92 -1.86 13.64
N ILE A 102 -7.67 -1.08 12.86
CA ILE A 102 -7.31 0.31 12.62
C ILE A 102 -7.45 1.13 13.91
N ARG A 103 -8.59 0.98 14.60
CA ARG A 103 -8.80 1.76 15.82
C ARG A 103 -7.81 1.36 16.92
N ASN A 104 -7.48 0.07 17.01
CA ASN A 104 -6.47 -0.37 17.97
C ASN A 104 -5.15 0.35 17.72
N ILE A 105 -4.77 0.52 16.46
CA ILE A 105 -3.52 1.18 16.13
C ILE A 105 -3.63 2.68 16.34
N LEU A 106 -4.77 3.27 15.97
CA LEU A 106 -4.90 4.73 16.02
C LEU A 106 -5.35 5.24 17.37
N GLY A 107 -6.12 4.45 18.12
CA GLY A 107 -6.83 4.97 19.27
C GLY A 107 -7.90 5.98 18.85
N GLY A 108 -8.58 6.51 19.84
CA GLY A 108 -9.57 7.55 19.62
C GLY A 108 -10.99 7.08 19.80
N THR A 109 -11.91 7.98 19.49
CA THR A 109 -13.34 7.81 19.73
C THR A 109 -14.12 7.97 18.43
N VAL A 110 -15.09 7.08 18.23
CA VAL A 110 -15.94 7.08 17.05
C VAL A 110 -17.16 7.97 17.32
N PHE A 111 -17.39 8.93 16.43
CA PHE A 111 -18.55 9.80 16.51
C PHE A 111 -19.42 9.58 15.27
N ARG A 112 -20.72 9.39 15.49
CA ARG A 112 -21.69 9.19 14.43
C ARG A 112 -22.61 10.40 14.35
N GLU A 113 -23.06 10.68 13.13
CA GLU A 113 -23.90 11.85 12.87
C GLU A 113 -24.82 11.55 11.70
N ALA A 114 -26.12 11.82 11.90
CA ALA A 114 -27.08 11.65 10.84
C ALA A 114 -27.11 12.88 9.94
N ILE A 115 -27.38 12.65 8.66
CA ILE A 115 -27.53 13.72 7.68
C ILE A 115 -29.01 14.04 7.57
N ILE A 116 -29.37 15.30 7.80
CA ILE A 116 -30.76 15.72 7.89
C ILE A 116 -31.16 16.48 6.62
N CYS A 117 -32.27 16.06 6.03
CA CYS A 117 -32.92 16.77 4.94
C CYS A 117 -34.32 17.15 5.39
N LYS A 118 -34.74 18.37 5.06
CA LYS A 118 -36.00 18.88 5.59
C LYS A 118 -37.20 18.09 5.06
N ASN A 119 -37.07 17.43 3.92
CA ASN A 119 -38.15 16.63 3.37
C ASN A 119 -38.16 15.19 3.89
N ILE A 120 -37.26 14.83 4.78
CA ILE A 120 -37.13 13.46 5.26
C ILE A 120 -37.56 13.40 6.72
N PRO A 121 -38.57 12.60 7.06
CA PRO A 121 -39.01 12.51 8.46
C PRO A 121 -37.88 12.06 9.38
N ARG A 122 -37.89 12.57 10.61
CA ARG A 122 -36.99 12.13 11.65
C ARG A 122 -37.72 11.24 12.64
N LEU A 123 -36.96 10.36 13.30
CA LEU A 123 -37.55 9.50 14.31
C LEU A 123 -38.21 10.33 15.41
N VAL A 124 -37.54 11.36 15.88
CA VAL A 124 -38.12 12.40 16.71
C VAL A 124 -38.16 13.67 15.87
N SER A 125 -39.36 14.17 15.56
CA SER A 125 -39.49 15.21 14.55
C SER A 125 -38.89 16.53 15.00
N GLY A 126 -38.79 16.76 16.32
CA GLY A 126 -38.17 17.98 16.81
C GLY A 126 -36.69 18.09 16.48
N TRP A 127 -36.03 16.96 16.24
CA TRP A 127 -34.63 16.97 15.83
C TRP A 127 -34.54 17.55 14.42
N VAL A 128 -34.28 18.85 14.32
CA VAL A 128 -34.13 19.52 13.04
C VAL A 128 -32.67 19.80 12.70
N LYS A 129 -31.75 19.65 13.66
CA LYS A 129 -30.32 19.70 13.47
C LYS A 129 -29.73 18.35 13.84
N PRO A 130 -28.63 17.95 13.19
CA PRO A 130 -28.03 16.64 13.50
C PRO A 130 -27.54 16.59 14.94
N ILE A 131 -27.59 15.38 15.51
CA ILE A 131 -27.02 15.11 16.82
C ILE A 131 -25.83 14.18 16.61
N ILE A 132 -24.70 14.51 17.23
CA ILE A 132 -23.47 13.74 17.12
C ILE A 132 -23.27 12.97 18.40
N ILE A 133 -23.04 11.67 18.27
CA ILE A 133 -22.93 10.76 19.42
C ILE A 133 -21.62 10.00 19.32
N GLY A 134 -20.86 10.01 20.41
CA GLY A 134 -19.67 9.20 20.53
C GLY A 134 -19.74 8.30 21.75
N HIS A 135 -19.37 7.03 21.58
CA HIS A 135 -19.36 6.08 22.67
C HIS A 135 -17.93 5.78 23.08
N HIS A 136 -17.74 5.55 24.37
CA HIS A 136 -16.47 5.03 24.86
C HIS A 136 -16.39 3.55 24.56
N ALA A 137 -15.28 3.10 24.00
CA ALA A 137 -15.10 1.70 23.66
C ALA A 137 -13.65 1.26 23.88
N ALA A 144 -12.67 -6.98 29.60
CA ALA A 144 -13.57 -7.62 30.54
C ALA A 144 -13.24 -9.10 30.69
N THR A 145 -13.41 -9.62 31.91
CA THR A 145 -13.12 -11.02 32.22
C THR A 145 -14.33 -11.60 32.94
N ASP A 146 -15.07 -12.46 32.24
CA ASP A 146 -16.26 -13.11 32.78
C ASP A 146 -16.04 -14.61 32.88
N PHE A 147 -16.83 -15.25 33.75
CA PHE A 147 -16.67 -16.67 33.99
C PHE A 147 -17.94 -17.24 34.61
N VAL A 148 -17.98 -18.56 34.70
CA VAL A 148 -19.11 -19.28 35.28
C VAL A 148 -18.80 -19.58 36.74
N VAL A 149 -19.75 -19.30 37.62
CA VAL A 149 -19.67 -19.67 39.01
C VAL A 149 -20.29 -21.06 39.17
N PRO A 150 -19.51 -22.10 39.46
CA PRO A 150 -20.09 -23.46 39.42
C PRO A 150 -21.12 -23.70 40.50
N GLY A 151 -20.97 -23.05 41.65
CA GLY A 151 -21.87 -23.25 42.74
C GLY A 151 -21.59 -22.30 43.88
N PRO A 152 -22.15 -22.59 45.06
CA PRO A 152 -22.08 -21.64 46.17
C PRO A 152 -20.64 -21.30 46.57
N GLY A 153 -20.43 -20.05 46.94
CA GLY A 153 -19.13 -19.55 47.29
C GLY A 153 -19.04 -18.06 47.04
N LYS A 154 -17.94 -17.47 47.50
CA LYS A 154 -17.73 -16.04 47.42
C LYS A 154 -17.03 -15.66 46.13
N VAL A 155 -17.55 -14.64 45.45
CA VAL A 155 -16.86 -13.95 44.36
C VAL A 155 -16.40 -12.61 44.90
N GLU A 156 -15.10 -12.39 44.89
CA GLU A 156 -14.50 -11.17 45.42
C GLU A 156 -13.59 -10.55 44.37
N ILE A 157 -13.47 -9.23 44.42
CA ILE A 157 -12.60 -8.48 43.53
C ILE A 157 -11.64 -7.66 44.39
N THR A 158 -10.33 -7.83 44.13
CA THR A 158 -9.29 -7.31 45.00
C THR A 158 -8.39 -6.35 44.24
N TYR A 159 -7.85 -5.37 44.96
CA TYR A 159 -6.85 -4.45 44.43
C TYR A 159 -5.61 -4.52 45.31
N THR A 160 -4.46 -4.77 44.69
CA THR A 160 -3.19 -4.84 45.42
C THR A 160 -2.21 -3.83 44.84
N PRO A 161 -1.96 -2.72 45.53
CA PRO A 161 -1.06 -1.69 45.00
C PRO A 161 0.35 -2.23 44.79
N SER A 162 1.09 -1.58 43.90
CA SER A 162 2.44 -2.01 43.56
C SER A 162 3.41 -1.91 44.74
N ASP A 163 3.10 -1.08 45.73
CA ASP A 163 3.96 -1.07 46.91
C ASP A 163 3.63 -2.21 47.87
N GLY A 164 2.41 -2.74 47.81
CA GLY A 164 1.97 -3.71 48.79
C GLY A 164 1.67 -3.12 50.15
N THR A 165 1.59 -1.79 50.26
CA THR A 165 1.28 -1.16 51.54
C THR A 165 -0.10 -1.57 52.05
N GLN A 166 -1.03 -1.84 51.15
CA GLN A 166 -2.34 -2.31 51.58
C GLN A 166 -2.92 -3.24 50.52
N LYS A 167 -4.21 -3.55 50.69
CA LYS A 167 -4.94 -4.48 49.86
C LYS A 167 -6.42 -4.35 50.21
N VAL A 168 -7.25 -4.10 49.21
CA VAL A 168 -8.68 -3.96 49.41
C VAL A 168 -9.38 -5.12 48.73
N THR A 169 -10.25 -5.81 49.47
CA THR A 169 -11.02 -6.92 48.95
C THR A 169 -12.50 -6.54 49.00
N TYR A 170 -13.11 -6.40 47.83
CA TYR A 170 -14.52 -6.05 47.69
C TYR A 170 -15.32 -7.32 47.43
N LEU A 171 -16.45 -7.43 48.12
CA LEU A 171 -17.35 -8.56 47.90
C LEU A 171 -18.24 -8.27 46.69
N VAL A 172 -18.13 -9.09 45.66
CA VAL A 172 -19.06 -8.98 44.55
C VAL A 172 -20.38 -9.65 44.88
N HIS A 173 -20.33 -10.91 45.31
CA HIS A 173 -21.53 -11.61 45.75
C HIS A 173 -21.14 -12.90 46.44
N ASN A 174 -21.87 -13.23 47.50
CA ASN A 174 -21.79 -14.53 48.14
C ASN A 174 -22.91 -15.40 47.58
N PHE A 175 -22.55 -16.35 46.73
CA PHE A 175 -23.52 -17.28 46.18
C PHE A 175 -23.90 -18.30 47.25
N GLU A 176 -25.18 -18.33 47.64
CA GLU A 176 -25.63 -19.27 48.65
C GLU A 176 -26.55 -20.37 48.12
N GLU A 177 -27.16 -20.19 46.95
CA GLU A 177 -28.05 -21.19 46.36
C GLU A 177 -27.63 -21.40 44.91
N GLY A 178 -26.77 -22.39 44.68
CA GLY A 178 -26.35 -22.70 43.33
C GLY A 178 -25.29 -21.75 42.81
N GLY A 179 -25.10 -21.81 41.49
CA GLY A 179 -24.08 -21.01 40.85
C GLY A 179 -24.63 -19.88 40.00
N GLY A 180 -23.89 -19.50 38.96
CA GLY A 180 -24.25 -18.38 38.13
C GLY A 180 -23.08 -17.86 37.33
N VAL A 181 -22.96 -16.54 37.22
CA VAL A 181 -21.92 -15.90 36.44
C VAL A 181 -21.41 -14.68 37.19
N ALA A 182 -20.21 -14.25 36.81
CA ALA A 182 -19.60 -13.05 37.38
C ALA A 182 -18.58 -12.51 36.38
N MET A 183 -18.22 -11.25 36.55
CA MET A 183 -17.27 -10.62 35.64
C MET A 183 -16.59 -9.44 36.32
N GLY A 184 -15.37 -9.17 35.91
CA GLY A 184 -14.66 -7.96 36.29
C GLY A 184 -14.33 -7.15 35.06
N MET A 185 -14.46 -5.83 35.17
CA MET A 185 -14.14 -4.93 34.08
C MET A 185 -13.39 -3.73 34.64
N TYR A 186 -12.75 -2.98 33.75
CA TYR A 186 -11.82 -1.94 34.16
C TYR A 186 -11.71 -0.89 33.08
N ASN A 187 -11.20 0.27 33.48
CA ASN A 187 -10.78 1.33 32.58
C ASN A 187 -9.54 1.98 33.16
N GLN A 188 -8.56 2.26 32.30
CA GLN A 188 -7.40 3.04 32.70
C GLN A 188 -7.70 4.52 32.50
N ASP A 189 -7.14 5.35 33.39
CA ASP A 189 -7.34 6.80 33.31
C ASP A 189 -7.03 7.32 31.92
N LYS A 190 -5.90 6.87 31.35
CA LYS A 190 -5.46 7.34 30.05
C LYS A 190 -6.54 7.16 28.98
N SER A 191 -7.23 6.02 29.00
CA SER A 191 -8.30 5.79 28.04
C SER A 191 -9.47 6.74 28.28
N ILE A 192 -9.76 7.02 29.56
CA ILE A 192 -10.78 8.02 29.90
C ILE A 192 -10.33 9.40 29.43
N GLU A 193 -9.05 9.72 29.64
CA GLU A 193 -8.53 11.02 29.23
C GLU A 193 -8.60 11.20 27.71
N ASP A 194 -8.21 10.16 26.96
CA ASP A 194 -8.33 10.21 25.51
C ASP A 194 -9.77 10.45 25.08
N PHE A 195 -10.72 9.77 25.73
CA PHE A 195 -12.13 9.96 25.45
C PHE A 195 -12.54 11.42 25.65
N ALA A 196 -12.02 12.04 26.71
CA ALA A 196 -12.32 13.45 26.94
C ALA A 196 -11.75 14.33 25.84
N HIS A 197 -10.46 14.16 25.53
CA HIS A 197 -9.81 15.02 24.54
C HIS A 197 -10.48 14.92 23.18
N SER A 198 -10.75 13.69 22.72
CA SER A 198 -11.47 13.52 21.46
C SER A 198 -12.82 14.22 21.51
N SER A 199 -13.53 14.10 22.63
CA SER A 199 -14.85 14.72 22.76
C SER A 199 -14.74 16.25 22.71
N PHE A 200 -13.78 16.80 23.44
CA PHE A 200 -13.58 18.25 23.42
C PHE A 200 -13.12 18.73 22.06
N GLN A 201 -12.19 17.99 21.43
CA GLN A 201 -11.74 18.37 20.09
C GLN A 201 -12.88 18.32 19.09
N MET A 202 -13.78 17.34 19.24
CA MET A 202 -14.92 17.23 18.34
C MET A 202 -15.86 18.42 18.50
N ALA A 203 -16.11 18.85 19.74
CA ALA A 203 -17.01 19.97 19.96
C ALA A 203 -16.43 21.27 19.40
N LEU A 204 -15.13 21.49 19.61
CA LEU A 204 -14.50 22.70 19.11
C LEU A 204 -14.44 22.71 17.58
N SER A 205 -14.20 21.54 16.97
CA SER A 205 -14.17 21.45 15.52
C SER A 205 -15.54 21.75 14.92
N LYS A 206 -16.60 21.25 15.55
CA LYS A 206 -17.95 21.45 15.06
C LYS A 206 -18.58 22.76 15.54
N GLY A 207 -18.04 23.38 16.59
CA GLY A 207 -18.64 24.57 17.14
C GLY A 207 -19.97 24.31 17.83
N TRP A 208 -20.13 23.15 18.46
CA TRP A 208 -21.36 22.76 19.13
C TRP A 208 -21.09 22.42 20.59
N PRO A 209 -22.08 22.59 21.47
CA PRO A 209 -21.89 22.22 22.87
C PRO A 209 -21.74 20.72 23.04
N LEU A 210 -21.20 20.33 24.19
CA LEU A 210 -20.87 18.94 24.48
C LEU A 210 -21.51 18.51 25.78
N TYR A 211 -22.11 17.32 25.78
CA TYR A 211 -22.67 16.71 26.97
C TYR A 211 -22.09 15.32 27.17
N LEU A 212 -21.73 15.01 28.41
CA LEU A 212 -21.32 13.67 28.82
C LEU A 212 -22.40 13.07 29.69
N SER A 213 -22.88 11.89 29.32
CA SER A 213 -23.87 11.17 30.11
C SER A 213 -23.21 9.99 30.82
N THR A 214 -23.54 9.84 32.11
CA THR A 214 -23.09 8.70 32.90
C THR A 214 -24.24 8.22 33.78
N LYS A 215 -23.99 7.12 34.48
CA LYS A 215 -24.87 6.63 35.54
C LYS A 215 -24.16 6.76 36.88
N ASN A 216 -23.66 7.96 37.17
CA ASN A 216 -22.88 8.17 38.39
C ASN A 216 -23.73 8.18 39.64
N THR A 217 -25.06 8.13 39.52
CA THR A 217 -25.90 7.88 40.69
C THR A 217 -25.75 6.45 41.17
N ILE A 218 -25.47 5.53 40.26
CA ILE A 218 -25.36 4.10 40.56
C ILE A 218 -23.90 3.68 40.63
N LEU A 219 -23.15 3.88 39.54
CA LEU A 219 -21.72 3.61 39.51
C LEU A 219 -20.97 4.86 39.98
N LYS A 220 -21.08 5.11 41.29
CA LYS A 220 -20.58 6.36 41.86
C LYS A 220 -19.07 6.50 41.66
N LYS A 221 -18.34 5.40 41.77
CA LYS A 221 -16.89 5.45 41.59
C LYS A 221 -16.50 5.32 40.13
N TYR A 222 -17.03 4.29 39.46
CA TYR A 222 -16.66 4.03 38.07
C TYR A 222 -17.02 5.18 37.16
N ASP A 223 -18.29 5.61 37.19
CA ASP A 223 -18.73 6.68 36.30
C ASP A 223 -18.34 8.06 36.81
N GLY A 224 -18.20 8.22 38.13
CA GLY A 224 -17.72 9.50 38.65
C GLY A 224 -16.34 9.85 38.16
N ARG A 225 -15.50 8.84 37.92
CA ARG A 225 -14.17 9.07 37.37
C ARG A 225 -14.26 9.67 35.98
N PHE A 226 -15.24 9.23 35.18
CA PHE A 226 -15.43 9.83 33.86
C PHE A 226 -15.82 11.29 33.99
N LYS A 227 -16.75 11.58 34.91
CA LYS A 227 -17.18 12.95 35.14
C LYS A 227 -16.04 13.81 35.67
N ASP A 228 -15.26 13.27 36.61
CA ASP A 228 -14.16 14.04 37.19
C ASP A 228 -13.08 14.33 36.16
N ILE A 229 -12.73 13.34 35.33
CA ILE A 229 -11.65 13.54 34.39
C ILE A 229 -12.08 14.45 33.24
N PHE A 230 -13.34 14.36 32.83
CA PHE A 230 -13.85 15.30 31.83
C PHE A 230 -13.82 16.73 32.35
N GLN A 231 -14.34 16.95 33.56
CA GLN A 231 -14.36 18.29 34.13
C GLN A 231 -12.94 18.83 34.34
N GLU A 232 -12.04 17.97 34.83
CA GLU A 232 -10.67 18.39 35.08
C GLU A 232 -9.99 18.83 33.80
N ILE A 233 -10.08 18.02 32.74
CA ILE A 233 -9.44 18.36 31.48
C ILE A 233 -10.10 19.58 30.85
N TYR A 234 -11.43 19.68 30.95
CA TYR A 234 -12.13 20.85 30.44
C TYR A 234 -11.62 22.13 31.10
N ASP A 235 -11.58 22.14 32.43
CA ASP A 235 -11.24 23.36 33.15
C ASP A 235 -9.85 23.85 32.80
N LYS A 236 -8.89 22.94 32.64
CA LYS A 236 -7.51 23.35 32.43
C LYS A 236 -7.15 23.56 30.96
N GLN A 237 -7.83 22.91 30.02
CA GLN A 237 -7.33 22.87 28.65
C GLN A 237 -8.30 23.31 27.56
N TYR A 238 -9.61 23.38 27.83
CA TYR A 238 -10.54 23.72 26.77
C TYR A 238 -11.58 24.79 27.13
N LYS A 239 -11.69 25.18 28.41
CA LYS A 239 -12.78 26.06 28.81
C LYS A 239 -12.74 27.39 28.08
N SER A 240 -11.54 27.97 27.93
CA SER A 240 -11.44 29.26 27.24
C SER A 240 -11.72 29.11 25.75
N GLN A 241 -11.24 28.02 25.14
CA GLN A 241 -11.54 27.78 23.73
C GLN A 241 -13.03 27.56 23.51
N PHE A 242 -13.72 26.97 24.49
CA PHE A 242 -15.17 26.80 24.38
C PHE A 242 -15.88 28.14 24.50
N GLU A 243 -15.48 28.97 25.47
CA GLU A 243 -16.10 30.27 25.66
C GLU A 243 -15.87 31.17 24.45
N ALA A 244 -14.74 31.00 23.76
CA ALA A 244 -14.46 31.83 22.59
C ALA A 244 -15.44 31.53 21.46
N GLN A 245 -15.87 30.28 21.34
CA GLN A 245 -16.88 29.90 20.36
C GLN A 245 -18.28 29.91 20.94
N LYS A 246 -18.44 30.36 22.19
CA LYS A 246 -19.74 30.42 22.87
C LYS A 246 -20.41 29.05 22.92
N ILE A 247 -19.60 28.01 23.11
CA ILE A 247 -20.14 26.68 23.39
C ILE A 247 -19.82 26.33 24.84
N TRP A 248 -20.27 25.17 25.30
CA TRP A 248 -20.13 24.80 26.70
C TRP A 248 -20.09 23.29 26.83
N TYR A 249 -19.67 22.83 28.01
CA TYR A 249 -19.64 21.41 28.35
C TYR A 249 -20.38 21.18 29.67
N GLU A 250 -21.17 20.11 29.73
CA GLU A 250 -21.90 19.76 30.93
C GLU A 250 -22.06 18.25 31.05
N HIS A 251 -21.99 17.76 32.29
CA HIS A 251 -22.31 16.37 32.58
C HIS A 251 -23.81 16.21 32.80
N ARG A 252 -24.34 15.04 32.42
CA ARG A 252 -25.73 14.73 32.60
C ARG A 252 -25.87 13.29 33.05
N LEU A 253 -26.72 13.05 34.04
CA LEU A 253 -27.17 11.68 34.30
C LEU A 253 -27.90 11.19 33.05
N ILE A 254 -27.67 9.91 32.71
CA ILE A 254 -28.20 9.39 31.44
C ILE A 254 -29.72 9.55 31.39
N ASP A 255 -30.39 9.32 32.52
CA ASP A 255 -31.84 9.51 32.58
C ASP A 255 -32.23 10.90 32.08
N ASP A 256 -31.62 11.94 32.63
CA ASP A 256 -31.96 13.30 32.25
C ASP A 256 -31.51 13.62 30.83
N MET A 257 -30.39 13.04 30.39
CA MET A 257 -29.90 13.32 29.05
C MET A 257 -30.88 12.80 28.00
N VAL A 258 -31.44 11.61 28.23
CA VAL A 258 -32.39 11.04 27.28
C VAL A 258 -33.60 11.94 27.12
N ALA A 259 -34.12 12.46 28.23
CA ALA A 259 -35.26 13.37 28.16
C ALA A 259 -34.88 14.71 27.53
N GLN A 260 -33.73 15.25 27.93
CA GLN A 260 -33.26 16.51 27.35
C GLN A 260 -33.06 16.38 25.84
N ALA A 261 -32.53 15.24 25.39
CA ALA A 261 -32.27 15.06 23.96
C ALA A 261 -33.57 14.95 23.17
N MET A 262 -34.55 14.22 23.70
CA MET A 262 -35.81 14.04 22.99
C MET A 262 -36.62 15.34 22.91
N LYS A 263 -36.35 16.30 23.78
CA LYS A 263 -36.99 17.61 23.73
C LYS A 263 -36.09 18.67 23.10
N SER A 264 -34.92 18.27 22.59
CA SER A 264 -33.99 19.17 21.93
C SER A 264 -34.27 19.22 20.43
N GLU A 265 -33.83 20.30 19.80
CA GLU A 265 -33.86 20.42 18.35
C GLU A 265 -32.59 19.88 17.69
N GLY A 266 -31.66 19.36 18.47
CA GLY A 266 -30.41 18.86 17.94
C GLY A 266 -29.30 19.90 18.00
N GLY A 267 -28.24 19.60 17.27
CA GLY A 267 -27.08 20.49 17.23
C GLY A 267 -26.21 20.44 18.46
N PHE A 268 -25.90 19.25 18.97
CA PHE A 268 -25.00 19.09 20.10
C PHE A 268 -24.22 17.79 19.96
N ILE A 269 -23.10 17.71 20.67
CA ILE A 269 -22.32 16.49 20.79
C ILE A 269 -22.75 15.76 22.06
N TRP A 270 -22.85 14.44 21.98
CA TRP A 270 -23.27 13.60 23.09
C TRP A 270 -22.22 12.51 23.27
N ALA A 271 -21.35 12.69 24.25
CA ALA A 271 -20.38 11.66 24.64
C ALA A 271 -21.06 10.74 25.65
N CYS A 272 -21.12 9.45 25.33
CA CYS A 272 -21.88 8.48 26.09
CA CYS A 272 -21.89 8.47 26.08
C CYS A 272 -20.94 7.51 26.80
N LYS A 273 -21.08 7.43 28.12
CA LYS A 273 -20.39 6.41 28.91
C LYS A 273 -21.45 5.36 29.27
N ASN A 274 -21.32 4.17 28.69
CA ASN A 274 -22.19 3.05 29.02
C ASN A 274 -21.43 2.01 29.84
N GLN A 280 -25.22 0.79 19.93
CA GLN A 280 -24.66 1.95 19.26
C GLN A 280 -25.64 2.46 18.20
N SER A 281 -25.36 3.66 17.69
CA SER A 281 -26.37 4.40 16.93
C SER A 281 -26.74 3.71 15.63
N ASP A 282 -25.80 2.99 15.02
CA ASP A 282 -26.05 2.45 13.69
C ASP A 282 -27.17 1.42 13.70
N SER A 283 -27.41 0.75 14.84
CA SER A 283 -28.49 -0.24 14.89
C SER A 283 -29.85 0.43 14.86
N VAL A 284 -29.98 1.61 15.46
CA VAL A 284 -31.24 2.33 15.43
C VAL A 284 -31.50 2.89 14.04
N ALA A 285 -30.46 3.42 13.38
CA ALA A 285 -30.60 3.87 12.01
C ALA A 285 -31.03 2.72 11.10
N GLN A 286 -30.48 1.53 11.32
CA GLN A 286 -30.87 0.36 10.53
C GLN A 286 -32.34 0.03 10.73
N GLY A 287 -32.80 0.04 11.98
CA GLY A 287 -34.21 -0.17 12.23
C GLY A 287 -35.07 0.91 11.62
N TYR A 288 -34.62 2.16 11.69
CA TYR A 288 -35.36 3.27 11.09
C TYR A 288 -35.22 3.31 9.58
N GLY A 289 -34.27 2.58 9.01
CA GLY A 289 -34.04 2.64 7.58
C GLY A 289 -33.27 3.87 7.13
N SER A 290 -32.37 4.39 7.97
CA SER A 290 -31.61 5.59 7.66
C SER A 290 -30.11 5.36 7.72
N LEU A 291 -29.67 4.10 7.56
CA LEU A 291 -28.24 3.79 7.66
C LEU A 291 -27.45 4.48 6.56
N GLY A 292 -28.03 4.58 5.37
CA GLY A 292 -27.38 5.28 4.27
C GLY A 292 -27.22 6.76 4.45
N MET A 293 -27.80 7.34 5.50
CA MET A 293 -27.65 8.76 5.81
C MET A 293 -26.86 8.99 7.09
N MET A 294 -26.18 7.97 7.61
CA MET A 294 -25.42 8.08 8.84
C MET A 294 -23.94 7.93 8.55
N THR A 295 -23.18 8.99 8.85
CA THR A 295 -21.74 9.00 8.70
C THR A 295 -21.07 8.70 10.03
N SER A 296 -19.80 8.31 9.96
CA SER A 296 -19.02 7.94 11.13
C SER A 296 -17.61 8.49 10.97
N VAL A 297 -17.02 8.92 12.09
CA VAL A 297 -15.68 9.48 12.09
C VAL A 297 -14.99 9.12 13.40
N LEU A 298 -13.79 8.54 13.30
CA LEU A 298 -12.96 8.23 14.44
C LEU A 298 -12.05 9.42 14.73
N VAL A 299 -12.14 9.95 15.93
CA VAL A 299 -11.44 11.18 16.31
C VAL A 299 -10.35 10.83 17.32
N CYS A 300 -9.10 10.98 16.91
CA CYS A 300 -8.00 10.72 17.81
C CYS A 300 -7.81 11.89 18.78
N PRO A 301 -7.34 11.61 20.00
CA PRO A 301 -7.28 12.67 21.01
C PRO A 301 -6.29 13.78 20.69
N ASP A 302 -5.38 13.57 19.74
CA ASP A 302 -4.43 14.63 19.40
C ASP A 302 -5.06 15.78 18.63
N GLY A 303 -6.31 15.63 18.19
CA GLY A 303 -6.94 16.65 17.37
C GLY A 303 -6.43 16.76 15.94
N LYS A 304 -5.47 15.91 15.55
CA LYS A 304 -4.88 15.96 14.22
C LYS A 304 -5.33 14.83 13.31
N THR A 305 -5.53 13.63 13.84
CA THR A 305 -5.77 12.44 13.03
C THR A 305 -7.24 12.05 13.05
N VAL A 306 -7.78 11.79 11.86
CA VAL A 306 -9.20 11.52 11.65
C VAL A 306 -9.32 10.38 10.64
N GLU A 307 -10.29 9.49 10.85
CA GLU A 307 -10.62 8.44 9.89
C GLU A 307 -12.12 8.45 9.67
N ALA A 308 -12.54 8.78 8.44
CA ALA A 308 -13.94 8.95 8.10
C ALA A 308 -14.44 7.75 7.30
N GLU A 309 -15.71 7.40 7.53
CA GLU A 309 -16.32 6.27 6.86
C GLU A 309 -17.83 6.38 7.02
N ALA A 310 -18.54 5.55 6.26
CA ALA A 310 -19.97 5.38 6.45
C ALA A 310 -20.21 4.50 7.67
N ALA A 311 -21.35 4.72 8.33
CA ALA A 311 -21.68 3.92 9.50
C ALA A 311 -22.16 2.52 9.13
N HIS A 312 -22.57 2.29 7.89
CA HIS A 312 -23.12 1.01 7.46
C HIS A 312 -22.03 0.13 6.89
N GLY A 313 -22.41 -1.12 6.60
CA GLY A 313 -21.52 -2.10 6.03
C GLY A 313 -21.51 -2.09 4.51
N THR A 314 -21.13 -3.23 3.94
CA THR A 314 -20.98 -3.35 2.49
C THR A 314 -22.32 -3.54 1.77
N VAL A 315 -23.43 -3.65 2.50
CA VAL A 315 -24.76 -3.85 1.94
C VAL A 315 -24.74 -5.09 1.05
N THR A 316 -24.46 -6.24 1.65
CA THR A 316 -24.37 -7.49 0.89
C THR A 316 -25.67 -7.82 0.16
N ARG A 317 -26.81 -7.56 0.81
CA ARG A 317 -28.09 -7.94 0.22
C ARG A 317 -28.35 -7.19 -1.08
N HIS A 318 -27.99 -5.91 -1.14
CA HIS A 318 -28.10 -5.17 -2.39
C HIS A 318 -27.08 -5.66 -3.40
N TYR A 319 -25.91 -6.09 -2.92
CA TYR A 319 -24.86 -6.53 -3.83
C TYR A 319 -25.24 -7.82 -4.53
N ARG A 320 -25.90 -8.74 -3.82
CA ARG A 320 -26.38 -9.97 -4.44
C ARG A 320 -27.39 -9.66 -5.54
N MET A 321 -28.35 -8.77 -5.25
CA MET A 321 -29.31 -8.35 -6.27
C MET A 321 -28.59 -7.74 -7.47
N TYR A 322 -27.55 -6.93 -7.22
CA TYR A 322 -26.75 -6.39 -8.30
C TYR A 322 -26.04 -7.50 -9.08
N GLN A 323 -25.49 -8.48 -8.36
CA GLN A 323 -24.79 -9.57 -9.02
C GLN A 323 -25.72 -10.37 -9.92
N LYS A 324 -26.96 -10.58 -9.49
CA LYS A 324 -27.92 -11.36 -10.26
C LYS A 324 -28.53 -10.58 -11.41
N GLY A 325 -28.20 -9.30 -11.57
CA GLY A 325 -28.67 -8.47 -12.67
C GLY A 325 -29.76 -7.50 -12.27
N GLN A 326 -30.49 -7.80 -11.19
CA GLN A 326 -31.58 -6.95 -10.74
C GLN A 326 -31.06 -5.54 -10.41
N GLU A 327 -32.00 -4.59 -10.34
CA GLU A 327 -31.64 -3.19 -10.15
C GLU A 327 -31.59 -2.83 -8.67
N THR A 328 -30.66 -1.93 -8.34
CA THR A 328 -30.31 -1.60 -6.97
C THR A 328 -30.53 -0.11 -6.72
N SER A 329 -31.04 0.23 -5.55
CA SER A 329 -31.17 1.60 -5.09
C SER A 329 -30.48 1.72 -3.73
N THR A 330 -29.16 1.63 -3.74
CA THR A 330 -28.36 1.74 -2.53
C THR A 330 -27.96 3.20 -2.30
N ASN A 331 -28.10 3.66 -1.06
CA ASN A 331 -27.87 5.07 -0.74
C ASN A 331 -26.39 5.36 -0.65
N PRO A 332 -25.87 6.31 -1.43
CA PRO A 332 -24.42 6.61 -1.40
C PRO A 332 -24.02 7.80 -0.54
N ILE A 333 -24.97 8.45 0.14
CA ILE A 333 -24.68 9.72 0.81
C ILE A 333 -23.67 9.53 1.93
N ALA A 334 -23.88 8.52 2.78
CA ALA A 334 -22.95 8.29 3.88
C ALA A 334 -21.53 8.03 3.38
N SER A 335 -21.41 7.25 2.29
CA SER A 335 -20.10 7.05 1.68
C SER A 335 -19.55 8.36 1.14
N ILE A 336 -20.41 9.20 0.55
CA ILE A 336 -19.97 10.49 0.03
C ILE A 336 -19.48 11.38 1.17
N PHE A 337 -20.23 11.41 2.28
CA PHE A 337 -19.85 12.25 3.40
C PHE A 337 -18.57 11.77 4.08
N ALA A 338 -18.20 10.50 3.89
CA ALA A 338 -16.88 10.07 4.34
C ALA A 338 -15.79 10.84 3.61
N TRP A 339 -15.98 11.09 2.32
CA TRP A 339 -14.99 11.85 1.56
C TRP A 339 -15.00 13.33 1.95
N THR A 340 -16.21 13.92 2.05
CA THR A 340 -16.28 15.33 2.38
C THR A 340 -15.68 15.63 3.75
N ARG A 341 -16.00 14.80 4.75
CA ARG A 341 -15.44 15.01 6.08
C ARG A 341 -13.94 14.83 6.09
N GLY A 342 -13.43 13.81 5.39
CA GLY A 342 -12.00 13.65 5.29
C GLY A 342 -11.32 14.82 4.61
N LEU A 343 -11.85 15.22 3.44
CA LEU A 343 -11.26 16.34 2.71
C LEU A 343 -11.39 17.64 3.49
N ALA A 344 -12.54 17.84 4.16
CA ALA A 344 -12.71 19.04 4.97
C ALA A 344 -11.68 19.09 6.09
N HIS A 345 -11.38 17.94 6.71
CA HIS A 345 -10.36 17.92 7.75
C HIS A 345 -8.98 18.09 7.15
N ARG A 346 -8.73 17.50 5.98
CA ARG A 346 -7.48 17.74 5.27
C ARG A 346 -7.31 19.23 4.98
N ALA A 347 -8.39 19.90 4.57
CA ALA A 347 -8.31 21.33 4.28
C ALA A 347 -8.02 22.14 5.53
N LYS A 348 -8.60 21.75 6.67
CA LYS A 348 -8.37 22.48 7.92
C LYS A 348 -6.92 22.37 8.35
N LEU A 349 -6.31 21.19 8.20
CA LEU A 349 -4.90 21.03 8.56
C LEU A 349 -3.99 21.82 7.63
N ASP A 350 -4.42 22.06 6.39
CA ASP A 350 -3.58 22.66 5.37
C ASP A 350 -3.95 24.11 5.04
N ASN A 351 -4.99 24.66 5.66
CA ASN A 351 -5.53 25.98 5.30
C ASN A 351 -5.86 26.03 3.81
N ASN A 352 -6.55 25.00 3.33
CA ASN A 352 -6.89 24.89 1.91
C ASN A 352 -8.32 25.37 1.73
N LYS A 353 -8.47 26.65 1.41
CA LYS A 353 -9.81 27.22 1.27
C LYS A 353 -10.54 26.62 0.08
N GLU A 354 -9.83 26.32 -1.01
CA GLU A 354 -10.47 25.74 -2.17
C GLU A 354 -10.98 24.33 -1.88
N LEU A 355 -10.19 23.52 -1.16
CA LEU A 355 -10.64 22.19 -0.78
C LEU A 355 -11.77 22.26 0.22
N ALA A 356 -11.64 23.12 1.23
CA ALA A 356 -12.71 23.31 2.20
C ALA A 356 -14.01 23.70 1.52
N PHE A 357 -13.92 24.60 0.53
CA PHE A 357 -15.11 24.99 -0.22
C PHE A 357 -15.71 23.80 -0.96
N PHE A 358 -14.87 23.02 -1.63
CA PHE A 358 -15.37 21.89 -2.40
C PHE A 358 -16.07 20.87 -1.51
N ALA A 359 -15.48 20.56 -0.36
CA ALA A 359 -16.08 19.56 0.53
C ALA A 359 -17.46 19.98 0.99
N ASN A 360 -17.60 21.23 1.44
CA ASN A 360 -18.90 21.72 1.87
C ASN A 360 -19.90 21.72 0.72
N ALA A 361 -19.47 22.16 -0.46
CA ALA A 361 -20.38 22.20 -1.61
C ALA A 361 -20.93 20.82 -1.92
N LEU A 362 -20.10 19.79 -1.81
CA LEU A 362 -20.56 18.43 -2.10
C LEU A 362 -21.61 17.98 -1.09
N GLU A 363 -21.48 18.40 0.17
CA GLU A 363 -22.50 18.09 1.17
C GLU A 363 -23.80 18.82 0.84
N GLU A 364 -23.71 20.12 0.50
CA GLU A 364 -24.89 20.88 0.13
C GLU A 364 -25.60 20.26 -1.07
N VAL A 365 -24.83 19.92 -2.10
CA VAL A 365 -25.39 19.31 -3.31
C VAL A 365 -26.15 18.04 -2.95
N SER A 366 -25.57 17.23 -2.06
CA SER A 366 -26.22 15.97 -1.66
C SER A 366 -27.57 16.24 -1.01
N ILE A 367 -27.64 17.25 -0.15
CA ILE A 367 -28.87 17.52 0.57
C ILE A 367 -29.89 18.23 -0.32
N GLU A 368 -29.42 19.18 -1.15
CA GLU A 368 -30.32 19.85 -2.07
C GLU A 368 -30.96 18.88 -3.04
N THR A 369 -30.19 17.91 -3.52
CA THR A 369 -30.71 16.92 -4.46
C THR A 369 -31.85 16.13 -3.84
N ILE A 370 -31.67 15.69 -2.60
CA ILE A 370 -32.71 14.93 -1.90
C ILE A 370 -33.92 15.82 -1.62
N GLU A 371 -33.67 17.07 -1.22
CA GLU A 371 -34.76 17.98 -0.89
C GLU A 371 -35.51 18.46 -2.13
N ALA A 372 -34.93 18.31 -3.31
CA ALA A 372 -35.65 18.56 -4.56
C ALA A 372 -36.47 17.36 -5.02
N GLY A 373 -36.45 16.26 -4.28
CA GLY A 373 -37.27 15.11 -4.59
C GLY A 373 -36.56 13.95 -5.29
N PHE A 374 -35.25 14.05 -5.51
CA PHE A 374 -34.48 12.99 -6.15
C PHE A 374 -33.73 12.23 -5.07
N MET A 375 -34.07 10.95 -4.89
CA MET A 375 -33.58 10.18 -3.75
C MET A 375 -33.59 8.70 -4.09
N THR A 376 -32.92 7.93 -3.25
CA THR A 376 -32.91 6.48 -3.37
C THR A 376 -34.11 5.88 -2.64
N LYS A 377 -34.29 4.57 -2.81
CA LYS A 377 -35.51 3.91 -2.34
C LYS A 377 -35.67 4.02 -0.84
N ASP A 378 -34.56 3.90 -0.09
CA ASP A 378 -34.64 3.99 1.37
C ASP A 378 -35.24 5.32 1.80
N LEU A 379 -34.81 6.42 1.18
CA LEU A 379 -35.32 7.74 1.54
C LEU A 379 -36.79 7.88 1.20
N ALA A 380 -37.20 7.37 0.03
CA ALA A 380 -38.61 7.43 -0.35
C ALA A 380 -39.46 6.61 0.62
N ALA A 381 -38.96 5.45 1.04
CA ALA A 381 -39.68 4.65 2.03
C ALA A 381 -39.78 5.37 3.37
N CYS A 382 -38.78 6.19 3.71
CA CYS A 382 -38.83 6.95 4.96
C CYS A 382 -39.93 8.01 4.91
N ILE A 383 -40.22 8.55 3.72
CA ILE A 383 -41.29 9.52 3.58
C ILE A 383 -42.65 8.83 3.57
N LYS A 384 -42.83 7.90 2.64
CA LYS A 384 -44.14 7.34 2.34
C LYS A 384 -44.44 6.05 3.08
N GLY A 385 -43.42 5.27 3.43
CA GLY A 385 -43.63 3.92 3.89
C GLY A 385 -43.42 2.96 2.73
N LEU A 386 -42.60 1.93 2.94
CA LEU A 386 -42.26 1.01 1.85
C LEU A 386 -43.46 0.37 1.17
N PRO A 387 -44.51 -0.08 1.87
CA PRO A 387 -45.68 -0.63 1.16
C PRO A 387 -46.42 0.38 0.28
N ASN A 388 -45.94 1.62 0.19
CA ASN A 388 -46.55 2.63 -0.66
C ASN A 388 -45.54 3.20 -1.65
N VAL A 389 -44.35 2.63 -1.73
CA VAL A 389 -43.29 3.11 -2.61
C VAL A 389 -43.45 2.46 -3.97
N GLN A 390 -43.76 3.27 -4.97
CA GLN A 390 -43.74 2.85 -6.36
C GLN A 390 -42.40 3.22 -6.98
N ARG A 391 -42.09 2.60 -8.12
CA ARG A 391 -40.74 2.72 -8.67
C ARG A 391 -40.42 4.16 -9.09
N SER A 392 -41.42 4.92 -9.52
CA SER A 392 -41.12 6.30 -9.88
C SER A 392 -40.90 7.21 -8.67
N ASP A 393 -41.10 6.70 -7.45
CA ASP A 393 -40.84 7.50 -6.27
C ASP A 393 -39.35 7.66 -6.00
N TYR A 394 -38.51 6.82 -6.59
CA TYR A 394 -37.09 6.81 -6.27
C TYR A 394 -36.26 6.57 -7.53
N LEU A 395 -34.97 6.87 -7.40
CA LEU A 395 -33.97 6.59 -8.42
C LEU A 395 -33.17 5.38 -7.99
N ASN A 396 -32.62 4.67 -8.97
CA ASN A 396 -31.69 3.60 -8.62
C ASN A 396 -30.30 4.21 -8.39
N THR A 397 -29.40 3.37 -7.86
CA THR A 397 -28.10 3.86 -7.40
C THR A 397 -27.40 4.71 -8.44
N PHE A 398 -27.41 4.27 -9.69
CA PHE A 398 -26.62 4.93 -10.73
C PHE A 398 -27.29 6.20 -11.23
N GLU A 399 -28.62 6.20 -11.33
CA GLU A 399 -29.33 7.43 -11.67
C GLU A 399 -29.04 8.52 -10.64
N PHE A 400 -29.18 8.16 -9.35
CA PHE A 400 -28.93 9.12 -8.27
C PHE A 400 -27.53 9.71 -8.35
N MET A 401 -26.53 8.87 -8.64
CA MET A 401 -25.16 9.36 -8.75
C MET A 401 -25.01 10.33 -9.93
N ASP A 402 -25.56 9.97 -11.09
CA ASP A 402 -25.57 10.88 -12.23
C ASP A 402 -26.19 12.22 -11.85
N LYS A 403 -27.34 12.17 -11.17
CA LYS A 403 -28.02 13.40 -10.78
C LYS A 403 -27.18 14.24 -9.84
N LEU A 404 -26.54 13.60 -8.85
CA LEU A 404 -25.62 14.33 -7.98
C LEU A 404 -24.47 14.94 -8.78
N GLY A 405 -23.99 14.21 -9.79
CA GLY A 405 -22.91 14.74 -10.61
C GLY A 405 -23.34 15.96 -11.39
N GLU A 406 -24.51 15.89 -12.02
CA GLU A 406 -25.05 17.05 -12.74
C GLU A 406 -25.17 18.25 -11.81
N ASN A 407 -25.77 18.04 -10.63
CA ASN A 407 -25.96 19.13 -9.69
C ASN A 407 -24.64 19.61 -9.08
N LEU A 408 -23.68 18.71 -8.87
CA LEU A 408 -22.37 19.15 -8.39
C LEU A 408 -21.66 20.00 -9.43
N LYS A 409 -21.71 19.59 -10.70
CA LYS A 409 -21.11 20.36 -11.77
C LYS A 409 -21.70 21.77 -11.83
N ILE A 410 -23.02 21.88 -11.67
CA ILE A 410 -23.68 23.18 -11.71
C ILE A 410 -23.26 24.03 -10.53
N LYS A 411 -23.38 23.48 -9.32
CA LYS A 411 -23.04 24.21 -8.10
C LYS A 411 -21.61 24.76 -8.17
N LEU A 412 -20.66 23.91 -8.58
CA LEU A 412 -19.28 24.36 -8.69
C LEU A 412 -19.11 25.36 -9.83
N ALA A 413 -19.92 25.25 -10.88
CA ALA A 413 -19.84 26.22 -11.98
C ALA A 413 -20.38 27.57 -11.54
N GLN A 414 -21.49 27.58 -10.81
CA GLN A 414 -22.13 28.83 -10.40
C GLN A 414 -21.35 29.54 -9.30
N ALA A 415 -20.03 29.63 -9.44
CA ALA A 415 -19.19 30.27 -8.43
C ALA A 415 -17.87 30.76 -9.04
N LYS B 6 -74.95 -9.50 43.58
CA LYS B 6 -75.68 -8.86 42.49
C LYS B 6 -74.72 -8.11 41.58
N LYS B 7 -73.49 -7.91 42.05
CA LYS B 7 -72.40 -7.40 41.24
C LYS B 7 -71.54 -8.57 40.78
N ILE B 8 -70.41 -8.27 40.16
CA ILE B 8 -69.45 -9.30 39.79
C ILE B 8 -68.60 -9.64 41.01
N SER B 9 -68.47 -10.93 41.29
CA SER B 9 -67.64 -11.39 42.39
C SER B 9 -66.18 -11.31 41.96
N GLY B 10 -65.41 -10.43 42.60
CA GLY B 10 -64.03 -10.21 42.22
C GLY B 10 -63.03 -11.17 42.85
N GLY B 11 -63.17 -11.42 44.14
CA GLY B 11 -62.26 -12.30 44.83
C GLY B 11 -61.18 -11.58 45.61
N SER B 12 -60.14 -12.32 45.94
CA SER B 12 -59.09 -11.87 46.85
C SER B 12 -58.05 -11.04 46.08
N VAL B 13 -58.02 -9.74 46.38
CA VAL B 13 -57.05 -8.82 45.79
C VAL B 13 -56.44 -7.99 46.91
N VAL B 14 -55.11 -7.92 46.94
CA VAL B 14 -54.40 -7.06 47.89
C VAL B 14 -54.22 -5.69 47.23
N GLU B 15 -54.65 -4.65 47.92
CA GLU B 15 -54.51 -3.28 47.47
C GLU B 15 -53.35 -2.60 48.21
N MET B 16 -52.82 -1.55 47.59
CA MET B 16 -51.75 -0.75 48.19
C MET B 16 -51.99 0.72 47.84
N GLN B 17 -52.45 1.49 48.82
CA GLN B 17 -52.68 2.91 48.63
C GLN B 17 -51.35 3.67 48.67
N GLY B 18 -51.35 4.83 48.02
CA GLY B 18 -50.12 5.60 47.83
C GLY B 18 -50.21 7.08 48.13
N ASP B 19 -49.51 7.90 47.34
CA ASP B 19 -49.26 9.29 47.70
C ASP B 19 -49.68 10.25 46.58
N GLU B 20 -50.05 11.46 47.01
CA GLU B 20 -50.19 12.67 46.18
C GLU B 20 -51.15 12.43 45.01
N MET B 21 -50.77 12.78 43.77
CA MET B 21 -51.75 12.85 42.70
C MET B 21 -52.26 11.47 42.32
N THR B 22 -51.42 10.46 42.38
CA THR B 22 -51.86 9.11 42.07
C THR B 22 -52.91 8.63 43.08
N ARG B 23 -52.69 8.92 44.36
CA ARG B 23 -53.65 8.52 45.38
C ARG B 23 -55.02 9.14 45.12
N ILE B 24 -55.04 10.41 44.69
CA ILE B 24 -56.31 11.04 44.33
C ILE B 24 -56.95 10.32 43.16
N ILE B 25 -56.16 10.07 42.10
CA ILE B 25 -56.61 9.29 40.96
C ILE B 25 -57.10 7.92 41.43
N TRP B 26 -56.36 7.30 42.33
CA TRP B 26 -56.63 5.93 42.76
C TRP B 26 -58.04 5.78 43.31
N GLU B 27 -58.50 6.77 44.09
CA GLU B 27 -59.82 6.66 44.71
C GLU B 27 -60.94 6.85 43.68
N LEU B 28 -60.74 7.78 42.75
CA LEU B 28 -61.73 7.96 41.67
C LEU B 28 -61.91 6.68 40.87
N ILE B 29 -60.82 5.94 40.66
CA ILE B 29 -60.90 4.68 39.92
C ILE B 29 -61.78 3.69 40.66
N LYS B 30 -61.58 3.58 41.98
CA LYS B 30 -62.36 2.62 42.75
C LYS B 30 -63.82 3.03 42.87
N GLU B 31 -64.08 4.32 43.08
CA GLU B 31 -65.44 4.78 43.30
C GLU B 31 -66.25 4.74 42.01
N LYS B 32 -65.63 5.11 40.88
CA LYS B 32 -66.34 5.27 39.63
C LYS B 32 -66.25 4.05 38.71
N LEU B 33 -65.15 3.30 38.74
CA LEU B 33 -64.93 2.26 37.74
C LEU B 33 -64.95 0.85 38.29
N ILE B 34 -64.53 0.63 39.53
CA ILE B 34 -64.44 -0.72 40.09
C ILE B 34 -65.67 -1.04 40.92
N PHE B 35 -65.84 -0.32 42.03
CA PHE B 35 -66.85 -0.67 43.02
C PHE B 35 -68.28 -0.71 42.50
N PRO B 36 -68.74 0.18 41.62
CA PRO B 36 -70.14 0.07 41.16
C PRO B 36 -70.47 -1.21 40.43
N TYR B 37 -69.47 -1.99 40.01
CA TYR B 37 -69.70 -3.20 39.24
C TYR B 37 -69.05 -4.45 39.82
N VAL B 38 -68.04 -4.29 40.69
CA VAL B 38 -67.23 -5.40 41.17
C VAL B 38 -67.19 -5.33 42.69
N GLU B 39 -67.36 -6.48 43.34
CA GLU B 39 -67.15 -6.60 44.78
C GLU B 39 -66.00 -7.56 45.02
N LEU B 40 -64.98 -7.08 45.72
CA LEU B 40 -63.71 -7.77 45.88
C LEU B 40 -63.50 -8.13 47.34
N ASP B 41 -62.83 -9.26 47.56
CA ASP B 41 -62.23 -9.55 48.87
C ASP B 41 -60.97 -8.70 48.96
N LEU B 42 -61.18 -7.41 49.24
CA LEU B 42 -60.07 -6.47 49.31
C LEU B 42 -59.24 -6.70 50.57
N HIS B 43 -57.92 -6.61 50.43
CA HIS B 43 -56.98 -6.62 51.54
C HIS B 43 -56.14 -5.35 51.39
N SER B 44 -56.59 -4.27 52.02
CA SER B 44 -56.07 -2.94 51.76
C SER B 44 -54.96 -2.57 52.73
N TYR B 45 -53.88 -2.00 52.20
CA TYR B 45 -52.75 -1.54 52.98
C TYR B 45 -52.41 -0.12 52.55
N ASP B 46 -52.30 0.78 53.52
CA ASP B 46 -51.99 2.19 53.26
C ASP B 46 -50.48 2.37 53.32
N LEU B 47 -49.85 2.42 52.14
CA LEU B 47 -48.44 2.74 52.04
C LEU B 47 -48.22 4.22 51.74
N GLY B 48 -49.18 5.07 52.09
CA GLY B 48 -48.90 6.49 52.18
C GLY B 48 -47.78 6.73 53.18
N ILE B 49 -46.92 7.70 52.86
CA ILE B 49 -45.68 7.86 53.62
C ILE B 49 -45.96 8.26 55.06
N GLU B 50 -47.11 8.89 55.32
CA GLU B 50 -47.54 9.11 56.70
C GLU B 50 -47.68 7.78 57.42
N ASN B 51 -48.47 6.87 56.85
CA ASN B 51 -48.68 5.56 57.43
C ASN B 51 -47.44 4.69 57.39
N ARG B 52 -46.49 4.98 56.50
CA ARG B 52 -45.21 4.27 56.51
C ARG B 52 -44.34 4.74 57.66
N ASP B 53 -44.34 6.06 57.90
CA ASP B 53 -43.65 6.61 59.06
C ASP B 53 -44.29 6.13 60.36
N ALA B 54 -45.61 6.30 60.48
CA ALA B 54 -46.31 6.03 61.73
C ALA B 54 -46.32 4.54 62.07
N THR B 55 -46.08 3.66 61.10
CA THR B 55 -45.91 2.24 61.35
C THR B 55 -44.47 1.80 61.18
N ASN B 56 -43.53 2.75 61.09
CA ASN B 56 -42.11 2.45 60.88
C ASN B 56 -41.90 1.55 59.66
N ASP B 57 -42.69 1.81 58.62
CA ASP B 57 -42.58 1.10 57.34
C ASP B 57 -42.84 -0.40 57.49
N GLN B 58 -43.62 -0.77 58.51
CA GLN B 58 -44.02 -2.17 58.66
C GLN B 58 -45.21 -2.50 57.77
N VAL B 59 -46.09 -1.52 57.53
CA VAL B 59 -47.21 -1.70 56.61
C VAL B 59 -46.70 -2.10 55.23
N THR B 60 -45.51 -1.65 54.85
CA THR B 60 -44.93 -2.01 53.57
C THR B 60 -44.63 -3.51 53.50
N LYS B 61 -43.85 -4.01 54.47
CA LYS B 61 -43.52 -5.43 54.50
C LYS B 61 -44.76 -6.28 54.71
N ASP B 62 -45.72 -5.78 55.49
CA ASP B 62 -46.99 -6.48 55.67
C ASP B 62 -47.71 -6.64 54.34
N ALA B 63 -47.78 -5.57 53.55
CA ALA B 63 -48.47 -5.62 52.27
C ALA B 63 -47.83 -6.65 51.34
N ALA B 64 -46.53 -6.87 51.47
CA ALA B 64 -45.86 -7.79 50.55
C ALA B 64 -46.25 -9.25 50.83
N GLU B 65 -46.31 -9.64 52.10
CA GLU B 65 -46.66 -11.01 52.43
C GLU B 65 -48.09 -11.33 52.05
N ALA B 66 -49.00 -10.35 52.17
CA ALA B 66 -50.37 -10.56 51.74
C ALA B 66 -50.42 -10.86 50.24
N ILE B 67 -49.59 -10.18 49.45
CA ILE B 67 -49.50 -10.49 48.02
C ILE B 67 -49.07 -11.93 47.83
N LYS B 68 -48.01 -12.34 48.52
CA LYS B 68 -47.55 -13.73 48.44
C LYS B 68 -48.63 -14.70 48.90
N LYS B 69 -49.49 -14.27 49.82
CA LYS B 69 -50.56 -15.14 50.31
C LYS B 69 -51.70 -15.23 49.29
N HIS B 70 -52.11 -14.10 48.74
CA HIS B 70 -53.29 -14.04 47.88
C HIS B 70 -52.97 -13.99 46.39
N ASN B 71 -51.72 -13.74 46.01
CA ASN B 71 -51.14 -13.88 44.68
C ASN B 71 -51.47 -12.72 43.74
N VAL B 72 -52.30 -11.75 44.13
CA VAL B 72 -52.66 -10.63 43.27
C VAL B 72 -52.59 -9.34 44.08
N GLY B 73 -51.78 -8.40 43.61
CA GLY B 73 -51.71 -7.09 44.24
C GLY B 73 -51.71 -5.98 43.20
N VAL B 74 -52.34 -4.87 43.57
CA VAL B 74 -52.37 -3.66 42.75
C VAL B 74 -51.91 -2.49 43.63
N LYS B 75 -50.96 -1.70 43.12
CA LYS B 75 -50.27 -0.70 43.93
C LYS B 75 -50.35 0.68 43.30
N CYS B 76 -50.73 1.65 44.11
CA CYS B 76 -50.64 3.06 43.76
C CYS B 76 -49.20 3.55 43.93
N ALA B 77 -48.84 4.56 43.14
CA ALA B 77 -47.48 5.09 43.18
C ALA B 77 -47.15 5.65 44.56
N THR B 78 -45.92 5.40 45.02
CA THR B 78 -45.49 5.75 46.36
C THR B 78 -44.28 6.68 46.30
N ILE B 79 -44.23 7.62 47.25
CA ILE B 79 -43.09 8.51 47.37
C ILE B 79 -41.86 7.72 47.80
N THR B 80 -40.74 7.93 47.11
CA THR B 80 -39.48 7.38 47.60
C THR B 80 -38.79 8.41 48.48
N PRO B 81 -38.40 8.05 49.71
CA PRO B 81 -37.82 9.04 50.62
C PRO B 81 -36.41 9.42 50.19
N ASP B 82 -36.20 10.70 49.94
CA ASP B 82 -34.88 11.28 49.82
C ASP B 82 -34.67 12.26 50.96
N GLU B 83 -33.50 12.89 50.99
CA GLU B 83 -33.18 13.81 52.09
C GLU B 83 -34.14 14.98 52.13
N LYS B 84 -34.76 15.31 51.00
CA LYS B 84 -35.64 16.48 50.94
C LYS B 84 -37.04 16.15 51.41
N ARG B 85 -37.42 14.86 51.41
CA ARG B 85 -38.74 14.46 51.87
C ARG B 85 -38.84 14.51 53.40
N VAL B 86 -37.81 14.01 54.09
CA VAL B 86 -37.82 14.02 55.54
C VAL B 86 -38.00 15.44 56.06
N GLU B 87 -37.55 16.44 55.31
CA GLU B 87 -37.81 17.81 55.76
C GLU B 87 -39.26 18.21 55.51
N GLU B 88 -39.84 17.73 54.40
CA GLU B 88 -41.23 18.06 54.11
C GLU B 88 -42.18 17.35 55.06
N PHE B 89 -41.91 16.08 55.35
CA PHE B 89 -42.80 15.25 56.14
C PHE B 89 -42.32 15.06 57.58
N LYS B 90 -41.28 15.79 58.00
CA LYS B 90 -40.56 15.56 59.26
C LYS B 90 -40.51 14.07 59.61
N LEU B 91 -39.96 13.28 58.70
CA LEU B 91 -39.91 11.83 58.81
C LEU B 91 -38.88 11.41 59.87
N LYS B 92 -38.89 10.11 60.18
CA LYS B 92 -37.97 9.54 61.16
C LYS B 92 -36.87 8.70 60.53
N GLN B 93 -36.88 8.52 59.21
CA GLN B 93 -35.88 7.73 58.50
C GLN B 93 -36.06 7.96 57.00
N MET B 94 -34.94 7.95 56.28
CA MET B 94 -34.98 7.88 54.83
C MET B 94 -35.24 6.42 54.46
N TRP B 95 -36.49 6.01 54.64
CA TRP B 95 -36.86 4.63 54.40
C TRP B 95 -36.51 4.21 52.97
N LYS B 96 -36.40 2.90 52.78
CA LYS B 96 -36.31 2.37 51.43
C LYS B 96 -37.56 2.72 50.66
N SER B 97 -37.43 2.75 49.34
CA SER B 97 -38.61 2.86 48.50
C SER B 97 -39.43 1.57 48.67
N PRO B 98 -40.74 1.66 48.89
CA PRO B 98 -41.53 0.44 49.07
C PRO B 98 -41.38 -0.53 47.90
N ASN B 99 -41.03 -0.03 46.72
CA ASN B 99 -40.87 -0.90 45.56
C ASN B 99 -39.75 -1.90 45.75
N GLY B 100 -38.56 -1.44 46.12
CA GLY B 100 -37.44 -2.34 46.33
C GLY B 100 -37.71 -3.35 47.43
N THR B 101 -38.41 -2.93 48.49
CA THR B 101 -38.78 -3.83 49.56
C THR B 101 -39.66 -4.97 49.04
N ILE B 102 -40.79 -4.61 48.42
CA ILE B 102 -41.73 -5.60 47.92
C ILE B 102 -41.05 -6.55 46.93
N ARG B 103 -40.19 -5.99 46.06
CA ARG B 103 -39.66 -6.77 44.95
C ARG B 103 -38.69 -7.85 45.44
N ASN B 104 -37.74 -7.48 46.29
CA ASN B 104 -36.82 -8.48 46.82
C ASN B 104 -37.53 -9.52 47.69
N ILE B 105 -38.72 -9.20 48.19
CA ILE B 105 -39.50 -10.17 48.95
C ILE B 105 -40.13 -11.20 48.00
N LEU B 106 -40.89 -10.71 47.02
CA LEU B 106 -41.60 -11.60 46.12
C LEU B 106 -40.69 -12.16 45.02
N GLY B 107 -39.66 -11.40 44.64
CA GLY B 107 -38.84 -11.79 43.51
C GLY B 107 -39.61 -11.75 42.21
N GLY B 108 -38.92 -12.11 41.15
CA GLY B 108 -39.53 -12.26 39.85
C GLY B 108 -39.08 -11.21 38.85
N THR B 109 -39.75 -11.22 37.70
CA THR B 109 -39.41 -10.42 36.55
C THR B 109 -40.46 -9.34 36.32
N VAL B 110 -40.00 -8.13 36.02
CA VAL B 110 -40.88 -7.00 35.76
C VAL B 110 -41.06 -6.85 34.26
N PHE B 111 -42.30 -6.78 33.81
CA PHE B 111 -42.65 -6.61 32.41
C PHE B 111 -43.31 -5.25 32.22
N ARG B 112 -42.86 -4.51 31.21
CA ARG B 112 -43.40 -3.19 30.90
C ARG B 112 -44.20 -3.26 29.61
N GLU B 113 -45.32 -2.54 29.58
CA GLU B 113 -46.19 -2.56 28.41
C GLU B 113 -46.86 -1.20 28.26
N ALA B 114 -46.72 -0.61 27.09
CA ALA B 114 -47.42 0.63 26.78
C ALA B 114 -48.82 0.33 26.27
N ILE B 115 -49.73 1.26 26.54
CA ILE B 115 -51.11 1.17 26.07
C ILE B 115 -51.22 2.00 24.79
N ILE B 116 -51.69 1.37 23.72
CA ILE B 116 -51.64 1.95 22.38
C ILE B 116 -53.04 2.38 21.96
N CYS B 117 -53.13 3.58 21.39
CA CYS B 117 -54.36 4.11 20.81
C CYS B 117 -54.09 4.54 19.38
N LYS B 118 -55.09 4.35 18.51
CA LYS B 118 -54.90 4.62 17.08
C LYS B 118 -54.53 6.08 16.83
N ASN B 119 -55.23 7.01 17.46
CA ASN B 119 -55.02 8.43 17.21
C ASN B 119 -53.83 9.00 17.97
N ILE B 120 -53.13 8.20 18.76
CA ILE B 120 -51.99 8.67 19.53
C ILE B 120 -50.72 8.14 18.87
N PRO B 121 -49.87 9.01 18.32
CA PRO B 121 -48.71 8.53 17.55
C PRO B 121 -47.77 7.70 18.42
N ARG B 122 -47.14 6.72 17.79
CA ARG B 122 -46.09 5.93 18.43
C ARG B 122 -44.73 6.42 17.95
N LEU B 123 -43.72 6.23 18.81
CA LEU B 123 -42.36 6.64 18.45
C LEU B 123 -41.94 6.02 17.13
N VAL B 124 -42.29 4.76 16.91
CA VAL B 124 -42.18 4.12 15.60
C VAL B 124 -43.59 3.87 15.10
N SER B 125 -43.93 4.49 13.97
CA SER B 125 -45.31 4.43 13.49
C SER B 125 -45.73 3.00 13.14
N GLY B 126 -44.78 2.16 12.72
CA GLY B 126 -45.11 0.79 12.40
C GLY B 126 -45.61 -0.01 13.59
N TRP B 127 -45.36 0.47 14.81
CA TRP B 127 -45.84 -0.19 16.02
C TRP B 127 -47.34 0.05 16.15
N VAL B 128 -48.13 -0.94 15.73
CA VAL B 128 -49.58 -0.88 15.93
C VAL B 128 -50.02 -1.74 17.10
N LYS B 129 -49.20 -2.67 17.57
CA LYS B 129 -49.48 -3.52 18.71
C LYS B 129 -48.43 -3.29 19.80
N PRO B 130 -48.81 -3.38 21.07
CA PRO B 130 -47.85 -3.12 22.15
C PRO B 130 -46.69 -4.10 22.12
N ILE B 131 -45.55 -3.63 22.60
CA ILE B 131 -44.37 -4.46 22.82
C ILE B 131 -44.14 -4.54 24.32
N ILE B 132 -43.87 -5.74 24.81
CA ILE B 132 -43.63 -5.97 26.23
C ILE B 132 -42.14 -6.25 26.42
N ILE B 133 -41.51 -5.45 27.28
CA ILE B 133 -40.11 -5.61 27.62
C ILE B 133 -40.02 -6.32 28.96
N GLY B 134 -39.23 -7.39 29.02
CA GLY B 134 -38.99 -8.12 30.25
C GLY B 134 -37.53 -7.99 30.66
N HIS B 135 -37.30 -7.97 31.97
CA HIS B 135 -35.98 -7.82 32.55
C HIS B 135 -36.09 -8.23 34.01
N HIS B 136 -35.11 -8.98 34.50
CA HIS B 136 -35.19 -9.46 35.87
C HIS B 136 -35.06 -8.30 36.85
N ALA B 137 -35.86 -8.35 37.90
CA ALA B 137 -35.89 -7.28 38.90
C ALA B 137 -34.67 -7.37 39.81
N ASP B 140 -28.79 -4.90 37.00
CA ASP B 140 -27.50 -5.60 36.91
C ASP B 140 -26.35 -4.63 37.14
N GLN B 141 -26.52 -3.39 36.68
CA GLN B 141 -25.65 -2.31 37.11
C GLN B 141 -25.98 -1.84 38.53
N TYR B 142 -27.18 -2.20 39.02
CA TYR B 142 -27.59 -1.82 40.37
C TYR B 142 -27.01 -2.75 41.43
N ARG B 143 -26.71 -3.99 41.06
CA ARG B 143 -26.00 -4.89 41.97
C ARG B 143 -24.59 -5.12 41.43
N ALA B 144 -23.80 -4.05 41.37
CA ALA B 144 -22.42 -4.09 40.96
C ALA B 144 -21.56 -3.42 42.03
N THR B 145 -20.29 -3.83 42.11
CA THR B 145 -19.34 -3.29 43.07
C THR B 145 -18.23 -2.61 42.29
N ASP B 146 -18.17 -1.28 42.37
CA ASP B 146 -17.20 -0.49 41.62
C ASP B 146 -16.33 0.32 42.57
N PHE B 147 -15.11 0.64 42.12
CA PHE B 147 -14.17 1.35 42.98
C PHE B 147 -13.11 2.03 42.13
N VAL B 148 -12.41 2.97 42.76
CA VAL B 148 -11.31 3.69 42.12
C VAL B 148 -10.03 2.89 42.27
N VAL B 149 -9.28 2.77 41.18
CA VAL B 149 -7.92 2.25 41.24
C VAL B 149 -7.00 3.46 41.38
N PRO B 150 -6.45 3.73 42.57
CA PRO B 150 -5.75 5.01 42.78
C PRO B 150 -4.39 5.09 42.12
N GLY B 151 -3.80 3.96 41.74
CA GLY B 151 -2.49 3.95 41.16
C GLY B 151 -2.12 2.57 40.68
N PRO B 152 -0.85 2.39 40.30
CA PRO B 152 -0.43 1.11 39.75
C PRO B 152 -0.68 -0.03 40.72
N GLY B 153 -0.87 -1.22 40.17
CA GLY B 153 -1.20 -2.40 40.95
C GLY B 153 -2.14 -3.32 40.22
N LYS B 154 -2.47 -4.45 40.86
CA LYS B 154 -3.19 -5.54 40.21
C LYS B 154 -4.61 -5.63 40.75
N VAL B 155 -5.57 -5.71 39.82
CA VAL B 155 -6.97 -5.99 40.16
C VAL B 155 -7.26 -7.43 39.73
N GLU B 156 -7.75 -8.22 40.68
CA GLU B 156 -8.11 -9.62 40.45
C GLU B 156 -9.53 -9.86 40.92
N ILE B 157 -10.19 -10.82 40.28
CA ILE B 157 -11.51 -11.30 40.71
C ILE B 157 -11.39 -12.79 40.97
N THR B 158 -11.89 -13.24 42.12
CA THR B 158 -11.68 -14.59 42.59
C THR B 158 -13.00 -15.24 43.01
N TYR B 159 -13.07 -16.55 42.81
CA TYR B 159 -14.18 -17.38 43.29
C TYR B 159 -13.65 -18.33 44.34
N THR B 160 -14.23 -18.29 45.53
CA THR B 160 -13.84 -19.18 46.62
C THR B 160 -14.99 -20.12 46.94
N PRO B 161 -14.91 -21.40 46.58
CA PRO B 161 -16.03 -22.31 46.86
C PRO B 161 -16.32 -22.40 48.36
N SER B 162 -17.59 -22.59 48.67
CA SER B 162 -18.01 -22.69 50.07
C SER B 162 -17.69 -24.03 50.70
N ASP B 163 -17.26 -25.02 49.92
CA ASP B 163 -16.96 -26.35 50.44
C ASP B 163 -15.48 -26.56 50.75
N GLY B 164 -14.70 -25.49 50.82
CA GLY B 164 -13.30 -25.59 51.17
C GLY B 164 -12.36 -25.95 50.04
N THR B 165 -12.87 -26.15 48.82
CA THR B 165 -12.00 -26.51 47.71
C THR B 165 -11.29 -25.27 47.17
N GLN B 166 -10.42 -25.52 46.19
CA GLN B 166 -9.46 -24.52 45.72
C GLN B 166 -10.15 -23.32 45.08
N LYS B 167 -9.77 -22.12 45.53
CA LYS B 167 -10.28 -20.90 44.92
C LYS B 167 -9.66 -20.70 43.54
N VAL B 168 -10.41 -20.00 42.68
CA VAL B 168 -10.02 -19.74 41.31
C VAL B 168 -9.83 -18.23 41.14
N THR B 169 -8.70 -17.85 40.56
CA THR B 169 -8.32 -16.45 40.43
C THR B 169 -8.27 -16.06 38.96
N TYR B 170 -8.93 -14.95 38.63
CA TYR B 170 -8.92 -14.38 37.29
C TYR B 170 -8.29 -13.00 37.33
N LEU B 171 -7.31 -12.76 36.47
CA LEU B 171 -6.75 -11.42 36.35
C LEU B 171 -7.72 -10.51 35.62
N VAL B 172 -8.02 -9.35 36.20
CA VAL B 172 -8.80 -8.33 35.52
C VAL B 172 -7.85 -7.42 34.76
N HIS B 173 -6.89 -6.83 35.47
CA HIS B 173 -5.96 -5.92 34.83
C HIS B 173 -4.78 -5.63 35.75
N ASN B 174 -3.61 -5.55 35.15
CA ASN B 174 -2.41 -5.02 35.81
C ASN B 174 -2.27 -3.56 35.40
N PHE B 175 -2.54 -2.65 36.32
CA PHE B 175 -2.29 -1.24 36.09
C PHE B 175 -0.79 -0.99 36.28
N GLU B 176 -0.07 -0.80 35.16
CA GLU B 176 1.37 -0.63 35.22
C GLU B 176 1.78 0.82 35.51
N GLU B 177 1.09 1.78 34.90
CA GLU B 177 1.29 3.20 35.21
C GLU B 177 -0.06 3.87 35.34
N GLY B 178 -0.17 4.76 36.31
CA GLY B 178 -1.43 5.44 36.57
C GLY B 178 -2.47 4.51 37.17
N GLY B 179 -3.63 5.09 37.47
CA GLY B 179 -4.72 4.33 38.01
C GLY B 179 -5.91 4.24 37.09
N GLY B 180 -7.10 4.18 37.66
CA GLY B 180 -8.32 4.06 36.88
C GLY B 180 -9.49 3.59 37.72
N VAL B 181 -10.33 2.73 37.13
CA VAL B 181 -11.52 2.22 37.81
C VAL B 181 -11.70 0.76 37.43
N ALA B 182 -12.43 0.04 38.29
CA ALA B 182 -12.72 -1.36 38.04
C ALA B 182 -14.01 -1.71 38.78
N MET B 183 -14.65 -2.78 38.34
CA MET B 183 -15.88 -3.21 39.00
C MET B 183 -16.14 -4.68 38.73
N GLY B 184 -16.91 -5.28 39.63
CA GLY B 184 -17.35 -6.65 39.48
C GLY B 184 -18.87 -6.72 39.42
N MET B 185 -19.37 -7.65 38.61
CA MET B 185 -20.80 -7.86 38.45
C MET B 185 -21.09 -9.36 38.52
N TYR B 186 -22.36 -9.70 38.71
CA TYR B 186 -22.74 -11.10 38.89
C TYR B 186 -24.21 -11.28 38.55
N ASN B 187 -24.57 -12.53 38.28
CA ASN B 187 -25.95 -12.96 38.13
C ASN B 187 -26.04 -14.41 38.57
N GLN B 188 -27.18 -14.78 39.14
CA GLN B 188 -27.38 -16.12 39.66
C GLN B 188 -28.20 -16.95 38.69
N ASP B 189 -27.88 -18.24 38.58
CA ASP B 189 -28.67 -19.16 37.77
C ASP B 189 -30.14 -19.11 38.16
N LYS B 190 -30.41 -19.12 39.46
CA LYS B 190 -31.79 -19.09 39.95
C LYS B 190 -32.55 -17.87 39.42
N SER B 191 -31.89 -16.71 39.37
CA SER B 191 -32.55 -15.52 38.84
C SER B 191 -32.72 -15.61 37.34
N ILE B 192 -31.74 -16.18 36.63
CA ILE B 192 -31.88 -16.40 35.20
C ILE B 192 -33.01 -17.39 34.92
N GLU B 193 -33.13 -18.42 35.76
CA GLU B 193 -34.17 -19.43 35.55
C GLU B 193 -35.56 -18.85 35.78
N ASP B 194 -35.72 -18.08 36.85
CA ASP B 194 -36.99 -17.39 37.08
C ASP B 194 -37.30 -16.44 35.92
N PHE B 195 -36.30 -15.68 35.48
CA PHE B 195 -36.43 -14.81 34.32
C PHE B 195 -37.00 -15.58 33.13
N ALA B 196 -36.44 -16.76 32.84
CA ALA B 196 -36.88 -17.54 31.70
C ALA B 196 -38.34 -17.96 31.86
N HIS B 197 -38.65 -18.64 32.97
CA HIS B 197 -40.01 -19.12 33.21
C HIS B 197 -41.02 -17.98 33.12
N SER B 198 -40.77 -16.88 33.84
CA SER B 198 -41.66 -15.73 33.80
C SER B 198 -41.87 -15.25 32.37
N SER B 199 -40.80 -15.24 31.56
CA SER B 199 -40.91 -14.78 30.19
C SER B 199 -41.71 -15.77 29.34
N PHE B 200 -41.41 -17.07 29.47
CA PHE B 200 -42.14 -18.07 28.72
C PHE B 200 -43.62 -18.08 29.09
N GLN B 201 -43.93 -17.85 30.37
CA GLN B 201 -45.32 -17.87 30.81
C GLN B 201 -46.04 -16.59 30.40
N MET B 202 -45.34 -15.47 30.32
CA MET B 202 -45.94 -14.25 29.81
C MET B 202 -46.28 -14.40 28.33
N ALA B 203 -45.45 -15.11 27.57
CA ALA B 203 -45.67 -15.23 26.13
C ALA B 203 -46.86 -16.10 25.82
N LEU B 204 -47.05 -17.18 26.58
CA LEU B 204 -48.17 -18.08 26.32
C LEU B 204 -49.48 -17.46 26.82
N SER B 205 -49.44 -16.73 27.94
CA SER B 205 -50.63 -16.05 28.42
C SER B 205 -51.12 -15.01 27.41
N LYS B 206 -50.22 -14.19 26.90
CA LYS B 206 -50.57 -13.15 25.94
C LYS B 206 -50.72 -13.71 24.53
N GLY B 207 -50.13 -14.88 24.25
CA GLY B 207 -50.22 -15.45 22.93
C GLY B 207 -49.32 -14.81 21.90
N TRP B 208 -48.21 -14.23 22.33
CA TRP B 208 -47.22 -13.61 21.47
C TRP B 208 -45.90 -14.37 21.55
N PRO B 209 -45.05 -14.25 20.53
CA PRO B 209 -43.73 -14.88 20.60
C PRO B 209 -42.82 -14.13 21.56
N LEU B 210 -41.67 -14.75 21.84
CA LEU B 210 -40.74 -14.24 22.83
C LEU B 210 -39.33 -14.19 22.26
N TYR B 211 -38.60 -13.12 22.57
CA TYR B 211 -37.21 -12.96 22.18
C TYR B 211 -36.37 -12.59 23.39
N LEU B 212 -35.22 -13.24 23.51
CA LEU B 212 -34.19 -12.89 24.48
C LEU B 212 -33.02 -12.27 23.73
N SER B 213 -32.52 -11.15 24.23
CA SER B 213 -31.38 -10.47 23.64
C SER B 213 -30.22 -10.45 24.63
N THR B 214 -29.06 -10.91 24.16
CA THR B 214 -27.80 -10.84 24.89
C THR B 214 -26.73 -10.32 23.92
N LYS B 215 -25.49 -10.21 24.42
CA LYS B 215 -24.34 -10.04 23.55
C LYS B 215 -23.35 -11.17 23.82
N ASN B 216 -23.84 -12.40 23.70
CA ASN B 216 -23.02 -13.57 24.00
C ASN B 216 -21.84 -13.74 23.06
N THR B 217 -21.77 -12.95 21.98
CA THR B 217 -20.56 -12.96 21.16
C THR B 217 -19.39 -12.31 21.89
N ILE B 218 -19.67 -11.36 22.78
CA ILE B 218 -18.62 -10.62 23.48
C ILE B 218 -18.42 -11.23 24.87
N LEU B 219 -19.51 -11.33 25.64
CA LEU B 219 -19.46 -11.94 26.96
C LEU B 219 -19.91 -13.40 26.82
N LYS B 220 -18.98 -14.22 26.31
CA LYS B 220 -19.32 -15.58 25.92
C LYS B 220 -19.77 -16.43 27.10
N LYS B 221 -19.21 -16.22 28.28
CA LYS B 221 -19.57 -17.01 29.44
C LYS B 221 -20.70 -16.38 30.23
N TYR B 222 -20.62 -15.07 30.46
CA TYR B 222 -21.65 -14.37 31.21
C TYR B 222 -22.99 -14.43 30.48
N ASP B 223 -23.02 -13.96 29.24
CA ASP B 223 -24.27 -13.92 28.49
C ASP B 223 -24.63 -15.26 27.87
N GLY B 224 -23.63 -16.12 27.63
CA GLY B 224 -23.94 -17.46 27.16
C GLY B 224 -24.77 -18.23 28.16
N ARG B 225 -24.55 -17.96 29.45
CA ARG B 225 -25.32 -18.64 30.49
C ARG B 225 -26.79 -18.25 30.42
N PHE B 226 -27.07 -16.95 30.19
CA PHE B 226 -28.45 -16.52 29.95
C PHE B 226 -29.06 -17.28 28.78
N LYS B 227 -28.34 -17.35 27.66
CA LYS B 227 -28.87 -17.97 26.46
C LYS B 227 -29.07 -19.47 26.65
N ASP B 228 -28.10 -20.14 27.29
CA ASP B 228 -28.20 -21.57 27.48
C ASP B 228 -29.35 -21.94 28.42
N ILE B 229 -29.58 -21.11 29.44
CA ILE B 229 -30.61 -21.44 30.43
C ILE B 229 -32.01 -21.25 29.85
N PHE B 230 -32.22 -20.14 29.12
CA PHE B 230 -33.48 -19.95 28.42
C PHE B 230 -33.75 -21.11 27.46
N GLN B 231 -32.72 -21.50 26.71
CA GLN B 231 -32.90 -22.49 25.65
C GLN B 231 -33.21 -23.87 26.23
N GLU B 232 -32.54 -24.26 27.32
CA GLU B 232 -32.75 -25.58 27.91
C GLU B 232 -34.04 -25.66 28.71
N ILE B 233 -34.59 -24.52 29.14
CA ILE B 233 -35.91 -24.53 29.75
C ILE B 233 -36.99 -24.54 28.67
N TYR B 234 -36.76 -23.81 27.58
CA TYR B 234 -37.70 -23.83 26.46
C TYR B 234 -37.82 -25.21 25.85
N ASP B 235 -36.68 -25.82 25.51
CA ASP B 235 -36.67 -27.12 24.83
C ASP B 235 -37.32 -28.22 25.66
N LYS B 236 -37.44 -28.03 26.97
CA LYS B 236 -37.98 -29.06 27.85
C LYS B 236 -39.40 -28.77 28.33
N GLN B 237 -39.71 -27.52 28.68
CA GLN B 237 -40.93 -27.22 29.41
C GLN B 237 -41.92 -26.33 28.68
N TYR B 238 -41.59 -25.83 27.49
CA TYR B 238 -42.49 -24.85 26.86
C TYR B 238 -42.62 -24.97 25.35
N LYS B 239 -41.62 -25.51 24.64
CA LYS B 239 -41.68 -25.57 23.18
C LYS B 239 -42.93 -26.28 22.70
N SER B 240 -43.40 -27.29 23.44
CA SER B 240 -44.63 -27.97 23.07
C SER B 240 -45.82 -27.03 23.14
N GLN B 241 -45.92 -26.28 24.25
CA GLN B 241 -47.02 -25.31 24.39
C GLN B 241 -46.87 -24.17 23.39
N PHE B 242 -45.64 -23.74 23.12
CA PHE B 242 -45.41 -22.61 22.22
C PHE B 242 -45.88 -22.92 20.81
N GLU B 243 -45.65 -24.14 20.34
CA GLU B 243 -46.01 -24.51 18.99
C GLU B 243 -47.51 -24.79 18.84
N ALA B 244 -48.22 -24.96 19.95
CA ALA B 244 -49.67 -25.09 19.87
C ALA B 244 -50.33 -23.78 19.48
N GLN B 245 -49.88 -22.67 20.10
CA GLN B 245 -50.41 -21.35 19.83
C GLN B 245 -49.70 -20.65 18.66
N LYS B 246 -48.98 -21.41 17.83
CA LYS B 246 -48.33 -20.87 16.63
C LYS B 246 -47.33 -19.77 16.96
N ILE B 247 -46.78 -19.77 18.17
CA ILE B 247 -45.76 -18.80 18.54
C ILE B 247 -44.43 -19.52 18.72
N TRP B 248 -43.40 -18.79 19.13
CA TRP B 248 -42.05 -19.33 19.21
C TRP B 248 -41.22 -18.50 20.17
N TYR B 249 -40.07 -19.04 20.55
CA TYR B 249 -39.03 -18.33 21.27
C TYR B 249 -37.74 -18.41 20.48
N GLU B 250 -36.97 -17.33 20.48
CA GLU B 250 -35.68 -17.32 19.79
C GLU B 250 -34.76 -16.30 20.45
N HIS B 251 -33.47 -16.62 20.45
CA HIS B 251 -32.45 -15.72 20.98
C HIS B 251 -31.99 -14.77 19.87
N ARG B 252 -31.71 -13.53 20.26
CA ARG B 252 -31.25 -12.51 19.32
C ARG B 252 -30.04 -11.79 19.92
N LEU B 253 -29.09 -11.45 19.05
CA LEU B 253 -28.07 -10.50 19.43
C LEU B 253 -28.71 -9.13 19.61
N ILE B 254 -28.25 -8.39 20.62
CA ILE B 254 -28.95 -7.18 21.03
C ILE B 254 -29.06 -6.18 19.89
N ASP B 255 -28.00 -6.05 19.09
CA ASP B 255 -28.04 -5.05 18.02
C ASP B 255 -28.88 -5.52 16.84
N ASP B 256 -28.92 -6.83 16.57
CA ASP B 256 -29.91 -7.35 15.63
C ASP B 256 -31.32 -7.08 16.14
N MET B 257 -31.53 -7.21 17.45
CA MET B 257 -32.86 -7.13 18.03
C MET B 257 -33.39 -5.71 17.99
N VAL B 258 -32.53 -4.71 18.22
CA VAL B 258 -32.95 -3.32 18.13
C VAL B 258 -33.52 -3.03 16.74
N ALA B 259 -32.79 -3.42 15.70
CA ALA B 259 -33.26 -3.20 14.34
C ALA B 259 -34.54 -3.99 14.07
N GLN B 260 -34.56 -5.26 14.51
CA GLN B 260 -35.74 -6.09 14.31
C GLN B 260 -36.97 -5.47 14.96
N ALA B 261 -36.83 -5.03 16.21
CA ALA B 261 -37.97 -4.47 16.94
C ALA B 261 -38.50 -3.21 16.26
N MET B 262 -37.60 -2.36 15.76
CA MET B 262 -38.02 -1.14 15.09
C MET B 262 -38.71 -1.41 13.76
N LYS B 263 -38.43 -2.54 13.13
CA LYS B 263 -39.10 -2.93 11.89
C LYS B 263 -40.35 -3.75 12.14
N SER B 264 -40.59 -4.18 13.37
CA SER B 264 -41.75 -4.99 13.72
C SER B 264 -43.00 -4.12 13.83
N GLU B 265 -44.14 -4.78 13.81
CA GLU B 265 -45.42 -4.14 14.09
C GLU B 265 -45.78 -4.21 15.57
N GLY B 266 -44.93 -4.80 16.39
CA GLY B 266 -45.26 -5.01 17.79
C GLY B 266 -45.88 -6.36 18.02
N GLY B 267 -46.42 -6.52 19.22
CA GLY B 267 -47.06 -7.77 19.59
C GLY B 267 -46.10 -8.91 19.87
N PHE B 268 -45.03 -8.64 20.61
CA PHE B 268 -44.11 -9.68 21.04
C PHE B 268 -43.56 -9.30 22.41
N ILE B 269 -42.90 -10.26 23.05
CA ILE B 269 -42.26 -10.04 24.34
C ILE B 269 -40.75 -10.02 24.12
N TRP B 270 -40.10 -9.01 24.67
CA TRP B 270 -38.65 -8.83 24.52
C TRP B 270 -38.03 -8.94 25.91
N ALA B 271 -37.32 -10.03 26.15
CA ALA B 271 -36.58 -10.23 27.38
C ALA B 271 -35.18 -9.65 27.22
N CYS B 272 -34.88 -8.62 28.01
CA CYS B 272 -33.61 -7.91 27.92
C CYS B 272 -32.72 -8.29 29.10
N LYS B 273 -31.53 -8.79 28.80
CA LYS B 273 -30.55 -9.06 29.85
C LYS B 273 -30.07 -7.73 30.44
N ASN B 274 -29.32 -6.96 29.68
CA ASN B 274 -28.92 -5.60 30.07
C ASN B 274 -30.07 -4.66 29.79
N TYR B 275 -30.84 -4.29 30.83
CA TYR B 275 -31.94 -3.36 30.68
C TYR B 275 -31.95 -2.36 31.82
N ASP B 276 -31.71 -1.09 31.50
CA ASP B 276 -31.97 0.01 32.40
C ASP B 276 -33.38 0.51 32.09
N GLY B 277 -34.36 -0.01 32.84
CA GLY B 277 -35.74 0.32 32.55
C GLY B 277 -36.04 1.80 32.73
N ASP B 278 -35.42 2.43 33.73
CA ASP B 278 -35.62 3.86 33.95
C ASP B 278 -35.16 4.67 32.75
N VAL B 279 -34.26 4.12 31.94
CA VAL B 279 -33.67 4.85 30.82
C VAL B 279 -34.33 4.42 29.52
N GLN B 280 -34.26 3.12 29.21
CA GLN B 280 -34.70 2.62 27.92
C GLN B 280 -36.22 2.62 27.76
N SER B 281 -36.96 2.71 28.87
CA SER B 281 -38.42 2.71 28.81
C SER B 281 -38.99 3.99 29.40
N ASP B 282 -38.78 4.27 30.68
CA ASP B 282 -39.45 5.40 31.32
C ASP B 282 -38.95 6.73 30.77
N SER B 283 -37.63 6.89 30.63
CA SER B 283 -37.08 8.17 30.20
C SER B 283 -37.50 8.51 28.78
N VAL B 284 -37.49 7.51 27.89
CA VAL B 284 -37.95 7.74 26.52
C VAL B 284 -39.43 8.11 26.52
N ALA B 285 -40.25 7.33 27.24
CA ALA B 285 -41.67 7.66 27.36
C ALA B 285 -41.85 9.05 27.99
N GLN B 286 -41.00 9.38 28.97
CA GLN B 286 -41.04 10.71 29.56
C GLN B 286 -40.72 11.79 28.53
N GLY B 287 -39.66 11.58 27.74
CA GLY B 287 -39.34 12.53 26.69
C GLY B 287 -40.36 12.54 25.57
N TYR B 288 -40.87 11.36 25.21
CA TYR B 288 -41.92 11.28 24.20
C TYR B 288 -43.26 11.77 24.74
N GLY B 289 -43.47 11.72 26.05
CA GLY B 289 -44.69 12.22 26.66
C GLY B 289 -45.79 11.19 26.80
N SER B 290 -45.44 9.96 27.18
CA SER B 290 -46.42 8.88 27.26
C SER B 290 -46.23 8.04 28.52
N LEU B 291 -45.70 8.64 29.59
CA LEU B 291 -45.55 7.91 30.84
C LEU B 291 -46.91 7.51 31.42
N GLY B 292 -47.94 8.32 31.19
CA GLY B 292 -49.28 7.98 31.63
C GLY B 292 -49.90 6.81 30.89
N MET B 293 -49.25 6.31 29.84
CA MET B 293 -49.72 5.18 29.07
C MET B 293 -48.82 3.96 29.22
N MET B 294 -48.00 3.95 30.27
CA MET B 294 -47.02 2.89 30.50
C MET B 294 -47.38 2.14 31.78
N THR B 295 -47.58 0.84 31.66
CA THR B 295 -47.93 0.00 32.78
C THR B 295 -46.84 -1.05 33.03
N SER B 296 -46.80 -1.54 34.26
CA SER B 296 -45.77 -2.47 34.70
C SER B 296 -46.40 -3.50 35.63
N VAL B 297 -45.94 -4.74 35.52
CA VAL B 297 -46.43 -5.83 36.36
C VAL B 297 -45.27 -6.74 36.72
N LEU B 298 -45.15 -7.06 38.01
CA LEU B 298 -44.12 -7.97 38.51
C LEU B 298 -44.67 -9.39 38.48
N VAL B 299 -44.01 -10.26 37.73
CA VAL B 299 -44.43 -11.65 37.57
C VAL B 299 -43.45 -12.53 38.33
N CYS B 300 -43.94 -13.19 39.37
CA CYS B 300 -43.13 -14.09 40.17
C CYS B 300 -42.94 -15.41 39.43
N PRO B 301 -41.88 -16.16 39.76
CA PRO B 301 -41.63 -17.42 39.03
C PRO B 301 -42.59 -18.54 39.37
N ASP B 302 -43.34 -18.44 40.48
CA ASP B 302 -44.27 -19.50 40.83
C ASP B 302 -45.35 -19.70 39.77
N GLY B 303 -45.50 -18.75 38.84
CA GLY B 303 -46.54 -18.78 37.85
C GLY B 303 -47.88 -18.27 38.32
N LYS B 304 -47.98 -17.81 39.57
CA LYS B 304 -49.27 -17.44 40.16
C LYS B 304 -49.30 -16.04 40.74
N THR B 305 -48.20 -15.56 41.33
CA THR B 305 -48.19 -14.29 42.03
C THR B 305 -47.76 -13.15 41.10
N VAL B 306 -48.58 -12.11 41.04
CA VAL B 306 -48.25 -10.91 40.29
C VAL B 306 -48.58 -9.68 41.13
N GLU B 307 -47.84 -8.60 40.87
CA GLU B 307 -48.14 -7.28 41.39
C GLU B 307 -48.13 -6.31 40.22
N ALA B 308 -49.24 -5.62 40.00
CA ALA B 308 -49.40 -4.69 38.89
C ALA B 308 -49.41 -3.26 39.42
N GLU B 309 -48.91 -2.34 38.58
CA GLU B 309 -48.82 -0.95 38.96
C GLU B 309 -48.56 -0.12 37.72
N ALA B 310 -48.81 1.19 37.84
CA ALA B 310 -48.39 2.12 36.82
C ALA B 310 -46.87 2.23 36.83
N ALA B 311 -46.30 2.54 35.66
CA ALA B 311 -44.86 2.71 35.56
C ALA B 311 -44.39 4.10 35.95
N HIS B 312 -45.30 5.05 36.14
CA HIS B 312 -44.94 6.40 36.53
C HIS B 312 -45.00 6.55 38.05
N GLY B 313 -44.75 7.77 38.53
CA GLY B 313 -44.72 8.05 39.95
C GLY B 313 -45.95 8.79 40.43
N THR B 314 -45.83 9.41 41.61
CA THR B 314 -46.96 10.10 42.22
C THR B 314 -47.34 11.39 41.48
N VAL B 315 -46.58 11.79 40.47
CA VAL B 315 -46.81 13.02 39.70
C VAL B 315 -46.90 14.20 40.66
N THR B 316 -45.79 14.48 41.35
CA THR B 316 -45.77 15.52 42.37
C THR B 316 -46.16 16.88 41.79
N ARG B 317 -45.67 17.20 40.58
CA ARG B 317 -45.92 18.52 40.02
C ARG B 317 -47.40 18.81 39.86
N HIS B 318 -48.17 17.81 39.40
CA HIS B 318 -49.61 18.00 39.29
C HIS B 318 -50.26 18.14 40.65
N TYR B 319 -49.76 17.40 41.65
CA TYR B 319 -50.37 17.44 42.98
C TYR B 319 -50.23 18.82 43.61
N ARG B 320 -49.07 19.45 43.46
CA ARG B 320 -48.90 20.82 43.93
C ARG B 320 -49.91 21.74 43.25
N MET B 321 -50.10 21.58 41.94
CA MET B 321 -51.09 22.37 41.22
C MET B 321 -52.49 22.12 41.75
N TYR B 322 -52.77 20.89 42.19
CA TYR B 322 -54.07 20.55 42.75
C TYR B 322 -54.21 21.09 44.18
N GLN B 323 -53.11 21.11 44.93
CA GLN B 323 -53.13 21.68 46.27
C GLN B 323 -53.35 23.19 46.22
N LYS B 324 -52.75 23.86 45.23
CA LYS B 324 -52.84 25.31 45.14
C LYS B 324 -54.16 25.78 44.55
N GLY B 325 -55.08 24.87 44.22
CA GLY B 325 -56.39 25.24 43.72
C GLY B 325 -56.54 25.24 42.21
N GLN B 326 -55.51 24.86 41.46
CA GLN B 326 -55.60 24.94 40.00
C GLN B 326 -56.10 23.64 39.39
N GLU B 327 -56.56 23.75 38.15
CA GLU B 327 -57.05 22.61 37.40
C GLU B 327 -55.88 21.77 36.91
N THR B 328 -55.98 20.46 37.10
CA THR B 328 -54.98 19.50 36.63
C THR B 328 -55.60 18.60 35.57
N SER B 329 -54.76 18.04 34.72
CA SER B 329 -55.17 17.07 33.69
C SER B 329 -54.20 15.90 33.74
N THR B 330 -54.39 15.01 34.70
CA THR B 330 -53.48 13.91 34.96
C THR B 330 -54.04 12.62 34.36
N ASN B 331 -53.19 11.89 33.65
CA ASN B 331 -53.62 10.71 32.91
C ASN B 331 -53.78 9.52 33.86
N PRO B 332 -54.98 8.92 33.95
CA PRO B 332 -55.17 7.79 34.86
C PRO B 332 -55.04 6.41 34.24
N ILE B 333 -54.78 6.34 32.92
CA ILE B 333 -54.87 5.07 32.20
C ILE B 333 -53.91 4.03 32.78
N ALA B 334 -52.68 4.44 33.06
CA ALA B 334 -51.70 3.50 33.60
C ALA B 334 -52.15 2.97 34.96
N SER B 335 -52.78 3.82 35.77
CA SER B 335 -53.30 3.36 37.05
C SER B 335 -54.48 2.42 36.85
N ILE B 336 -55.35 2.73 35.88
CA ILE B 336 -56.49 1.85 35.59
C ILE B 336 -56.00 0.48 35.13
N PHE B 337 -54.96 0.46 34.29
CA PHE B 337 -54.47 -0.81 33.78
C PHE B 337 -53.70 -1.60 34.82
N ALA B 338 -53.23 -0.95 35.89
CA ALA B 338 -52.79 -1.72 37.05
C ALA B 338 -53.93 -2.56 37.60
N TRP B 339 -55.11 -1.95 37.72
CA TRP B 339 -56.28 -2.66 38.21
C TRP B 339 -56.69 -3.78 37.24
N THR B 340 -56.90 -3.43 35.97
CA THR B 340 -57.39 -4.41 35.01
C THR B 340 -56.44 -5.59 34.87
N ARG B 341 -55.13 -5.33 34.89
CA ARG B 341 -54.19 -6.43 34.76
C ARG B 341 -54.19 -7.32 36.00
N GLY B 342 -54.36 -6.72 37.18
CA GLY B 342 -54.52 -7.52 38.38
C GLY B 342 -55.80 -8.33 38.37
N LEU B 343 -56.91 -7.70 37.97
CA LEU B 343 -58.18 -8.40 37.89
C LEU B 343 -58.14 -9.51 36.86
N ALA B 344 -57.54 -9.23 35.70
CA ALA B 344 -57.43 -10.26 34.66
C ALA B 344 -56.66 -11.47 35.17
N HIS B 345 -55.62 -11.23 35.97
CA HIS B 345 -54.89 -12.35 36.56
C HIS B 345 -55.71 -13.05 37.63
N ARG B 346 -56.43 -12.29 38.45
CA ARG B 346 -57.34 -12.88 39.42
C ARG B 346 -58.37 -13.77 38.73
N ALA B 347 -58.91 -13.32 37.60
CA ALA B 347 -59.91 -14.10 36.89
C ALA B 347 -59.30 -15.36 36.29
N LYS B 348 -58.05 -15.27 35.83
CA LYS B 348 -57.38 -16.44 35.28
C LYS B 348 -57.23 -17.53 36.34
N LEU B 349 -56.83 -17.16 37.55
CA LEU B 349 -56.68 -18.13 38.62
C LEU B 349 -58.03 -18.73 39.03
N ASP B 350 -59.06 -17.89 39.10
CA ASP B 350 -60.36 -18.31 39.61
C ASP B 350 -61.31 -18.78 38.52
N ASN B 351 -60.87 -18.82 37.26
CA ASN B 351 -61.73 -19.22 36.14
C ASN B 351 -63.01 -18.40 36.10
N ASN B 352 -62.88 -17.12 36.45
CA ASN B 352 -64.01 -16.21 36.60
C ASN B 352 -64.22 -15.49 35.27
N LYS B 353 -65.10 -16.04 34.43
CA LYS B 353 -65.38 -15.44 33.13
C LYS B 353 -65.93 -14.03 33.29
N GLU B 354 -66.78 -13.82 34.30
CA GLU B 354 -67.42 -12.52 34.48
C GLU B 354 -66.42 -11.44 34.84
N LEU B 355 -65.40 -11.80 35.64
CA LEU B 355 -64.36 -10.84 35.98
C LEU B 355 -63.39 -10.64 34.84
N ALA B 356 -63.03 -11.73 34.15
CA ALA B 356 -62.17 -11.59 32.97
C ALA B 356 -62.81 -10.68 31.93
N PHE B 357 -64.14 -10.74 31.80
CA PHE B 357 -64.80 -9.86 30.85
C PHE B 357 -64.77 -8.41 31.33
N PHE B 358 -64.92 -8.18 32.63
CA PHE B 358 -64.92 -6.81 33.14
C PHE B 358 -63.56 -6.15 32.91
N ALA B 359 -62.48 -6.86 33.25
CA ALA B 359 -61.14 -6.31 33.07
C ALA B 359 -60.91 -5.91 31.62
N ASN B 360 -61.24 -6.80 30.69
CA ASN B 360 -61.11 -6.49 29.26
C ASN B 360 -61.97 -5.29 28.90
N ALA B 361 -63.21 -5.27 29.37
CA ALA B 361 -64.12 -4.18 29.02
C ALA B 361 -63.57 -2.84 29.49
N LEU B 362 -63.01 -2.80 30.70
CA LEU B 362 -62.46 -1.55 31.21
C LEU B 362 -61.23 -1.12 30.44
N GLU B 363 -60.45 -2.08 29.93
CA GLU B 363 -59.32 -1.72 29.09
C GLU B 363 -59.80 -1.13 27.77
N GLU B 364 -60.85 -1.71 27.20
CA GLU B 364 -61.34 -1.24 25.91
C GLU B 364 -62.04 0.11 26.03
N VAL B 365 -62.81 0.34 27.11
CA VAL B 365 -63.45 1.65 27.26
C VAL B 365 -62.41 2.73 27.40
N SER B 366 -61.32 2.44 28.13
CA SER B 366 -60.23 3.41 28.26
C SER B 366 -59.65 3.75 26.90
N ILE B 367 -59.39 2.72 26.09
CA ILE B 367 -58.76 2.93 24.79
C ILE B 367 -59.73 3.63 23.83
N GLU B 368 -60.99 3.20 23.83
CA GLU B 368 -61.95 3.74 22.87
C GLU B 368 -62.31 5.18 23.18
N THR B 369 -62.39 5.54 24.47
CA THR B 369 -62.67 6.92 24.85
C THR B 369 -61.63 7.85 24.26
N ILE B 370 -60.36 7.47 24.36
CA ILE B 370 -59.28 8.29 23.82
C ILE B 370 -59.37 8.34 22.30
N GLU B 371 -59.57 7.19 21.66
CA GLU B 371 -59.68 7.13 20.21
C GLU B 371 -60.90 7.89 19.70
N ALA B 372 -61.89 8.14 20.55
CA ALA B 372 -63.04 8.97 20.21
C ALA B 372 -62.76 10.46 20.37
N GLY B 373 -61.61 10.85 20.91
CA GLY B 373 -61.24 12.25 21.04
C GLY B 373 -61.31 12.84 22.44
N PHE B 374 -61.52 12.02 23.46
CA PHE B 374 -61.63 12.49 24.85
C PHE B 374 -60.39 12.00 25.59
N MET B 375 -59.52 12.93 25.98
CA MET B 375 -58.21 12.58 26.50
C MET B 375 -57.70 13.70 27.41
N THR B 376 -56.67 13.36 28.18
CA THR B 376 -56.02 14.33 29.06
C THR B 376 -54.99 15.15 28.27
N LYS B 377 -54.38 16.09 28.98
CA LYS B 377 -53.49 17.06 28.35
C LYS B 377 -52.31 16.38 27.65
N ASP B 378 -51.71 15.39 28.32
CA ASP B 378 -50.51 14.76 27.78
C ASP B 378 -50.79 14.05 26.46
N LEU B 379 -51.93 13.40 26.34
CA LEU B 379 -52.27 12.72 25.10
C LEU B 379 -52.55 13.73 23.98
N ALA B 380 -53.22 14.84 24.32
CA ALA B 380 -53.41 15.89 23.33
C ALA B 380 -52.09 16.47 22.87
N ALA B 381 -51.08 16.49 23.75
CA ALA B 381 -49.77 17.00 23.37
C ALA B 381 -49.07 16.05 22.40
N CYS B 382 -49.28 14.75 22.55
CA CYS B 382 -48.67 13.80 21.62
C CYS B 382 -49.16 14.02 20.19
N ILE B 383 -50.38 14.54 20.03
CA ILE B 383 -50.91 14.80 18.70
C ILE B 383 -50.41 16.13 18.18
N LYS B 384 -50.63 17.21 18.94
CA LYS B 384 -50.39 18.56 18.46
C LYS B 384 -48.97 19.06 18.74
N GLY B 385 -48.23 18.39 19.61
CA GLY B 385 -46.91 18.86 20.00
C GLY B 385 -46.97 19.37 21.44
N LEU B 386 -45.94 19.04 22.22
CA LEU B 386 -45.93 19.32 23.66
C LEU B 386 -46.26 20.76 24.02
N PRO B 387 -45.72 21.80 23.36
CA PRO B 387 -46.11 23.16 23.72
C PRO B 387 -47.38 23.68 23.05
N ASN B 388 -48.08 22.85 22.25
CA ASN B 388 -49.12 23.33 21.35
C ASN B 388 -50.52 22.82 21.72
N VAL B 389 -50.86 22.82 23.00
CA VAL B 389 -52.17 22.34 23.44
C VAL B 389 -53.04 23.52 23.85
N GLN B 390 -54.27 23.54 23.35
CA GLN B 390 -55.31 24.45 23.82
C GLN B 390 -56.19 23.73 24.85
N ARG B 391 -56.83 24.53 25.71
CA ARG B 391 -57.68 23.94 26.74
C ARG B 391 -58.87 23.20 26.13
N SER B 392 -59.31 23.60 24.94
CA SER B 392 -60.38 22.90 24.24
C SER B 392 -59.93 21.60 23.61
N ASP B 393 -58.66 21.21 23.77
CA ASP B 393 -58.15 19.97 23.21
C ASP B 393 -58.26 18.79 24.17
N TYR B 394 -58.55 19.03 25.45
CA TYR B 394 -58.48 17.98 26.44
C TYR B 394 -59.49 18.22 27.56
N LEU B 395 -59.61 17.21 28.42
CA LEU B 395 -60.40 17.27 29.64
C LEU B 395 -59.48 17.23 30.84
N ASN B 396 -59.95 17.78 31.96
CA ASN B 396 -59.15 17.69 33.19
C ASN B 396 -59.35 16.31 33.82
N THR B 397 -58.65 16.10 34.94
CA THR B 397 -58.62 14.78 35.58
C THR B 397 -60.02 14.27 35.86
N PHE B 398 -60.85 15.09 36.49
CA PHE B 398 -62.18 14.65 36.89
C PHE B 398 -63.13 14.58 35.70
N GLU B 399 -63.00 15.53 34.76
CA GLU B 399 -63.83 15.46 33.55
C GLU B 399 -63.56 14.18 32.78
N PHE B 400 -62.31 13.75 32.73
CA PHE B 400 -61.96 12.53 32.00
C PHE B 400 -62.49 11.29 32.70
N MET B 401 -62.33 11.23 34.03
CA MET B 401 -62.84 10.10 34.80
C MET B 401 -64.36 9.97 34.63
N ASP B 402 -65.07 11.09 34.58
CA ASP B 402 -66.51 11.06 34.35
C ASP B 402 -66.81 10.46 32.98
N LYS B 403 -66.07 10.90 31.95
CA LYS B 403 -66.28 10.40 30.61
C LYS B 403 -66.05 8.89 30.54
N LEU B 404 -64.99 8.41 31.20
CA LEU B 404 -64.75 6.97 31.27
C LEU B 404 -65.91 6.26 31.94
N GLY B 405 -66.36 6.79 33.09
CA GLY B 405 -67.45 6.14 33.81
C GLY B 405 -68.71 6.04 32.98
N GLU B 406 -69.04 7.10 32.24
CA GLU B 406 -70.24 7.07 31.40
C GLU B 406 -70.10 6.02 30.29
N ASN B 407 -68.93 5.95 29.65
CA ASN B 407 -68.75 4.99 28.57
C ASN B 407 -68.68 3.56 29.10
N LEU B 408 -68.21 3.38 30.33
CA LEU B 408 -68.16 2.03 30.90
C LEU B 408 -69.56 1.52 31.21
N LYS B 409 -70.43 2.39 31.72
CA LYS B 409 -71.80 1.99 32.00
C LYS B 409 -72.51 1.55 30.72
N ILE B 410 -72.31 2.29 29.64
CA ILE B 410 -72.95 1.96 28.36
C ILE B 410 -72.39 0.67 27.80
N LYS B 411 -71.08 0.49 27.87
CA LYS B 411 -70.45 -0.72 27.35
C LYS B 411 -71.00 -1.96 28.05
N LEU B 412 -71.09 -1.92 29.38
CA LEU B 412 -71.57 -3.08 30.12
C LEU B 412 -73.05 -3.33 29.88
N ALA B 413 -73.84 -2.28 29.61
CA ALA B 413 -75.25 -2.47 29.32
C ALA B 413 -75.44 -3.18 27.99
N GLN B 414 -74.68 -2.81 26.97
CA GLN B 414 -74.77 -3.45 25.66
C GLN B 414 -74.23 -4.87 25.65
N ALA B 415 -73.56 -5.30 26.73
CA ALA B 415 -72.99 -6.63 26.77
C ALA B 415 -74.01 -7.71 27.12
N LYS B 416 -75.17 -7.31 27.67
CA LYS B 416 -76.18 -8.28 28.09
C LYS B 416 -77.10 -8.68 26.94
N LEU B 417 -76.52 -8.98 25.78
CA LEU B 417 -77.31 -9.37 24.61
C LEU B 417 -76.78 -10.66 23.99
N LYS C 6 1.09 -26.54 7.14
CA LYS C 6 1.74 -25.29 7.48
C LYS C 6 2.83 -24.96 6.47
N LYS C 7 2.88 -23.70 6.05
CA LYS C 7 3.85 -23.23 5.07
C LYS C 7 5.00 -22.52 5.79
N ILE C 8 6.00 -22.11 5.01
CA ILE C 8 7.11 -21.36 5.56
C ILE C 8 6.64 -19.97 5.96
N SER C 9 7.00 -19.55 7.17
CA SER C 9 6.71 -18.20 7.64
C SER C 9 7.79 -17.27 7.10
N GLY C 10 7.42 -16.43 6.14
CA GLY C 10 8.38 -15.66 5.36
C GLY C 10 8.73 -14.29 5.89
N GLY C 11 7.82 -13.66 6.63
CA GLY C 11 8.12 -12.34 7.16
C GLY C 11 7.73 -11.20 6.23
N SER C 12 8.40 -10.07 6.44
CA SER C 12 8.02 -8.80 5.84
C SER C 12 8.71 -8.61 4.49
N VAL C 13 7.91 -8.49 3.43
CA VAL C 13 8.41 -8.33 2.07
C VAL C 13 7.60 -7.23 1.37
N VAL C 14 8.31 -6.28 0.75
CA VAL C 14 7.68 -5.27 -0.07
C VAL C 14 7.66 -5.75 -1.51
N GLU C 15 6.47 -5.70 -2.13
CA GLU C 15 6.28 -6.14 -3.50
C GLU C 15 5.70 -4.99 -4.32
N MET C 16 6.24 -4.79 -5.51
CA MET C 16 5.77 -3.76 -6.44
C MET C 16 5.27 -4.42 -7.71
N GLN C 17 3.96 -4.34 -7.94
CA GLN C 17 3.36 -4.86 -9.16
C GLN C 17 3.64 -3.90 -10.31
N GLY C 18 3.69 -4.45 -11.53
CA GLY C 18 4.14 -3.72 -12.69
C GLY C 18 3.14 -3.79 -13.83
N ASP C 19 3.68 -3.79 -15.06
CA ASP C 19 2.90 -3.57 -16.26
C ASP C 19 3.09 -4.69 -17.28
N GLU C 20 2.10 -4.79 -18.17
CA GLU C 20 2.16 -5.58 -19.40
C GLU C 20 2.61 -7.02 -19.17
N MET C 21 3.52 -7.52 -19.99
CA MET C 21 3.81 -8.96 -19.96
C MET C 21 4.39 -9.39 -18.62
N THR C 22 5.30 -8.60 -18.05
CA THR C 22 5.87 -8.96 -16.76
C THR C 22 4.80 -9.02 -15.67
N ARG C 23 3.79 -8.15 -15.76
CA ARG C 23 2.70 -8.19 -14.80
C ARG C 23 2.01 -9.55 -14.80
N ILE C 24 1.68 -10.06 -15.99
CA ILE C 24 1.08 -11.39 -16.10
C ILE C 24 1.98 -12.44 -15.48
N ILE C 25 3.27 -12.37 -15.80
CA ILE C 25 4.23 -13.35 -15.28
C ILE C 25 4.37 -13.21 -13.77
N TRP C 26 4.40 -11.96 -13.28
CA TRP C 26 4.50 -11.70 -11.85
C TRP C 26 3.43 -12.46 -11.06
N GLU C 27 2.18 -12.38 -11.53
CA GLU C 27 1.09 -13.03 -10.81
C GLU C 27 1.19 -14.54 -10.89
N LEU C 28 1.65 -15.08 -12.03
CA LEU C 28 1.86 -16.52 -12.13
C LEU C 28 2.95 -16.98 -11.17
N ILE C 29 4.03 -16.21 -11.05
CA ILE C 29 5.09 -16.53 -10.10
C ILE C 29 4.52 -16.64 -8.69
N LYS C 30 3.69 -15.67 -8.31
CA LYS C 30 3.13 -15.65 -6.96
C LYS C 30 2.20 -16.83 -6.73
N GLU C 31 1.30 -17.10 -7.68
CA GLU C 31 0.29 -18.13 -7.46
C GLU C 31 0.88 -19.53 -7.53
N LYS C 32 1.92 -19.74 -8.34
CA LYS C 32 2.42 -21.08 -8.59
C LYS C 32 3.70 -21.41 -7.84
N LEU C 33 4.56 -20.43 -7.58
CA LEU C 33 5.87 -20.69 -7.02
C LEU C 33 6.06 -20.19 -5.60
N ILE C 34 5.41 -19.09 -5.21
CA ILE C 34 5.66 -18.49 -3.91
C ILE C 34 4.56 -18.85 -2.93
N PHE C 35 3.33 -18.44 -3.22
CA PHE C 35 2.23 -18.56 -2.26
C PHE C 35 1.95 -19.99 -1.79
N PRO C 36 2.04 -21.04 -2.62
CA PRO C 36 1.77 -22.39 -2.09
C PRO C 36 2.75 -22.86 -1.02
N TYR C 37 3.90 -22.19 -0.85
CA TYR C 37 4.90 -22.66 0.09
C TYR C 37 5.32 -21.64 1.13
N VAL C 38 5.04 -20.35 0.92
CA VAL C 38 5.48 -19.30 1.82
C VAL C 38 4.31 -18.39 2.15
N GLU C 39 4.18 -18.05 3.43
CA GLU C 39 3.26 -17.01 3.89
C GLU C 39 4.07 -15.75 4.18
N LEU C 40 3.63 -14.63 3.60
CA LEU C 40 4.36 -13.37 3.72
C LEU C 40 3.48 -12.30 4.34
N ASP C 41 4.08 -11.49 5.22
CA ASP C 41 3.51 -10.21 5.61
C ASP C 41 3.79 -9.27 4.45
N LEU C 42 2.89 -9.30 3.47
CA LEU C 42 3.15 -8.72 2.16
C LEU C 42 2.78 -7.24 2.13
N HIS C 43 3.78 -6.38 1.90
CA HIS C 43 3.57 -4.95 1.69
C HIS C 43 3.50 -4.73 0.18
N SER C 44 2.29 -4.80 -0.36
CA SER C 44 2.07 -4.85 -1.80
C SER C 44 1.67 -3.48 -2.33
N TYR C 45 2.41 -2.98 -3.32
CA TYR C 45 2.16 -1.69 -3.94
C TYR C 45 1.98 -1.90 -5.44
N ASP C 46 0.91 -1.32 -5.98
CA ASP C 46 0.56 -1.49 -7.41
C ASP C 46 1.16 -0.33 -8.19
N LEU C 47 2.29 -0.58 -8.84
CA LEU C 47 2.92 0.41 -9.71
C LEU C 47 2.48 0.25 -11.17
N GLY C 48 1.31 -0.33 -11.40
CA GLY C 48 0.71 -0.29 -12.72
C GLY C 48 0.56 1.15 -13.17
N ILE C 49 0.69 1.39 -14.48
CA ILE C 49 0.74 2.77 -14.96
C ILE C 49 -0.55 3.50 -14.63
N GLU C 50 -1.69 2.82 -14.74
CA GLU C 50 -2.97 3.47 -14.49
C GLU C 50 -3.12 3.88 -13.02
N ASN C 51 -2.62 3.03 -12.11
CA ASN C 51 -2.71 3.37 -10.69
C ASN C 51 -1.69 4.42 -10.29
N ARG C 52 -0.53 4.46 -10.94
CA ARG C 52 0.38 5.57 -10.72
C ARG C 52 -0.25 6.89 -11.17
N ASP C 53 -0.95 6.86 -12.30
CA ASP C 53 -1.66 8.04 -12.77
C ASP C 53 -2.77 8.44 -11.81
N ALA C 54 -3.55 7.45 -11.34
CA ALA C 54 -4.70 7.76 -10.50
C ALA C 54 -4.27 8.32 -9.15
N THR C 55 -3.12 7.86 -8.63
CA THR C 55 -2.58 8.34 -7.37
C THR C 55 -1.58 9.46 -7.54
N ASN C 56 -1.43 9.99 -8.77
CA ASN C 56 -0.44 11.02 -9.06
C ASN C 56 0.95 10.59 -8.63
N ASP C 57 1.28 9.33 -8.89
CA ASP C 57 2.59 8.71 -8.63
C ASP C 57 2.90 8.61 -7.14
N GLN C 58 1.95 8.89 -6.26
CA GLN C 58 2.22 8.78 -4.82
C GLN C 58 2.53 7.34 -4.43
N VAL C 59 1.92 6.37 -5.11
CA VAL C 59 2.17 4.97 -4.79
C VAL C 59 3.62 4.62 -5.02
N THR C 60 4.28 5.27 -5.99
CA THR C 60 5.69 5.00 -6.24
C THR C 60 6.54 5.45 -5.06
N LYS C 61 6.31 6.67 -4.57
CA LYS C 61 7.06 7.17 -3.42
C LYS C 61 6.77 6.33 -2.18
N ASP C 62 5.50 5.95 -1.99
CA ASP C 62 5.16 5.13 -0.82
C ASP C 62 5.87 3.78 -0.87
N ALA C 63 5.99 3.19 -2.06
CA ALA C 63 6.69 1.93 -2.19
C ALA C 63 8.15 2.07 -1.79
N ALA C 64 8.82 3.11 -2.30
CA ALA C 64 10.22 3.35 -1.92
C ALA C 64 10.33 3.58 -0.41
N GLU C 65 9.36 4.27 0.18
CA GLU C 65 9.33 4.42 1.63
C GLU C 65 9.24 3.07 2.32
N ALA C 66 8.41 2.18 1.80
CA ALA C 66 8.23 0.87 2.43
C ALA C 66 9.49 0.02 2.34
N ILE C 67 10.22 0.12 1.23
CA ILE C 67 11.46 -0.63 1.09
C ILE C 67 12.47 -0.17 2.13
N LYS C 68 12.56 1.14 2.35
CA LYS C 68 13.48 1.68 3.35
C LYS C 68 13.14 1.16 4.74
N LYS C 69 11.85 1.02 5.04
CA LYS C 69 11.42 0.64 6.38
C LYS C 69 11.57 -0.86 6.61
N HIS C 70 11.30 -1.68 5.59
CA HIS C 70 11.27 -3.12 5.75
C HIS C 70 12.48 -3.84 5.15
N ASN C 71 13.35 -3.10 4.43
CA ASN C 71 14.66 -3.57 3.97
C ASN C 71 14.64 -4.57 2.82
N VAL C 72 13.46 -5.05 2.40
CA VAL C 72 13.38 -6.03 1.31
C VAL C 72 12.32 -5.59 0.32
N GLY C 73 12.74 -5.35 -0.92
CA GLY C 73 11.83 -5.00 -2.00
C GLY C 73 12.04 -5.91 -3.19
N VAL C 74 10.94 -6.32 -3.83
CA VAL C 74 10.95 -7.08 -5.08
C VAL C 74 10.02 -6.38 -6.05
N LYS C 75 10.55 -5.99 -7.21
CA LYS C 75 9.86 -5.09 -8.12
C LYS C 75 9.61 -5.75 -9.47
N CYS C 76 8.39 -5.59 -9.96
CA CYS C 76 8.01 -5.94 -11.32
C CYS C 76 8.34 -4.78 -12.26
N ALA C 77 8.69 -5.12 -13.50
CA ALA C 77 9.02 -4.10 -14.48
C ALA C 77 7.84 -3.16 -14.72
N THR C 78 8.14 -1.88 -14.96
CA THR C 78 7.12 -0.86 -15.11
C THR C 78 7.32 -0.08 -16.40
N ILE C 79 6.22 0.45 -16.93
CA ILE C 79 6.26 1.34 -18.09
C ILE C 79 6.80 2.70 -17.64
N THR C 80 7.90 3.13 -18.23
CA THR C 80 8.34 4.50 -18.05
C THR C 80 7.67 5.37 -19.10
N PRO C 81 6.85 6.34 -18.71
CA PRO C 81 6.08 7.10 -19.71
C PRO C 81 6.97 7.92 -20.63
N ASP C 82 6.61 7.92 -21.91
CA ASP C 82 7.07 8.93 -22.86
C ASP C 82 5.86 9.54 -23.55
N GLU C 83 6.08 10.29 -24.63
CA GLU C 83 4.98 10.96 -25.32
C GLU C 83 3.90 9.97 -25.74
N LYS C 84 4.32 8.81 -26.25
CA LYS C 84 3.36 7.83 -26.76
C LYS C 84 2.58 7.18 -25.61
N ARG C 85 3.26 6.88 -24.51
CA ARG C 85 2.58 6.36 -23.34
C ARG C 85 1.55 7.34 -22.80
N VAL C 86 1.86 8.64 -22.85
CA VAL C 86 0.89 9.65 -22.44
C VAL C 86 -0.38 9.55 -23.29
N GLU C 87 -0.21 9.42 -24.61
CA GLU C 87 -1.35 9.26 -25.49
C GLU C 87 -2.05 7.93 -25.24
N GLU C 88 -1.27 6.84 -25.11
CA GLU C 88 -1.85 5.51 -24.99
C GLU C 88 -2.77 5.40 -23.79
N PHE C 89 -2.40 6.03 -22.67
CA PHE C 89 -3.14 5.88 -21.42
C PHE C 89 -3.86 7.16 -20.98
N LYS C 90 -3.78 8.23 -21.76
CA LYS C 90 -4.36 9.53 -21.41
C LYS C 90 -3.87 9.96 -20.02
N LEU C 91 -2.55 10.04 -19.89
CA LEU C 91 -1.92 10.30 -18.62
C LEU C 91 -1.95 11.79 -18.29
N LYS C 92 -2.04 12.09 -16.99
CA LYS C 92 -2.08 13.48 -16.54
C LYS C 92 -0.79 14.20 -16.87
N GLN C 93 0.34 13.49 -16.86
CA GLN C 93 1.63 14.07 -17.20
C GLN C 93 2.62 12.93 -17.42
N MET C 94 3.78 13.28 -17.97
CA MET C 94 4.82 12.29 -18.27
C MET C 94 5.54 11.93 -16.97
N TRP C 95 4.92 11.02 -16.22
CA TRP C 95 5.42 10.62 -14.92
C TRP C 95 6.85 10.10 -15.02
N LYS C 96 7.68 10.48 -14.06
CA LYS C 96 9.06 10.02 -14.01
C LYS C 96 9.12 8.52 -13.82
N SER C 97 10.24 7.94 -14.22
CA SER C 97 10.50 6.52 -14.09
C SER C 97 10.37 6.08 -12.63
N PRO C 98 9.52 5.09 -12.32
CA PRO C 98 9.48 4.55 -10.96
C PRO C 98 10.86 4.11 -10.49
N ASN C 99 11.63 3.50 -11.38
CA ASN C 99 12.98 3.06 -11.05
C ASN C 99 13.85 4.26 -10.64
N GLY C 100 13.75 5.36 -11.40
CA GLY C 100 14.49 6.55 -11.03
C GLY C 100 14.04 7.13 -9.69
N THR C 101 12.73 7.11 -9.43
CA THR C 101 12.22 7.61 -8.16
C THR C 101 12.70 6.75 -7.00
N ILE C 102 12.57 5.43 -7.13
CA ILE C 102 12.99 4.53 -6.06
C ILE C 102 14.49 4.64 -5.83
N ARG C 103 15.27 4.66 -6.92
CA ARG C 103 16.72 4.73 -6.81
C ARG C 103 17.17 5.99 -6.09
N ASN C 104 16.56 7.13 -6.41
CA ASN C 104 16.94 8.38 -5.77
C ASN C 104 16.67 8.34 -4.27
N ILE C 105 15.52 7.79 -3.87
CA ILE C 105 15.18 7.76 -2.45
C ILE C 105 16.07 6.78 -1.70
N LEU C 106 16.34 5.62 -2.28
CA LEU C 106 17.08 4.58 -1.57
C LEU C 106 18.59 4.76 -1.70
N GLY C 107 19.07 5.22 -2.85
CA GLY C 107 20.50 5.29 -3.10
C GLY C 107 21.15 3.91 -3.13
N GLY C 108 22.46 3.87 -3.32
CA GLY C 108 23.17 2.61 -3.27
C GLY C 108 23.86 2.20 -4.56
N THR C 109 24.12 0.91 -4.70
CA THR C 109 24.91 0.35 -5.78
C THR C 109 24.12 -0.75 -6.47
N VAL C 110 24.08 -0.72 -7.80
CA VAL C 110 23.41 -1.74 -8.59
C VAL C 110 24.40 -2.83 -8.94
N PHE C 111 24.00 -4.08 -8.71
CA PHE C 111 24.78 -5.25 -9.08
C PHE C 111 23.98 -6.07 -10.09
N ARG C 112 24.62 -6.39 -11.21
CA ARG C 112 24.02 -7.19 -12.26
C ARG C 112 24.71 -8.55 -12.31
N GLU C 113 23.93 -9.58 -12.67
CA GLU C 113 24.47 -10.93 -12.72
C GLU C 113 23.64 -11.76 -13.69
N ALA C 114 24.31 -12.43 -14.62
CA ALA C 114 23.62 -13.37 -15.49
C ALA C 114 23.39 -14.69 -14.76
N ILE C 115 22.33 -15.38 -15.14
CA ILE C 115 22.01 -16.70 -14.62
C ILE C 115 22.53 -17.72 -15.62
N ILE C 116 23.45 -18.57 -15.18
CA ILE C 116 24.24 -19.43 -16.06
C ILE C 116 23.68 -20.84 -16.03
N CYS C 117 23.44 -21.40 -17.21
CA CYS C 117 23.04 -22.79 -17.37
C CYS C 117 24.08 -23.51 -18.24
N LYS C 118 24.29 -24.79 -17.93
CA LYS C 118 25.31 -25.56 -18.64
C LYS C 118 24.99 -25.71 -20.11
N ASN C 119 23.70 -25.83 -20.46
CA ASN C 119 23.28 -26.08 -21.84
C ASN C 119 22.91 -24.80 -22.58
N ILE C 120 23.20 -23.63 -22.01
CA ILE C 120 22.92 -22.35 -22.64
C ILE C 120 24.26 -21.66 -22.92
N PRO C 121 24.54 -21.26 -24.15
CA PRO C 121 25.85 -20.70 -24.45
C PRO C 121 26.05 -19.34 -23.81
N ARG C 122 27.32 -19.00 -23.59
CA ARG C 122 27.73 -17.70 -23.07
C ARG C 122 28.45 -16.96 -24.18
N LEU C 123 28.42 -15.62 -24.11
CA LEU C 123 29.07 -14.81 -25.13
C LEU C 123 30.53 -15.18 -25.28
N VAL C 124 31.24 -15.30 -24.16
CA VAL C 124 32.56 -15.92 -24.12
C VAL C 124 32.38 -17.28 -23.47
N SER C 125 32.72 -18.34 -24.20
CA SER C 125 32.42 -19.69 -23.73
C SER C 125 33.22 -20.06 -22.49
N GLY C 126 34.37 -19.42 -22.26
CA GLY C 126 35.13 -19.69 -21.05
C GLY C 126 34.41 -19.31 -19.77
N TRP C 127 33.40 -18.44 -19.87
CA TRP C 127 32.61 -18.06 -18.70
C TRP C 127 31.72 -19.24 -18.32
N VAL C 128 32.13 -19.98 -17.29
CA VAL C 128 31.32 -21.06 -16.75
C VAL C 128 30.78 -20.75 -15.36
N LYS C 129 31.17 -19.62 -14.77
CA LYS C 129 30.60 -19.08 -13.55
C LYS C 129 30.07 -17.68 -13.83
N PRO C 130 29.00 -17.26 -13.14
CA PRO C 130 28.46 -15.92 -13.38
C PRO C 130 29.47 -14.84 -13.00
N ILE C 131 29.31 -13.68 -13.63
CA ILE C 131 30.11 -12.50 -13.34
C ILE C 131 29.17 -11.41 -12.84
N ILE C 132 29.51 -10.80 -11.71
CA ILE C 132 28.73 -9.74 -11.11
C ILE C 132 29.40 -8.41 -11.43
N ILE C 133 28.64 -7.48 -12.00
CA ILE C 133 29.12 -6.13 -12.29
C ILE C 133 28.45 -5.15 -11.35
N GLY C 134 29.26 -4.37 -10.66
CA GLY C 134 28.76 -3.34 -9.75
C GLY C 134 29.04 -1.96 -10.32
N HIS C 135 28.04 -1.08 -10.19
CA HIS C 135 28.16 0.31 -10.59
C HIS C 135 27.20 1.11 -9.72
N HIS C 136 27.61 2.33 -9.38
CA HIS C 136 26.80 3.13 -8.48
C HIS C 136 25.51 3.58 -9.17
N ALA C 137 24.53 3.90 -8.34
CA ALA C 137 23.24 4.39 -8.83
C ALA C 137 23.19 5.91 -8.80
N ASP C 140 26.71 9.30 -13.47
CA ASP C 140 27.88 10.14 -13.73
C ASP C 140 27.61 11.12 -14.87
N GLN C 141 27.51 10.60 -16.10
CA GLN C 141 26.99 11.41 -17.20
C GLN C 141 25.47 11.57 -17.14
N TYR C 142 24.80 10.82 -16.25
CA TYR C 142 23.36 10.94 -16.07
C TYR C 142 22.96 12.11 -15.19
N ARG C 143 23.90 12.66 -14.42
CA ARG C 143 23.69 13.89 -13.69
C ARG C 143 24.70 14.96 -14.11
N ALA C 144 25.11 14.91 -15.37
CA ALA C 144 25.99 15.89 -15.98
C ALA C 144 25.21 17.14 -16.41
N THR C 145 25.94 18.23 -16.59
CA THR C 145 25.39 19.49 -17.09
C THR C 145 26.07 19.78 -18.42
N ASP C 146 25.36 19.51 -19.52
CA ASP C 146 25.88 19.67 -20.86
C ASP C 146 25.18 20.83 -21.55
N PHE C 147 25.91 21.49 -22.45
CA PHE C 147 25.40 22.64 -23.18
C PHE C 147 26.17 22.82 -24.48
N VAL C 148 25.55 23.56 -25.41
CA VAL C 148 26.11 23.95 -26.70
C VAL C 148 26.94 25.20 -26.53
N VAL C 149 28.08 25.27 -27.22
CA VAL C 149 28.90 26.47 -27.29
C VAL C 149 28.62 27.12 -28.65
N PRO C 150 27.93 28.27 -28.69
CA PRO C 150 27.49 28.78 -29.99
C PRO C 150 28.61 29.32 -30.85
N GLY C 151 29.70 29.80 -30.25
CA GLY C 151 30.78 30.37 -31.00
C GLY C 151 32.01 30.57 -30.15
N PRO C 152 32.95 31.38 -30.63
CA PRO C 152 34.22 31.55 -29.91
C PRO C 152 34.01 32.10 -28.52
N GLY C 153 34.88 31.68 -27.62
CA GLY C 153 34.78 32.09 -26.23
C GLY C 153 35.56 31.14 -25.34
N LYS C 154 35.36 31.32 -24.03
CA LYS C 154 36.10 30.59 -23.01
C LYS C 154 35.12 29.82 -22.14
N VAL C 155 35.38 28.53 -21.98
CA VAL C 155 34.66 27.68 -21.03
C VAL C 155 35.58 27.40 -19.85
N GLU C 156 35.13 27.75 -18.65
CA GLU C 156 35.86 27.49 -17.42
C GLU C 156 34.98 26.74 -16.45
N ILE C 157 35.62 26.07 -15.49
CA ILE C 157 34.94 25.40 -14.40
C ILE C 157 35.61 25.84 -13.10
N THR C 158 34.81 26.25 -12.13
CA THR C 158 35.32 26.86 -10.91
C THR C 158 34.79 26.14 -9.68
N TYR C 159 35.56 26.22 -8.59
CA TYR C 159 35.19 25.68 -7.29
C TYR C 159 35.23 26.82 -6.28
N THR C 160 34.09 27.11 -5.66
CA THR C 160 34.02 28.18 -4.66
C THR C 160 33.79 27.57 -3.28
N PRO C 161 34.83 27.46 -2.45
CA PRO C 161 34.66 26.83 -1.13
C PRO C 161 33.65 27.59 -0.27
N SER C 162 32.97 26.84 0.59
CA SER C 162 31.90 27.37 1.43
C SER C 162 32.41 28.23 2.58
N ASP C 163 33.73 28.36 2.77
CA ASP C 163 34.27 29.07 3.93
C ASP C 163 34.92 30.39 3.55
N GLY C 164 34.57 30.96 2.39
CA GLY C 164 35.09 32.24 1.96
C GLY C 164 36.50 32.21 1.38
N THR C 165 37.20 31.09 1.46
CA THR C 165 38.57 31.05 0.97
C THR C 165 38.61 31.10 -0.56
N GLN C 166 39.82 31.21 -1.08
CA GLN C 166 40.07 31.50 -2.49
C GLN C 166 39.43 30.49 -3.43
N LYS C 167 38.61 30.99 -4.35
CA LYS C 167 38.04 30.12 -5.38
C LYS C 167 39.10 29.75 -6.41
N VAL C 168 38.95 28.54 -6.97
CA VAL C 168 39.89 27.99 -7.92
C VAL C 168 39.22 27.88 -9.28
N THR C 169 39.89 28.34 -10.32
CA THR C 169 39.36 28.36 -11.68
C THR C 169 40.19 27.45 -12.57
N TYR C 170 39.50 26.63 -13.36
CA TYR C 170 40.13 25.72 -14.31
C TYR C 170 39.60 26.04 -15.71
N LEU C 171 40.52 26.19 -16.66
CA LEU C 171 40.13 26.37 -18.05
C LEU C 171 39.78 25.03 -18.67
N VAL C 172 38.53 24.87 -19.09
CA VAL C 172 38.15 23.68 -19.84
C VAL C 172 38.64 23.77 -21.28
N HIS C 173 38.28 24.85 -21.98
CA HIS C 173 38.71 25.04 -23.34
C HIS C 173 38.56 26.50 -23.75
N ASN C 174 39.44 26.92 -24.66
CA ASN C 174 39.41 28.23 -25.27
C ASN C 174 38.99 28.04 -26.73
N PHE C 175 37.72 28.28 -27.02
CA PHE C 175 37.20 28.20 -28.39
C PHE C 175 37.69 29.42 -29.15
N GLU C 176 38.77 29.27 -29.92
CA GLU C 176 39.28 30.39 -30.70
C GLU C 176 38.50 30.58 -31.99
N GLU C 177 38.08 29.47 -32.61
CA GLU C 177 37.30 29.50 -33.84
C GLU C 177 36.05 28.64 -33.67
N GLY C 178 34.92 29.14 -34.16
CA GLY C 178 33.69 28.40 -34.10
C GLY C 178 33.25 28.04 -32.69
N GLY C 179 32.21 27.20 -32.64
CA GLY C 179 31.65 26.75 -31.38
C GLY C 179 31.77 25.25 -31.16
N GLY C 180 30.81 24.68 -30.45
CA GLY C 180 30.84 23.26 -30.13
C GLY C 180 29.99 22.90 -28.94
N VAL C 181 30.49 22.01 -28.08
CA VAL C 181 29.80 21.58 -26.88
C VAL C 181 30.77 21.48 -25.72
N ALA C 182 30.22 21.55 -24.51
CA ALA C 182 30.99 21.43 -23.28
C ALA C 182 30.07 20.89 -22.20
N MET C 183 30.67 20.35 -21.14
CA MET C 183 29.84 19.81 -20.06
C MET C 183 30.66 19.66 -18.80
N GLY C 184 29.96 19.56 -17.68
CA GLY C 184 30.58 19.32 -16.39
C GLY C 184 29.94 18.12 -15.71
N MET C 185 30.77 17.34 -15.01
CA MET C 185 30.33 16.18 -14.26
C MET C 185 30.96 16.21 -12.87
N TYR C 186 30.36 15.46 -11.95
CA TYR C 186 30.80 15.46 -10.57
C TYR C 186 30.55 14.10 -9.93
N ASN C 187 31.17 13.89 -8.78
CA ASN C 187 30.92 12.72 -7.96
C ASN C 187 31.36 13.04 -6.55
N GLN C 188 30.65 12.48 -5.57
CA GLN C 188 30.89 12.75 -4.17
C GLN C 188 31.66 11.61 -3.53
N ASP C 189 32.58 11.96 -2.62
CA ASP C 189 33.35 10.96 -1.89
C ASP C 189 32.45 9.91 -1.25
N LYS C 190 31.37 10.36 -0.61
CA LYS C 190 30.48 9.42 0.09
C LYS C 190 29.88 8.41 -0.87
N SER C 191 29.57 8.85 -2.10
CA SER C 191 29.07 7.92 -3.11
C SER C 191 30.13 6.89 -3.49
N ILE C 192 31.36 7.34 -3.70
CA ILE C 192 32.45 6.42 -4.00
C ILE C 192 32.65 5.46 -2.82
N GLU C 193 32.58 5.97 -1.60
CA GLU C 193 32.78 5.14 -0.43
C GLU C 193 31.70 4.07 -0.30
N ASP C 194 30.43 4.47 -0.47
CA ASP C 194 29.34 3.49 -0.46
C ASP C 194 29.56 2.43 -1.53
N PHE C 195 29.90 2.88 -2.74
CA PHE C 195 30.24 1.98 -3.84
C PHE C 195 31.31 0.97 -3.41
N ALA C 196 32.37 1.47 -2.77
CA ALA C 196 33.45 0.59 -2.32
C ALA C 196 32.94 -0.42 -1.29
N HIS C 197 32.30 0.08 -0.22
CA HIS C 197 31.87 -0.80 0.86
C HIS C 197 30.91 -1.87 0.36
N SER C 198 29.95 -1.49 -0.49
CA SER C 198 29.03 -2.48 -1.04
C SER C 198 29.76 -3.52 -1.87
N SER C 199 30.79 -3.10 -2.60
CA SER C 199 31.51 -4.03 -3.47
C SER C 199 32.37 -5.00 -2.66
N PHE C 200 33.07 -4.49 -1.65
CA PHE C 200 33.87 -5.37 -0.80
C PHE C 200 32.98 -6.38 -0.06
N GLN C 201 31.84 -5.92 0.47
CA GLN C 201 30.96 -6.81 1.21
C GLN C 201 30.35 -7.87 0.30
N MET C 202 29.89 -7.46 -0.88
CA MET C 202 29.42 -8.42 -1.87
C MET C 202 30.49 -9.46 -2.18
N ALA C 203 31.75 -9.02 -2.28
CA ALA C 203 32.84 -9.93 -2.60
C ALA C 203 33.05 -10.95 -1.48
N LEU C 204 32.97 -10.50 -0.23
CA LEU C 204 33.11 -11.43 0.89
C LEU C 204 31.90 -12.35 1.00
N SER C 205 30.72 -11.83 0.68
CA SER C 205 29.51 -12.64 0.74
C SER C 205 29.57 -13.80 -0.26
N LYS C 206 29.99 -13.51 -1.49
CA LYS C 206 30.10 -14.55 -2.49
C LYS C 206 31.33 -15.44 -2.28
N GLY C 207 32.36 -14.93 -1.62
CA GLY C 207 33.64 -15.60 -1.62
C GLY C 207 34.39 -15.46 -2.94
N TRP C 208 34.17 -14.36 -3.65
CA TRP C 208 34.75 -14.10 -4.97
C TRP C 208 35.66 -12.88 -4.93
N PRO C 209 36.74 -12.89 -5.71
CA PRO C 209 37.60 -11.71 -5.80
C PRO C 209 36.87 -10.53 -6.40
N LEU C 210 37.47 -9.35 -6.24
CA LEU C 210 36.88 -8.10 -6.67
C LEU C 210 37.88 -7.29 -7.48
N TYR C 211 37.40 -6.65 -8.55
CA TYR C 211 38.19 -5.75 -9.36
C TYR C 211 37.45 -4.44 -9.57
N LEU C 212 38.20 -3.34 -9.52
CA LEU C 212 37.72 -2.04 -9.90
C LEU C 212 38.47 -1.60 -11.15
N SER C 213 37.73 -1.12 -12.15
CA SER C 213 38.33 -0.62 -13.38
C SER C 213 38.07 0.88 -13.51
N THR C 214 39.13 1.61 -13.84
CA THR C 214 39.07 3.04 -14.09
C THR C 214 39.93 3.36 -15.31
N LYS C 215 39.82 4.60 -15.76
CA LYS C 215 40.76 5.16 -16.74
C LYS C 215 41.76 6.09 -16.05
N ASN C 216 42.31 5.55 -14.96
CA ASN C 216 43.26 6.21 -14.06
C ASN C 216 44.38 6.95 -14.79
N THR C 217 44.84 6.41 -15.91
CA THR C 217 45.95 7.02 -16.64
C THR C 217 45.52 8.24 -17.45
N ILE C 218 44.22 8.41 -17.67
CA ILE C 218 43.68 9.54 -18.44
C ILE C 218 43.05 10.57 -17.51
N LEU C 219 42.06 10.17 -16.73
CA LEU C 219 41.45 11.04 -15.73
C LEU C 219 42.19 10.81 -14.41
N LYS C 220 43.37 11.42 -14.31
CA LYS C 220 44.27 11.11 -13.20
C LYS C 220 43.72 11.58 -11.87
N LYS C 221 42.93 12.65 -11.86
CA LYS C 221 42.34 13.15 -10.63
C LYS C 221 40.98 12.52 -10.35
N TYR C 222 40.13 12.48 -11.37
CA TYR C 222 38.76 11.99 -11.21
C TYR C 222 38.75 10.49 -10.93
N ASP C 223 39.37 9.71 -11.82
CA ASP C 223 39.42 8.26 -11.62
C ASP C 223 40.46 7.87 -10.57
N GLY C 224 41.54 8.65 -10.43
CA GLY C 224 42.50 8.38 -9.37
C GLY C 224 41.88 8.46 -7.99
N ARG C 225 40.84 9.28 -7.83
CA ARG C 225 40.15 9.38 -6.55
C ARG C 225 39.40 8.10 -6.23
N PHE C 226 38.66 7.56 -7.21
CA PHE C 226 38.03 6.26 -7.05
C PHE C 226 39.04 5.22 -6.61
N LYS C 227 40.16 5.13 -7.32
CA LYS C 227 41.19 4.14 -7.02
C LYS C 227 41.70 4.28 -5.59
N ASP C 228 42.00 5.52 -5.18
CA ASP C 228 42.57 5.73 -3.85
C ASP C 228 41.55 5.42 -2.75
N ILE C 229 40.29 5.78 -2.95
CA ILE C 229 39.26 5.51 -1.95
C ILE C 229 39.05 4.01 -1.81
N PHE C 230 38.88 3.32 -2.94
CA PHE C 230 38.76 1.86 -2.91
C PHE C 230 39.97 1.23 -2.24
N GLN C 231 41.17 1.72 -2.55
CA GLN C 231 42.39 1.12 -2.04
C GLN C 231 42.54 1.34 -0.54
N GLU C 232 42.27 2.57 -0.06
CA GLU C 232 42.40 2.85 1.36
C GLU C 232 41.38 2.08 2.17
N ILE C 233 40.14 1.98 1.66
CA ILE C 233 39.12 1.21 2.37
C ILE C 233 39.49 -0.26 2.40
N TYR C 234 39.98 -0.79 1.28
CA TYR C 234 40.42 -2.18 1.25
C TYR C 234 41.56 -2.44 2.23
N ASP C 235 42.64 -1.66 2.09
CA ASP C 235 43.82 -1.86 2.93
C ASP C 235 43.48 -1.84 4.41
N LYS C 236 42.64 -0.90 4.83
CA LYS C 236 42.39 -0.70 6.25
C LYS C 236 41.23 -1.52 6.80
N GLN C 237 40.23 -1.87 5.97
CA GLN C 237 38.98 -2.39 6.51
C GLN C 237 38.54 -3.74 5.96
N TYR C 238 39.17 -4.26 4.90
CA TYR C 238 38.71 -5.52 4.33
C TYR C 238 39.82 -6.47 3.93
N LYS C 239 41.08 -6.02 3.85
CA LYS C 239 42.15 -6.84 3.30
C LYS C 239 42.34 -8.14 4.08
N SER C 240 42.34 -8.05 5.42
CA SER C 240 42.56 -9.25 6.22
C SER C 240 41.42 -10.25 6.06
N GLN C 241 40.19 -9.77 5.84
CA GLN C 241 39.08 -10.68 5.63
CA GLN C 241 39.07 -10.68 5.63
C GLN C 241 39.17 -11.36 4.27
N PHE C 242 39.66 -10.63 3.26
CA PHE C 242 39.82 -11.20 1.94
C PHE C 242 40.87 -12.30 1.93
N GLU C 243 42.01 -12.05 2.60
CA GLU C 243 43.06 -13.06 2.68
C GLU C 243 42.60 -14.28 3.45
N ALA C 244 41.76 -14.08 4.47
CA ALA C 244 41.25 -15.21 5.24
C ALA C 244 40.38 -16.11 4.37
N GLN C 245 39.58 -15.53 3.48
CA GLN C 245 38.76 -16.29 2.53
C GLN C 245 39.48 -16.57 1.23
N LYS C 246 40.79 -16.31 1.15
CA LYS C 246 41.63 -16.64 0.00
C LYS C 246 41.26 -15.85 -1.25
N ILE C 247 40.54 -14.75 -1.12
CA ILE C 247 40.24 -13.89 -2.26
C ILE C 247 41.07 -12.62 -2.17
N TRP C 248 40.85 -11.69 -3.10
CA TRP C 248 41.69 -10.51 -3.21
C TRP C 248 40.92 -9.39 -3.88
N TYR C 249 41.44 -8.18 -3.75
CA TYR C 249 40.98 -7.02 -4.50
C TYR C 249 42.15 -6.42 -5.26
N GLU C 250 41.90 -5.96 -6.48
CA GLU C 250 42.93 -5.27 -7.24
C GLU C 250 42.32 -4.30 -8.23
N HIS C 251 42.99 -3.16 -8.39
CA HIS C 251 42.61 -2.20 -9.42
C HIS C 251 43.14 -2.63 -10.77
N ARG C 252 42.37 -2.33 -11.81
CA ARG C 252 42.78 -2.64 -13.18
C ARG C 252 42.42 -1.46 -14.07
N LEU C 253 43.30 -1.16 -15.02
CA LEU C 253 42.93 -0.26 -16.09
C LEU C 253 41.83 -0.91 -16.93
N ILE C 254 40.89 -0.10 -17.39
CA ILE C 254 39.72 -0.63 -18.12
C ILE C 254 40.17 -1.43 -19.34
N ASP C 255 41.24 -0.99 -20.01
CA ASP C 255 41.77 -1.71 -21.16
C ASP C 255 42.18 -3.12 -20.76
N ASP C 256 42.99 -3.24 -19.71
CA ASP C 256 43.44 -4.56 -19.26
C ASP C 256 42.26 -5.37 -18.72
N MET C 257 41.32 -4.72 -18.04
CA MET C 257 40.22 -5.45 -17.41
C MET C 257 39.33 -6.12 -18.44
N VAL C 258 39.09 -5.45 -19.57
CA VAL C 258 38.34 -6.06 -20.66
C VAL C 258 39.00 -7.36 -21.09
N ALA C 259 40.32 -7.33 -21.29
CA ALA C 259 41.04 -8.51 -21.72
C ALA C 259 41.03 -9.59 -20.62
N GLN C 260 41.27 -9.18 -19.37
CA GLN C 260 41.29 -10.14 -18.28
C GLN C 260 39.95 -10.84 -18.12
N ALA C 261 38.86 -10.06 -18.17
CA ALA C 261 37.53 -10.65 -18.02
C ALA C 261 37.23 -11.65 -19.12
N MET C 262 37.65 -11.35 -20.35
CA MET C 262 37.38 -12.25 -21.47
C MET C 262 38.20 -13.53 -21.40
N LYS C 263 39.33 -13.52 -20.69
CA LYS C 263 40.15 -14.71 -20.50
C LYS C 263 39.83 -15.44 -19.20
N SER C 264 38.90 -14.91 -18.40
CA SER C 264 38.54 -15.49 -17.12
C SER C 264 37.47 -16.57 -17.30
N GLU C 265 37.32 -17.39 -16.26
CA GLU C 265 36.24 -18.36 -16.19
C GLU C 265 34.99 -17.82 -15.53
N GLY C 266 35.00 -16.56 -15.12
CA GLY C 266 33.92 -15.99 -14.33
C GLY C 266 34.18 -16.10 -12.84
N GLY C 267 33.10 -15.95 -12.08
CA GLY C 267 33.21 -16.06 -10.64
C GLY C 267 34.00 -14.95 -9.98
N PHE C 268 33.84 -13.72 -10.45
CA PHE C 268 34.45 -12.56 -9.82
C PHE C 268 33.45 -11.41 -9.84
N ILE C 269 33.77 -10.37 -9.08
CA ILE C 269 32.95 -9.17 -9.02
C ILE C 269 33.74 -8.02 -9.63
N TRP C 270 33.06 -7.24 -10.46
CA TRP C 270 33.69 -6.20 -11.26
C TRP C 270 32.98 -4.87 -10.99
N ALA C 271 33.64 -3.99 -10.26
CA ALA C 271 33.14 -2.64 -10.04
C ALA C 271 33.61 -1.75 -11.19
N CYS C 272 32.66 -1.14 -11.89
CA CYS C 272 32.94 -0.30 -13.04
C CYS C 272 32.62 1.15 -12.70
N LYS C 273 33.64 2.01 -12.75
CA LYS C 273 33.45 3.45 -12.62
C LYS C 273 32.64 3.96 -13.79
N ASN C 274 33.24 3.93 -14.97
CA ASN C 274 32.56 4.22 -16.23
C ASN C 274 31.65 3.04 -16.55
N TYR C 275 30.34 3.17 -16.26
CA TYR C 275 29.44 2.07 -16.58
C TYR C 275 28.05 2.55 -16.94
N ASP C 276 27.60 2.11 -18.12
CA ASP C 276 26.21 2.21 -18.57
C ASP C 276 25.65 0.80 -18.55
N GLY C 277 24.97 0.45 -17.45
CA GLY C 277 24.40 -0.89 -17.35
C GLY C 277 23.44 -1.22 -18.47
N ASP C 278 22.73 -0.22 -18.98
CA ASP C 278 21.80 -0.46 -20.08
C ASP C 278 22.53 -0.90 -21.33
N VAL C 279 23.75 -0.40 -21.55
CA VAL C 279 24.48 -0.66 -22.79
C VAL C 279 25.36 -1.90 -22.64
N GLN C 280 26.25 -1.90 -21.65
CA GLN C 280 27.27 -2.93 -21.56
C GLN C 280 26.74 -4.25 -21.01
N SER C 281 25.58 -4.24 -20.37
CA SER C 281 24.96 -5.47 -19.86
C SER C 281 23.64 -5.75 -20.57
N ASP C 282 22.64 -4.90 -20.40
CA ASP C 282 21.29 -5.23 -20.85
C ASP C 282 21.22 -5.33 -22.38
N SER C 283 21.78 -4.36 -23.09
CA SER C 283 21.69 -4.37 -24.55
C SER C 283 22.49 -5.51 -25.15
N VAL C 284 23.67 -5.80 -24.58
CA VAL C 284 24.43 -6.96 -25.04
C VAL C 284 23.64 -8.24 -24.84
N ALA C 285 23.05 -8.41 -23.65
CA ALA C 285 22.29 -9.61 -23.36
C ALA C 285 21.04 -9.69 -24.25
N GLN C 286 20.41 -8.54 -24.51
CA GLN C 286 19.27 -8.53 -25.43
C GLN C 286 19.69 -8.93 -26.83
N GLY C 287 20.77 -8.32 -27.34
CA GLY C 287 21.27 -8.71 -28.65
C GLY C 287 21.68 -10.17 -28.70
N TYR C 288 22.27 -10.68 -27.62
CA TYR C 288 22.67 -12.08 -27.55
C TYR C 288 21.48 -13.00 -27.31
N GLY C 289 20.39 -12.47 -26.75
CA GLY C 289 19.22 -13.27 -26.45
C GLY C 289 19.17 -13.85 -25.05
N SER C 290 19.90 -13.28 -24.09
CA SER C 290 19.94 -13.77 -22.72
C SER C 290 19.36 -12.77 -21.73
N LEU C 291 18.64 -11.75 -22.21
CA LEU C 291 18.13 -10.71 -21.32
C LEU C 291 17.10 -11.26 -20.33
N GLY C 292 16.42 -12.35 -20.70
CA GLY C 292 15.52 -13.00 -19.77
C GLY C 292 16.21 -13.70 -18.61
N MET C 293 17.55 -13.78 -18.64
CA MET C 293 18.32 -14.40 -17.59
C MET C 293 19.17 -13.37 -16.83
N MET C 294 18.94 -12.09 -17.05
CA MET C 294 19.77 -11.04 -16.45
C MET C 294 19.11 -10.54 -15.17
N THR C 295 19.77 -10.76 -14.03
CA THR C 295 19.27 -10.37 -12.72
C THR C 295 19.90 -9.04 -12.31
N SER C 296 19.24 -8.34 -11.41
CA SER C 296 19.71 -7.05 -10.91
C SER C 296 19.26 -6.85 -9.48
N VAL C 297 20.09 -6.14 -8.71
CA VAL C 297 19.80 -5.89 -7.31
C VAL C 297 20.45 -4.57 -6.90
N LEU C 298 19.70 -3.76 -6.16
CA LEU C 298 20.18 -2.48 -5.64
C LEU C 298 20.50 -2.65 -4.16
N VAL C 299 21.75 -2.39 -3.78
CA VAL C 299 22.23 -2.59 -2.42
C VAL C 299 22.44 -1.23 -1.79
N CYS C 300 21.63 -0.93 -0.76
CA CYS C 300 21.62 0.40 -0.18
C CYS C 300 22.83 0.61 0.74
N PRO C 301 23.22 1.87 0.96
CA PRO C 301 24.42 2.13 1.79
C PRO C 301 24.32 1.63 3.21
N ASP C 302 23.12 1.45 3.75
CA ASP C 302 22.99 1.00 5.14
C ASP C 302 23.50 -0.43 5.34
N GLY C 303 23.77 -1.15 4.26
CA GLY C 303 24.15 -2.55 4.37
C GLY C 303 23.04 -3.47 4.81
N LYS C 304 21.79 -3.01 4.73
CA LYS C 304 20.67 -3.77 5.27
C LYS C 304 19.51 -3.86 4.29
N THR C 305 19.34 -2.83 3.45
CA THR C 305 18.18 -2.70 2.58
C THR C 305 18.56 -3.07 1.14
N VAL C 306 17.71 -3.88 0.51
CA VAL C 306 17.96 -4.45 -0.80
C VAL C 306 16.69 -4.38 -1.63
N GLU C 307 16.83 -4.01 -2.91
CA GLU C 307 15.73 -4.04 -3.87
C GLU C 307 16.16 -4.89 -5.06
N ALA C 308 15.40 -5.96 -5.33
CA ALA C 308 15.72 -6.93 -6.37
C ALA C 308 14.70 -6.84 -7.50
N GLU C 309 15.18 -7.04 -8.73
CA GLU C 309 14.33 -6.93 -9.90
C GLU C 309 15.02 -7.60 -11.08
N ALA C 310 14.22 -7.95 -12.09
CA ALA C 310 14.76 -8.33 -13.37
C ALA C 310 15.41 -7.12 -14.04
N ALA C 311 16.47 -7.36 -14.80
CA ALA C 311 17.12 -6.28 -15.52
C ALA C 311 16.34 -5.85 -16.75
N HIS C 312 15.45 -6.70 -17.27
CA HIS C 312 14.72 -6.38 -18.48
C HIS C 312 13.45 -5.57 -18.14
N GLY C 313 12.78 -5.11 -19.19
CA GLY C 313 11.59 -4.31 -19.06
C GLY C 313 10.31 -5.13 -19.02
N THR C 314 9.20 -4.49 -19.41
CA THR C 314 7.90 -5.15 -19.38
C THR C 314 7.67 -6.07 -20.57
N VAL C 315 8.62 -6.13 -21.51
CA VAL C 315 8.53 -6.97 -22.72
C VAL C 315 7.26 -6.60 -23.48
N THR C 316 7.17 -5.33 -23.90
CA THR C 316 5.97 -4.85 -24.56
C THR C 316 5.64 -5.66 -25.81
N ARG C 317 6.65 -5.98 -26.62
CA ARG C 317 6.39 -6.64 -27.89
C ARG C 317 5.69 -7.98 -27.71
N HIS C 318 6.07 -8.74 -26.67
CA HIS C 318 5.37 -9.98 -26.38
C HIS C 318 3.95 -9.70 -25.90
N TYR C 319 3.76 -8.64 -25.12
CA TYR C 319 2.42 -8.30 -24.63
C TYR C 319 1.49 -7.97 -25.80
N ARG C 320 1.99 -7.23 -26.79
CA ARG C 320 1.20 -6.95 -27.98
C ARG C 320 0.80 -8.25 -28.69
N MET C 321 1.73 -9.19 -28.80
CA MET C 321 1.42 -10.50 -29.38
C MET C 321 0.31 -11.18 -28.59
N TYR C 322 0.45 -11.18 -27.26
CA TYR C 322 -0.59 -11.74 -26.39
C TYR C 322 -1.93 -11.06 -26.62
N GLN C 323 -1.92 -9.73 -26.77
CA GLN C 323 -3.17 -9.00 -26.97
C GLN C 323 -3.83 -9.35 -28.30
N LYS C 324 -3.05 -9.77 -29.29
CA LYS C 324 -3.59 -10.18 -30.59
C LYS C 324 -3.84 -11.68 -30.67
N GLY C 325 -3.73 -12.40 -29.57
CA GLY C 325 -4.01 -13.83 -29.57
C GLY C 325 -2.86 -14.71 -30.01
N GLN C 326 -1.68 -14.15 -30.26
CA GLN C 326 -0.54 -14.96 -30.64
C GLN C 326 0.08 -15.63 -29.41
N GLU C 327 0.62 -16.82 -29.62
CA GLU C 327 1.29 -17.53 -28.54
C GLU C 327 2.56 -16.79 -28.14
N THR C 328 2.79 -16.70 -26.84
CA THR C 328 3.99 -16.05 -26.30
C THR C 328 4.87 -17.07 -25.60
N SER C 329 6.18 -16.77 -25.58
CA SER C 329 7.16 -17.57 -24.85
C SER C 329 8.10 -16.56 -24.17
N THR C 330 7.66 -16.03 -23.04
CA THR C 330 8.38 -14.99 -22.32
C THR C 330 9.09 -15.60 -21.12
N ASN C 331 10.37 -15.28 -20.98
CA ASN C 331 11.22 -15.93 -19.98
C ASN C 331 10.95 -15.35 -18.59
N PRO C 332 10.50 -16.16 -17.63
CA PRO C 332 10.22 -15.65 -16.29
C PRO C 332 11.36 -15.78 -15.30
N ILE C 333 12.53 -16.26 -15.73
CA ILE C 333 13.59 -16.64 -14.80
C ILE C 333 14.10 -15.41 -14.04
N ALA C 334 14.40 -14.33 -14.75
CA ALA C 334 14.90 -13.12 -14.10
C ALA C 334 13.89 -12.57 -13.10
N SER C 335 12.61 -12.60 -13.47
CA SER C 335 11.57 -12.19 -12.52
C SER C 335 11.54 -13.12 -11.32
N ILE C 336 11.67 -14.42 -11.55
CA ILE C 336 11.72 -15.39 -10.45
C ILE C 336 12.90 -15.09 -9.54
N PHE C 337 14.07 -14.83 -10.13
CA PHE C 337 15.26 -14.56 -9.33
C PHE C 337 15.17 -13.24 -8.59
N ALA C 338 14.30 -12.32 -9.03
CA ALA C 338 14.01 -11.16 -8.19
C ALA C 338 13.36 -11.59 -6.89
N TRP C 339 12.46 -12.57 -6.95
CA TRP C 339 11.85 -13.08 -5.73
C TRP C 339 12.84 -13.87 -4.88
N THR C 340 13.64 -14.72 -5.52
CA THR C 340 14.56 -15.55 -4.73
C THR C 340 15.66 -14.72 -4.09
N ARG C 341 16.15 -13.69 -4.77
CA ARG C 341 17.15 -12.83 -4.14
C ARG C 341 16.55 -12.04 -2.99
N GLY C 342 15.31 -11.55 -3.16
CA GLY C 342 14.67 -10.83 -2.08
C GLY C 342 14.40 -11.72 -0.87
N LEU C 343 13.82 -12.89 -1.11
CA LEU C 343 13.54 -13.81 -0.02
C LEU C 343 14.83 -14.27 0.66
N ALA C 344 15.89 -14.50 -0.12
CA ALA C 344 17.16 -14.90 0.46
C ALA C 344 17.69 -13.82 1.38
N HIS C 345 17.55 -12.55 0.99
CA HIS C 345 17.99 -11.47 1.87
C HIS C 345 17.11 -11.35 3.10
N ARG C 346 15.79 -11.49 2.91
CA ARG C 346 14.88 -11.54 4.04
C ARG C 346 15.29 -12.63 5.03
N ALA C 347 15.62 -13.82 4.51
CA ALA C 347 16.00 -14.93 5.38
C ALA C 347 17.32 -14.65 6.09
N LYS C 348 18.26 -14.00 5.40
CA LYS C 348 19.52 -13.63 6.05
C LYS C 348 19.27 -12.68 7.22
N LEU C 349 18.48 -11.62 6.98
CA LEU C 349 18.22 -10.63 8.01
C LEU C 349 17.54 -11.26 9.23
N ASP C 350 16.64 -12.21 9.01
CA ASP C 350 15.88 -12.83 10.08
C ASP C 350 16.43 -14.18 10.52
N ASN C 351 17.53 -14.64 9.92
CA ASN C 351 18.06 -15.98 10.17
C ASN C 351 16.98 -17.04 10.00
N ASN C 352 16.27 -16.95 8.88
CA ASN C 352 15.19 -17.89 8.56
C ASN C 352 15.77 -19.03 7.75
N LYS C 353 16.10 -20.12 8.43
CA LYS C 353 16.67 -21.30 7.79
C LYS C 353 15.75 -21.85 6.72
N GLU C 354 14.46 -21.99 7.06
CA GLU C 354 13.51 -22.59 6.14
C GLU C 354 13.34 -21.72 4.89
N LEU C 355 13.22 -20.40 5.08
CA LEU C 355 13.06 -19.50 3.94
C LEU C 355 14.31 -19.50 3.07
N ALA C 356 15.49 -19.53 3.68
CA ALA C 356 16.72 -19.56 2.89
C ALA C 356 16.81 -20.82 2.05
N PHE C 357 16.43 -21.97 2.63
CA PHE C 357 16.43 -23.21 1.86
C PHE C 357 15.46 -23.11 0.68
N PHE C 358 14.28 -22.52 0.90
CA PHE C 358 13.32 -22.39 -0.18
C PHE C 358 13.86 -21.52 -1.30
N ALA C 359 14.44 -20.36 -0.95
CA ALA C 359 14.90 -19.43 -1.96
C ALA C 359 15.94 -20.08 -2.87
N ASN C 360 16.93 -20.75 -2.28
CA ASN C 360 17.96 -21.40 -3.07
C ASN C 360 17.39 -22.57 -3.86
N ALA C 361 16.42 -23.30 -3.28
CA ALA C 361 15.84 -24.44 -3.98
C ALA C 361 15.09 -24.00 -5.23
N LEU C 362 14.46 -22.82 -5.19
CA LEU C 362 13.73 -22.33 -6.36
C LEU C 362 14.69 -21.86 -7.46
N GLU C 363 15.86 -21.34 -7.08
CA GLU C 363 16.88 -21.04 -8.08
C GLU C 363 17.39 -22.33 -8.71
N GLU C 364 17.67 -23.34 -7.86
CA GLU C 364 18.12 -24.63 -8.36
C GLU C 364 17.11 -25.23 -9.32
N VAL C 365 15.82 -25.20 -8.94
CA VAL C 365 14.76 -25.72 -9.81
C VAL C 365 14.77 -25.00 -11.15
N SER C 366 14.86 -23.68 -11.12
CA SER C 366 14.83 -22.90 -12.37
C SER C 366 15.96 -23.30 -13.29
N ILE C 367 17.16 -23.48 -12.73
CA ILE C 367 18.31 -23.84 -13.55
C ILE C 367 18.21 -25.28 -14.04
N GLU C 368 17.81 -26.19 -13.15
CA GLU C 368 17.69 -27.61 -13.52
C GLU C 368 16.70 -27.80 -14.66
N THR C 369 15.57 -27.09 -14.61
CA THR C 369 14.55 -27.25 -15.64
C THR C 369 15.09 -26.92 -17.01
N ILE C 370 15.85 -25.84 -17.12
CA ILE C 370 16.40 -25.44 -18.42
C ILE C 370 17.50 -26.41 -18.85
N GLU C 371 18.33 -26.86 -17.91
CA GLU C 371 19.40 -27.79 -18.23
C GLU C 371 18.87 -29.18 -18.55
N ALA C 372 17.64 -29.50 -18.15
CA ALA C 372 17.01 -30.75 -18.55
C ALA C 372 16.39 -30.68 -19.94
N GLY C 373 16.34 -29.50 -20.56
CA GLY C 373 15.85 -29.34 -21.92
C GLY C 373 14.59 -28.51 -22.06
N PHE C 374 13.97 -28.10 -20.96
CA PHE C 374 12.71 -27.36 -21.00
C PHE C 374 12.98 -25.88 -20.82
N MET C 375 12.63 -25.08 -21.83
CA MET C 375 12.99 -23.67 -21.84
C MET C 375 12.01 -22.89 -22.70
N THR C 376 12.03 -21.57 -22.55
CA THR C 376 11.25 -20.69 -23.40
C THR C 376 12.01 -20.37 -24.68
N LYS C 377 11.30 -19.71 -25.61
CA LYS C 377 11.80 -19.56 -26.98
C LYS C 377 13.11 -18.80 -27.04
N ASP C 378 13.28 -17.79 -26.18
CA ASP C 378 14.49 -16.97 -26.23
C ASP C 378 15.73 -17.83 -26.02
N LEU C 379 15.66 -18.78 -25.10
CA LEU C 379 16.82 -19.63 -24.82
C LEU C 379 17.06 -20.61 -25.98
N ALA C 380 15.99 -21.22 -26.49
CA ALA C 380 16.12 -22.11 -27.64
C ALA C 380 16.77 -21.38 -28.82
N ALA C 381 16.33 -20.14 -29.08
CA ALA C 381 16.97 -19.35 -30.12
C ALA C 381 18.44 -19.10 -29.82
N CYS C 382 18.76 -18.86 -28.54
CA CYS C 382 20.15 -18.63 -28.15
C CYS C 382 21.01 -19.87 -28.42
N ILE C 383 20.42 -21.06 -28.29
CA ILE C 383 21.18 -22.30 -28.51
C ILE C 383 21.38 -22.53 -30.01
N LYS C 384 20.28 -22.58 -30.76
CA LYS C 384 20.27 -23.07 -32.13
C LYS C 384 20.20 -21.97 -33.18
N GLY C 385 20.06 -20.72 -32.77
CA GLY C 385 19.76 -19.67 -33.74
C GLY C 385 18.27 -19.68 -34.05
N LEU C 386 17.66 -18.50 -34.14
CA LEU C 386 16.22 -18.41 -34.36
C LEU C 386 15.73 -19.15 -35.61
N PRO C 387 16.40 -19.07 -36.77
CA PRO C 387 15.90 -19.82 -37.93
C PRO C 387 15.75 -21.31 -37.69
N ASN C 388 16.55 -21.89 -36.79
CA ASN C 388 16.56 -23.33 -36.57
C ASN C 388 15.58 -23.77 -35.48
N VAL C 389 14.88 -22.85 -34.84
CA VAL C 389 14.00 -23.18 -33.73
C VAL C 389 12.71 -23.77 -34.26
N GLN C 390 12.38 -24.98 -33.80
CA GLN C 390 11.08 -25.60 -34.00
C GLN C 390 10.22 -25.37 -32.76
N ARG C 391 8.91 -25.49 -32.93
CA ARG C 391 8.00 -25.33 -31.80
C ARG C 391 8.29 -26.36 -30.70
N SER C 392 8.75 -27.54 -31.07
CA SER C 392 9.08 -28.56 -30.08
C SER C 392 10.37 -28.25 -29.32
N ASP C 393 11.12 -27.22 -29.73
CA ASP C 393 12.35 -26.87 -29.03
C ASP C 393 12.11 -26.09 -27.74
N TYR C 394 10.90 -25.55 -27.54
CA TYR C 394 10.64 -24.70 -26.40
C TYR C 394 9.21 -24.92 -25.89
N LEU C 395 8.87 -24.18 -24.84
CA LEU C 395 7.54 -24.17 -24.26
C LEU C 395 7.02 -22.74 -24.29
N ASN C 396 5.70 -22.59 -24.30
CA ASN C 396 5.17 -21.24 -24.24
C ASN C 396 5.18 -20.75 -22.78
N THR C 397 4.81 -19.48 -22.59
CA THR C 397 4.95 -18.84 -21.29
C THR C 397 4.27 -19.64 -20.18
N PHE C 398 3.07 -20.13 -20.45
CA PHE C 398 2.30 -20.81 -19.40
C PHE C 398 2.75 -22.25 -19.20
N GLU C 399 3.14 -22.93 -20.28
CA GLU C 399 3.68 -24.28 -20.15
C GLU C 399 4.94 -24.28 -19.30
N PHE C 400 5.82 -23.30 -19.52
CA PHE C 400 7.06 -23.23 -18.75
C PHE C 400 6.79 -22.98 -17.27
N MET C 401 5.88 -22.05 -16.96
CA MET C 401 5.51 -21.83 -15.57
C MET C 401 4.92 -23.10 -14.96
N ASP C 402 4.07 -23.80 -15.72
CA ASP C 402 3.56 -25.10 -15.26
C ASP C 402 4.71 -26.05 -14.97
N LYS C 403 5.66 -26.14 -15.90
CA LYS C 403 6.80 -27.03 -15.72
C LYS C 403 7.58 -26.70 -14.46
N LEU C 404 7.88 -25.41 -14.25
CA LEU C 404 8.60 -25.01 -13.05
C LEU C 404 7.81 -25.33 -11.79
N GLY C 405 6.49 -25.14 -11.82
CA GLY C 405 5.67 -25.48 -10.67
C GLY C 405 5.62 -26.98 -10.40
N GLU C 406 5.68 -27.80 -11.45
CA GLU C 406 5.71 -29.24 -11.25
C GLU C 406 7.02 -29.70 -10.65
N ASN C 407 8.14 -29.11 -11.09
CA ASN C 407 9.44 -29.51 -10.56
C ASN C 407 9.69 -28.96 -9.17
N LEU C 408 9.22 -27.73 -8.91
CA LEU C 408 9.38 -27.16 -7.57
C LEU C 408 8.65 -28.01 -6.53
N LYS C 409 7.43 -28.46 -6.86
CA LYS C 409 6.70 -29.33 -5.95
C LYS C 409 7.46 -30.62 -5.67
N ILE C 410 8.05 -31.21 -6.71
CA ILE C 410 8.87 -32.39 -6.49
C ILE C 410 10.09 -32.05 -5.66
N LYS C 411 10.81 -30.98 -6.02
CA LYS C 411 12.04 -30.62 -5.34
C LYS C 411 11.84 -30.45 -3.84
N LEU C 412 10.83 -29.67 -3.44
CA LEU C 412 10.64 -29.39 -2.02
C LEU C 412 10.13 -30.61 -1.27
N ALA C 413 9.50 -31.56 -1.97
CA ALA C 413 9.02 -32.77 -1.33
C ALA C 413 10.17 -33.72 -1.01
N GLN C 414 11.07 -33.95 -1.98
CA GLN C 414 12.17 -34.87 -1.75
C GLN C 414 13.10 -34.38 -0.64
N ALA C 415 12.99 -33.11 -0.24
CA ALA C 415 13.77 -32.63 0.89
C ALA C 415 13.65 -33.54 2.11
N LYS C 416 12.53 -34.23 2.27
CA LYS C 416 12.36 -35.29 3.27
C LYS C 416 11.46 -36.40 2.76
N LYS D 6 55.44 -9.05 -66.55
CA LYS D 6 55.00 -7.67 -66.35
C LYS D 6 54.32 -7.50 -64.99
N LYS D 7 55.02 -6.85 -64.07
CA LYS D 7 54.48 -6.63 -62.74
C LYS D 7 53.27 -5.71 -62.79
N ILE D 8 52.36 -5.90 -61.83
CA ILE D 8 51.28 -4.94 -61.62
C ILE D 8 51.88 -3.65 -61.08
N SER D 9 51.60 -2.53 -61.75
CA SER D 9 52.07 -1.26 -61.25
C SER D 9 51.25 -0.82 -60.04
N GLY D 10 51.92 -0.28 -59.04
CA GLY D 10 51.24 0.10 -57.81
C GLY D 10 50.91 1.57 -57.70
N GLY D 11 51.89 2.42 -57.92
CA GLY D 11 51.77 3.84 -57.66
C GLY D 11 52.64 4.28 -56.49
N SER D 12 52.27 5.42 -55.92
CA SER D 12 53.02 6.06 -54.84
C SER D 12 52.40 5.67 -53.50
N VAL D 13 53.18 4.95 -52.68
CA VAL D 13 52.75 4.44 -51.39
C VAL D 13 53.86 4.67 -50.38
N VAL D 14 53.49 5.13 -49.18
CA VAL D 14 54.43 5.45 -48.11
C VAL D 14 54.49 4.28 -47.15
N GLU D 15 55.69 3.81 -46.85
CA GLU D 15 55.90 2.70 -45.92
C GLU D 15 56.72 3.17 -44.72
N MET D 16 56.42 2.59 -43.56
CA MET D 16 57.09 2.93 -42.31
C MET D 16 57.52 1.65 -41.61
N GLN D 17 58.83 1.46 -41.47
CA GLN D 17 59.36 0.28 -40.81
C GLN D 17 59.24 0.42 -39.30
N GLY D 18 59.19 -0.73 -38.62
CA GLY D 18 58.90 -0.78 -37.20
C GLY D 18 59.93 -1.59 -36.44
N ASP D 19 59.46 -2.25 -35.38
CA ASP D 19 60.32 -2.85 -34.38
C ASP D 19 60.01 -4.33 -34.19
N GLU D 20 61.00 -5.05 -33.65
CA GLU D 20 60.87 -6.42 -33.12
C GLU D 20 60.15 -7.39 -34.05
N MET D 21 59.22 -8.18 -33.49
CA MET D 21 58.67 -9.31 -34.23
C MET D 21 57.91 -8.86 -35.47
N THR D 22 57.12 -7.80 -35.36
CA THR D 22 56.40 -7.31 -36.53
C THR D 22 57.35 -6.75 -37.58
N ARG D 23 58.59 -6.42 -37.21
CA ARG D 23 59.57 -5.97 -38.19
C ARG D 23 60.04 -7.13 -39.07
N ILE D 24 60.35 -8.27 -38.45
CA ILE D 24 60.74 -9.46 -39.21
C ILE D 24 59.64 -9.84 -40.19
N ILE D 25 58.39 -9.82 -39.72
CA ILE D 25 57.27 -10.21 -40.56
C ILE D 25 57.06 -9.20 -41.67
N TRP D 26 57.23 -7.92 -41.37
CA TRP D 26 57.00 -6.85 -42.35
C TRP D 26 57.80 -7.07 -43.61
N GLU D 27 59.08 -7.43 -43.47
CA GLU D 27 59.93 -7.61 -44.65
C GLU D 27 59.58 -8.88 -45.42
N LEU D 28 59.14 -9.93 -44.71
CA LEU D 28 58.72 -11.14 -45.40
C LEU D 28 57.49 -10.88 -46.26
N ILE D 29 56.60 -10.00 -45.80
CA ILE D 29 55.42 -9.65 -46.59
C ILE D 29 55.84 -8.94 -47.87
N LYS D 30 56.77 -7.99 -47.77
CA LYS D 30 57.16 -7.22 -48.94
C LYS D 30 57.90 -8.08 -49.96
N GLU D 31 58.72 -9.02 -49.49
CA GLU D 31 59.54 -9.80 -50.42
C GLU D 31 58.80 -11.03 -50.96
N LYS D 32 57.89 -11.61 -50.20
CA LYS D 32 57.22 -12.83 -50.63
C LYS D 32 55.85 -12.59 -51.25
N LEU D 33 55.16 -11.51 -50.86
CA LEU D 33 53.78 -11.29 -51.28
C LEU D 33 53.58 -10.05 -52.14
N ILE D 34 54.41 -9.02 -52.00
CA ILE D 34 54.17 -7.75 -52.66
C ILE D 34 55.09 -7.57 -53.86
N PHE D 35 56.39 -7.48 -53.61
CA PHE D 35 57.36 -7.18 -54.68
C PHE D 35 57.33 -8.16 -55.84
N PRO D 36 57.18 -9.48 -55.67
CA PRO D 36 57.20 -10.37 -56.84
C PRO D 36 56.11 -10.08 -57.86
N TYR D 37 55.08 -9.32 -57.49
CA TYR D 37 53.96 -9.05 -58.39
C TYR D 37 53.67 -7.58 -58.58
N VAL D 38 54.18 -6.71 -57.71
CA VAL D 38 53.84 -5.29 -57.70
C VAL D 38 55.12 -4.51 -57.45
N GLU D 39 55.32 -3.44 -58.21
CA GLU D 39 56.30 -2.44 -57.84
C GLU D 39 55.64 -1.08 -57.73
N LEU D 40 56.15 -0.29 -56.79
CA LEU D 40 55.51 0.93 -56.34
C LEU D 40 56.49 2.08 -56.43
N ASP D 41 55.95 3.29 -56.42
CA ASP D 41 56.71 4.48 -56.07
C ASP D 41 56.76 4.51 -54.55
N LEU D 42 57.68 3.73 -54.00
CA LEU D 42 57.74 3.49 -52.57
C LEU D 42 58.55 4.57 -51.87
N HIS D 43 57.94 5.20 -50.86
CA HIS D 43 58.60 6.19 -50.01
C HIS D 43 58.80 5.54 -48.65
N SER D 44 60.04 5.13 -48.38
CA SER D 44 60.35 4.38 -47.18
C SER D 44 60.87 5.30 -46.08
N TYR D 45 60.35 5.11 -44.87
CA TYR D 45 60.84 5.76 -43.67
C TYR D 45 60.99 4.70 -42.59
N ASP D 46 62.08 4.77 -41.84
CA ASP D 46 62.40 3.76 -40.84
C ASP D 46 62.16 4.36 -39.46
N LEU D 47 60.99 4.08 -38.89
CA LEU D 47 60.64 4.50 -37.54
C LEU D 47 60.92 3.41 -36.52
N GLY D 48 61.88 2.54 -36.80
CA GLY D 48 62.45 1.73 -35.75
C GLY D 48 62.96 2.59 -34.62
N ILE D 49 63.07 1.98 -33.44
CA ILE D 49 63.43 2.73 -32.25
C ILE D 49 64.85 3.26 -32.37
N GLU D 50 65.73 2.51 -33.06
CA GLU D 50 67.09 2.96 -33.29
C GLU D 50 67.10 4.32 -33.98
N ASN D 51 66.37 4.45 -35.08
CA ASN D 51 66.46 5.60 -35.96
C ASN D 51 65.63 6.75 -35.45
N ARG D 52 64.71 6.48 -34.52
CA ARG D 52 63.95 7.51 -33.80
C ARG D 52 64.74 8.16 -32.69
N ASP D 53 65.76 7.48 -32.16
CA ASP D 53 66.65 8.05 -31.15
C ASP D 53 67.89 8.67 -31.78
N ALA D 54 67.93 8.83 -33.11
CA ALA D 54 69.05 9.44 -33.80
C ALA D 54 68.54 10.53 -34.72
N THR D 55 67.27 10.43 -35.10
CA THR D 55 66.59 11.49 -35.82
C THR D 55 66.00 12.55 -34.90
N ASN D 56 66.12 12.36 -33.58
CA ASN D 56 65.34 13.12 -32.60
C ASN D 56 63.85 13.03 -32.92
N ASP D 57 63.43 11.84 -33.34
CA ASP D 57 62.06 11.49 -33.73
C ASP D 57 61.58 12.25 -34.97
N GLN D 58 62.51 12.87 -35.72
CA GLN D 58 62.12 13.65 -36.89
C GLN D 58 61.57 12.76 -38.00
N VAL D 59 62.08 11.53 -38.12
CA VAL D 59 61.61 10.61 -39.15
C VAL D 59 60.10 10.38 -39.04
N THR D 60 59.55 10.47 -37.83
CA THR D 60 58.12 10.32 -37.65
C THR D 60 57.35 11.42 -38.38
N LYS D 61 57.74 12.69 -38.15
CA LYS D 61 57.01 13.79 -38.75
C LYS D 61 57.27 13.86 -40.25
N ASP D 62 58.50 13.54 -40.68
CA ASP D 62 58.76 13.40 -42.10
C ASP D 62 57.85 12.35 -42.72
N ALA D 63 57.70 11.22 -42.05
CA ALA D 63 56.79 10.18 -42.55
C ALA D 63 55.36 10.69 -42.58
N ALA D 64 54.97 11.51 -41.60
CA ALA D 64 53.60 11.99 -41.54
C ALA D 64 53.30 12.94 -42.71
N GLU D 65 54.17 13.92 -42.92
CA GLU D 65 53.98 14.86 -44.02
C GLU D 65 54.02 14.15 -45.37
N ALA D 66 54.82 13.08 -45.47
CA ALA D 66 54.86 12.30 -46.71
C ALA D 66 53.49 11.70 -47.00
N ILE D 67 52.77 11.28 -45.96
CA ILE D 67 51.46 10.68 -46.17
C ILE D 67 50.49 11.70 -46.74
N LYS D 68 50.46 12.90 -46.15
CA LYS D 68 49.62 13.97 -46.68
C LYS D 68 49.89 14.22 -48.16
N LYS D 69 51.17 14.23 -48.53
CA LYS D 69 51.53 14.47 -49.92
C LYS D 69 51.08 13.33 -50.82
N HIS D 70 51.24 12.07 -50.38
CA HIS D 70 51.06 10.93 -51.26
C HIS D 70 49.76 10.15 -51.02
N ASN D 71 49.06 10.44 -49.91
CA ASN D 71 47.68 10.01 -49.64
C ASN D 71 47.54 8.57 -49.12
N VAL D 72 48.57 7.73 -49.25
CA VAL D 72 48.47 6.34 -48.81
C VAL D 72 49.74 5.99 -48.04
N GLY D 73 49.57 5.61 -46.78
CA GLY D 73 50.67 5.17 -45.94
C GLY D 73 50.35 3.85 -45.27
N VAL D 74 51.36 3.00 -45.12
CA VAL D 74 51.25 1.73 -44.44
C VAL D 74 52.39 1.63 -43.44
N LYS D 75 52.08 1.15 -42.23
CA LYS D 75 52.99 1.28 -41.10
C LYS D 75 53.12 -0.04 -40.35
N CYS D 76 54.37 -0.45 -40.11
CA CYS D 76 54.69 -1.53 -39.19
C CYS D 76 54.60 -1.03 -37.75
N ALA D 77 54.20 -1.93 -36.86
CA ALA D 77 54.04 -1.57 -35.45
C ALA D 77 55.38 -1.16 -34.85
N THR D 78 55.33 -0.22 -33.91
CA THR D 78 56.52 0.39 -33.35
C THR D 78 56.48 0.37 -31.82
N ILE D 79 57.66 0.32 -31.22
CA ILE D 79 57.79 0.41 -29.77
C ILE D 79 57.45 1.82 -29.33
N THR D 80 56.59 1.94 -28.31
CA THR D 80 56.37 3.24 -27.68
C THR D 80 57.13 3.29 -26.37
N PRO D 81 58.03 4.26 -26.19
CA PRO D 81 59.00 4.18 -25.09
C PRO D 81 58.37 4.30 -23.71
N ASP D 82 58.92 3.54 -22.76
CA ASP D 82 58.59 3.68 -21.35
C ASP D 82 59.89 3.56 -20.55
N GLU D 83 59.75 3.43 -19.22
CA GLU D 83 60.91 3.34 -18.35
C GLU D 83 61.80 2.15 -18.71
N LYS D 84 61.20 1.06 -19.17
CA LYS D 84 61.98 -0.12 -19.55
C LYS D 84 62.69 0.13 -20.88
N ARG D 85 61.96 0.65 -21.87
CA ARG D 85 62.53 0.83 -23.21
C ARG D 85 63.71 1.78 -23.19
N VAL D 86 63.60 2.89 -22.44
CA VAL D 86 64.70 3.83 -22.37
C VAL D 86 65.91 3.19 -21.69
N GLU D 87 65.68 2.32 -20.71
CA GLU D 87 66.74 1.56 -20.07
C GLU D 87 67.17 0.35 -20.88
N GLU D 88 66.55 0.14 -22.04
CA GLU D 88 66.92 -0.94 -22.97
C GLU D 88 67.77 -0.44 -24.13
N PHE D 89 67.48 0.77 -24.62
CA PHE D 89 68.20 1.36 -25.75
C PHE D 89 68.99 2.60 -25.35
N LYS D 90 69.06 2.91 -24.06
CA LYS D 90 69.75 4.10 -23.57
C LYS D 90 69.22 5.36 -24.27
N LEU D 91 67.91 5.44 -24.40
CA LEU D 91 67.28 6.52 -25.16
C LEU D 91 67.66 7.87 -24.57
N LYS D 92 67.97 8.82 -25.46
CA LYS D 92 68.21 10.20 -25.04
C LYS D 92 67.04 10.73 -24.23
N GLN D 93 65.82 10.46 -24.71
CA GLN D 93 64.59 11.05 -24.23
C GLN D 93 63.51 9.98 -24.36
N MET D 94 62.56 9.98 -23.43
CA MET D 94 61.44 9.07 -23.62
C MET D 94 60.52 9.66 -24.67
N TRP D 95 60.73 9.23 -25.91
CA TRP D 95 59.88 9.71 -26.99
C TRP D 95 58.45 9.27 -26.75
N LYS D 96 57.53 9.97 -27.39
CA LYS D 96 56.12 9.68 -27.28
C LYS D 96 55.68 8.80 -28.44
N SER D 97 54.50 8.21 -28.30
CA SER D 97 54.01 7.23 -29.25
C SER D 97 54.07 7.78 -30.67
N PRO D 98 54.84 7.14 -31.57
CA PRO D 98 54.87 7.62 -32.96
C PRO D 98 53.49 7.75 -33.54
N ASN D 99 52.58 6.84 -33.17
CA ASN D 99 51.23 6.87 -33.68
C ASN D 99 50.48 8.12 -33.23
N GLY D 100 50.73 8.58 -32.00
CA GLY D 100 50.14 9.82 -31.56
C GLY D 100 50.62 11.02 -32.36
N THR D 101 51.91 11.00 -32.74
CA THR D 101 52.46 12.07 -33.57
C THR D 101 51.79 12.11 -34.93
N ILE D 102 51.74 10.96 -35.60
CA ILE D 102 51.13 10.90 -36.93
C ILE D 102 49.64 11.22 -36.86
N ARG D 103 48.95 10.64 -35.87
CA ARG D 103 47.51 10.86 -35.73
C ARG D 103 47.21 12.35 -35.55
N ASN D 104 48.09 13.06 -34.84
CA ASN D 104 47.91 14.50 -34.67
C ASN D 104 48.16 15.24 -35.98
N ILE D 105 49.25 14.92 -36.67
CA ILE D 105 49.64 15.70 -37.83
C ILE D 105 48.65 15.52 -38.98
N LEU D 106 48.12 14.32 -39.14
CA LEU D 106 47.17 14.07 -40.21
C LEU D 106 45.73 14.34 -39.79
N GLY D 107 45.39 14.05 -38.55
CA GLY D 107 44.00 14.10 -38.16
C GLY D 107 43.23 12.93 -38.74
N GLY D 108 41.91 13.00 -38.57
CA GLY D 108 41.04 11.96 -39.05
C GLY D 108 40.62 10.99 -37.97
N THR D 109 39.99 9.92 -38.41
CA THR D 109 39.32 8.97 -37.53
C THR D 109 39.86 7.56 -37.79
N VAL D 110 40.19 6.87 -36.71
CA VAL D 110 40.70 5.49 -36.79
C VAL D 110 39.52 4.53 -36.88
N PHE D 111 39.53 3.70 -37.92
CA PHE D 111 38.54 2.64 -38.09
C PHE D 111 39.23 1.29 -37.97
N ARG D 112 38.55 0.35 -37.30
CA ARG D 112 39.07 -1.00 -37.12
C ARG D 112 38.15 -2.01 -37.80
N GLU D 113 38.76 -3.05 -38.36
CA GLU D 113 38.04 -4.08 -39.11
C GLU D 113 38.72 -5.41 -38.84
N ALA D 114 37.94 -6.40 -38.45
CA ALA D 114 38.46 -7.75 -38.23
C ALA D 114 38.47 -8.53 -39.54
N ILE D 115 39.34 -9.53 -39.59
CA ILE D 115 39.41 -10.45 -40.73
C ILE D 115 38.68 -11.73 -40.34
N ILE D 116 37.63 -12.05 -41.08
CA ILE D 116 36.76 -13.17 -40.76
C ILE D 116 37.12 -14.36 -41.66
N CYS D 117 37.31 -15.52 -41.04
CA CYS D 117 37.49 -16.77 -41.76
C CYS D 117 36.37 -17.73 -41.39
N LYS D 118 35.99 -18.56 -42.36
CA LYS D 118 34.85 -19.46 -42.17
C LYS D 118 35.07 -20.42 -41.01
N ASN D 119 36.29 -20.94 -40.87
CA ASN D 119 36.59 -21.95 -39.86
C ASN D 119 37.04 -21.35 -38.54
N ILE D 120 37.09 -20.03 -38.40
CA ILE D 120 37.53 -19.37 -37.17
C ILE D 120 36.30 -18.86 -36.44
N PRO D 121 36.02 -19.32 -35.22
CA PRO D 121 34.81 -18.88 -34.51
C PRO D 121 34.82 -17.38 -34.27
N ARG D 122 33.62 -16.82 -34.25
CA ARG D 122 33.44 -15.39 -34.02
C ARG D 122 32.65 -15.16 -32.74
N LEU D 123 32.74 -13.93 -32.22
CA LEU D 123 31.99 -13.55 -31.04
C LEU D 123 30.50 -13.80 -31.24
N VAL D 124 29.97 -13.37 -32.39
CA VAL D 124 28.59 -13.62 -32.79
C VAL D 124 28.63 -14.38 -34.11
N SER D 125 28.10 -15.60 -34.13
CA SER D 125 28.19 -16.43 -35.32
C SER D 125 27.49 -15.79 -36.52
N GLY D 126 26.43 -15.01 -36.27
CA GLY D 126 25.70 -14.39 -37.37
C GLY D 126 26.51 -13.36 -38.13
N TRP D 127 27.65 -12.93 -37.59
CA TRP D 127 28.53 -11.99 -38.27
C TRP D 127 29.31 -12.74 -39.33
N VAL D 128 28.81 -12.73 -40.57
CA VAL D 128 29.54 -13.32 -41.69
C VAL D 128 30.37 -12.28 -42.43
N LYS D 129 30.01 -11.00 -42.34
CA LYS D 129 30.78 -9.87 -42.85
C LYS D 129 31.43 -9.12 -41.69
N PRO D 130 32.61 -8.56 -41.88
CA PRO D 130 33.22 -7.77 -40.81
C PRO D 130 32.40 -6.54 -40.47
N ILE D 131 32.66 -6.00 -39.28
CA ILE D 131 32.04 -4.76 -38.82
C ILE D 131 33.16 -3.77 -38.57
N ILE D 132 33.03 -2.58 -39.14
CA ILE D 132 34.04 -1.54 -39.05
C ILE D 132 33.58 -0.51 -38.01
N ILE D 133 34.40 -0.30 -36.99
CA ILE D 133 34.08 0.60 -35.89
C ILE D 133 35.07 1.75 -35.89
N GLY D 134 34.54 2.98 -35.81
CA GLY D 134 35.37 4.15 -35.66
C GLY D 134 34.95 4.97 -34.44
N HIS D 135 35.94 5.39 -33.65
CA HIS D 135 35.69 6.20 -32.46
C HIS D 135 36.18 7.63 -32.69
N HIS D 136 35.47 8.57 -32.08
CA HIS D 136 35.87 9.98 -32.10
C HIS D 136 36.90 10.21 -30.99
N ALA D 137 38.16 10.38 -31.37
CA ALA D 137 39.22 10.60 -30.40
C ALA D 137 39.97 11.90 -30.70
N ARG D 143 41.20 14.98 -23.49
CA ARG D 143 40.93 16.42 -23.47
C ARG D 143 39.83 16.76 -22.48
N ALA D 144 40.15 16.65 -21.20
CA ALA D 144 39.24 17.00 -20.12
C ALA D 144 40.03 17.58 -18.97
N THR D 145 39.38 18.44 -18.19
CA THR D 145 40.01 19.07 -17.03
C THR D 145 39.30 18.54 -15.78
N ASP D 146 39.93 17.58 -15.12
CA ASP D 146 39.41 17.00 -13.89
C ASP D 146 40.20 17.50 -12.69
N PHE D 147 39.55 17.51 -11.53
CA PHE D 147 40.18 17.98 -10.30
C PHE D 147 39.43 17.41 -9.11
N VAL D 148 40.04 17.55 -7.93
CA VAL D 148 39.51 17.03 -6.69
C VAL D 148 38.85 18.17 -5.92
N VAL D 149 37.66 17.94 -5.41
CA VAL D 149 36.96 18.90 -4.57
C VAL D 149 37.30 18.57 -3.11
N PRO D 150 38.12 19.36 -2.43
CA PRO D 150 38.61 18.93 -1.11
C PRO D 150 37.58 19.05 -0.01
N GLY D 151 36.48 19.76 -0.23
CA GLY D 151 35.49 19.94 0.80
C GLY D 151 34.29 20.72 0.31
N PRO D 152 33.40 21.09 1.23
CA PRO D 152 32.16 21.77 0.84
C PRO D 152 32.41 22.99 -0.04
N GLY D 153 31.56 23.16 -1.04
CA GLY D 153 31.68 24.27 -1.95
C GLY D 153 30.87 24.03 -3.20
N LYS D 154 30.90 25.04 -4.07
CA LYS D 154 30.09 25.08 -5.28
C LYS D 154 30.99 24.89 -6.49
N VAL D 155 30.59 23.97 -7.38
CA VAL D 155 31.27 23.77 -8.66
C VAL D 155 30.35 24.31 -9.76
N GLU D 156 30.87 25.24 -10.55
CA GLU D 156 30.13 25.88 -11.62
C GLU D 156 30.95 25.82 -12.90
N ILE D 157 30.25 25.82 -14.03
CA ILE D 157 30.88 25.84 -15.35
C ILE D 157 30.31 27.05 -16.12
N THR D 158 31.21 27.89 -16.61
CA THR D 158 30.85 29.19 -17.17
C THR D 158 31.34 29.28 -18.61
N TYR D 159 30.48 29.80 -19.49
CA TYR D 159 30.83 30.09 -20.88
C TYR D 159 30.83 31.60 -21.07
N THR D 160 31.96 32.14 -21.52
CA THR D 160 32.10 33.58 -21.77
C THR D 160 32.47 33.82 -23.22
N PRO D 161 31.53 34.26 -24.06
CA PRO D 161 31.82 34.45 -25.48
C PRO D 161 32.88 35.52 -25.71
N SER D 162 33.57 35.39 -26.85
CA SER D 162 34.65 36.32 -27.17
C SER D 162 34.14 37.74 -27.34
N ASP D 163 32.94 37.90 -27.90
CA ASP D 163 32.40 39.24 -28.08
C ASP D 163 31.84 39.81 -26.79
N GLY D 164 31.61 38.99 -25.76
CA GLY D 164 31.05 39.44 -24.51
C GLY D 164 29.53 39.44 -24.45
N THR D 165 28.86 39.13 -25.57
CA THR D 165 27.40 39.10 -25.65
C THR D 165 26.73 38.64 -24.37
N GLN D 166 26.95 37.37 -24.03
CA GLN D 166 26.01 36.62 -23.22
C GLN D 166 26.78 35.54 -22.45
N LYS D 167 27.09 35.83 -21.20
CA LYS D 167 27.81 34.91 -20.33
C LYS D 167 26.83 34.00 -19.61
N VAL D 168 27.11 32.70 -19.62
CA VAL D 168 26.23 31.70 -19.02
C VAL D 168 27.01 30.92 -17.98
N THR D 169 26.47 30.85 -16.77
CA THR D 169 27.04 30.09 -15.67
C THR D 169 26.08 28.97 -15.31
N TYR D 170 26.56 27.72 -15.36
CA TYR D 170 25.76 26.56 -14.99
C TYR D 170 26.29 25.99 -13.67
N LEU D 171 25.37 25.62 -12.79
CA LEU D 171 25.75 24.92 -11.57
C LEU D 171 25.99 23.45 -11.90
N VAL D 172 27.21 22.97 -11.64
CA VAL D 172 27.48 21.55 -11.80
C VAL D 172 26.98 20.77 -10.59
N HIS D 173 27.42 21.17 -9.39
CA HIS D 173 26.98 20.54 -8.16
C HIS D 173 27.37 21.39 -6.97
N ASN D 174 26.51 21.41 -5.97
CA ASN D 174 26.82 22.01 -4.68
C ASN D 174 27.20 20.91 -3.70
N PHE D 175 28.49 20.85 -3.36
CA PHE D 175 28.97 19.90 -2.35
C PHE D 175 28.62 20.48 -0.98
N GLU D 176 27.55 19.98 -0.37
CA GLU D 176 27.08 20.54 0.89
C GLU D 176 27.65 19.84 2.12
N GLU D 177 28.07 18.58 2.00
CA GLU D 177 28.54 17.82 3.15
C GLU D 177 30.03 17.53 3.10
N GLY D 178 30.53 16.87 2.06
CA GLY D 178 31.91 16.47 1.99
C GLY D 178 32.58 16.94 0.71
N GLY D 179 33.59 16.17 0.29
CA GLY D 179 34.33 16.44 -0.92
C GLY D 179 33.98 15.49 -2.05
N GLY D 180 34.82 15.50 -3.07
CA GLY D 180 34.58 14.66 -4.23
C GLY D 180 35.48 15.05 -5.40
N VAL D 181 34.95 14.84 -6.61
CA VAL D 181 35.65 15.14 -7.85
C VAL D 181 34.70 15.81 -8.82
N ALA D 182 35.28 16.57 -9.75
CA ALA D 182 34.53 17.26 -10.79
C ALA D 182 35.41 17.35 -12.03
N MET D 183 34.77 17.54 -13.19
CA MET D 183 35.51 17.62 -14.43
C MET D 183 34.70 18.34 -15.49
N GLY D 184 35.41 19.01 -16.39
CA GLY D 184 34.82 19.63 -17.58
C GLY D 184 35.36 18.98 -18.84
N MET D 185 34.47 18.78 -19.81
CA MET D 185 34.80 18.17 -21.09
C MET D 185 34.32 19.08 -22.20
N TYR D 186 34.91 18.93 -23.39
CA TYR D 186 34.55 19.78 -24.52
C TYR D 186 34.74 19.02 -25.82
N ASN D 187 34.15 19.58 -26.87
CA ASN D 187 34.36 19.13 -28.24
C ASN D 187 34.00 20.26 -29.19
N GLN D 188 34.86 20.50 -30.16
CA GLN D 188 34.65 21.54 -31.16
C GLN D 188 33.88 20.98 -32.35
N ASP D 189 33.05 21.84 -32.96
CA ASP D 189 32.30 21.43 -34.15
C ASP D 189 33.23 20.86 -35.22
N LYS D 190 34.39 21.48 -35.40
CA LYS D 190 35.34 21.05 -36.42
C LYS D 190 35.68 19.57 -36.30
N SER D 191 35.99 19.12 -35.08
CA SER D 191 36.26 17.70 -34.87
C SER D 191 35.04 16.84 -35.21
N ILE D 192 33.85 17.30 -34.79
CA ILE D 192 32.64 16.56 -35.09
C ILE D 192 32.41 16.49 -36.60
N GLU D 193 32.62 17.61 -37.30
CA GLU D 193 32.46 17.63 -38.75
C GLU D 193 33.47 16.71 -39.41
N ASP D 194 34.75 16.81 -39.01
CA ASP D 194 35.77 15.87 -39.47
C ASP D 194 35.33 14.43 -39.23
N PHE D 195 34.87 14.16 -38.02
CA PHE D 195 34.37 12.83 -37.65
C PHE D 195 33.32 12.35 -38.65
N ALA D 196 32.34 13.20 -38.95
CA ALA D 196 31.27 12.81 -39.87
C ALA D 196 31.82 12.54 -41.26
N HIS D 197 32.70 13.42 -41.75
CA HIS D 197 33.22 13.28 -43.11
C HIS D 197 33.99 11.97 -43.26
N SER D 198 34.84 11.63 -42.30
CA SER D 198 35.58 10.38 -42.39
C SER D 198 34.64 9.18 -42.37
N SER D 199 33.56 9.27 -41.60
CA SER D 199 32.62 8.16 -41.52
C SER D 199 31.81 8.02 -42.80
N PHE D 200 31.36 9.15 -43.36
CA PHE D 200 30.65 9.11 -44.64
C PHE D 200 31.55 8.57 -45.74
N GLN D 201 32.81 9.02 -45.76
CA GLN D 201 33.77 8.56 -46.77
C GLN D 201 33.99 7.06 -46.67
N MET D 202 34.32 6.58 -45.46
CA MET D 202 34.61 5.16 -45.26
C MET D 202 33.44 4.28 -45.71
N ALA D 203 32.20 4.76 -45.49
CA ALA D 203 31.04 3.98 -45.88
C ALA D 203 30.88 3.91 -47.39
N LEU D 204 31.30 4.95 -48.11
CA LEU D 204 31.24 4.94 -49.56
C LEU D 204 32.33 4.07 -50.16
N SER D 205 33.53 4.11 -49.57
CA SER D 205 34.62 3.27 -50.04
C SER D 205 34.27 1.79 -49.92
N LYS D 206 33.55 1.41 -48.87
CA LYS D 206 33.15 0.03 -48.65
C LYS D 206 31.80 -0.30 -49.27
N GLY D 207 31.05 0.70 -49.71
CA GLY D 207 29.68 0.45 -50.17
C GLY D 207 28.78 -0.09 -49.09
N TRP D 208 29.02 0.30 -47.83
CA TRP D 208 28.28 -0.22 -46.69
C TRP D 208 27.51 0.89 -45.98
N PRO D 209 26.36 0.57 -45.39
CA PRO D 209 25.61 1.58 -44.65
C PRO D 209 26.36 2.02 -43.41
N LEU D 210 26.06 3.22 -42.95
CA LEU D 210 26.75 3.83 -41.81
C LEU D 210 25.76 4.13 -40.70
N TYR D 211 26.15 3.83 -39.47
CA TYR D 211 25.37 4.16 -38.27
C TYR D 211 26.22 4.96 -37.31
N LEU D 212 25.61 5.98 -36.71
CA LEU D 212 26.19 6.74 -35.62
C LEU D 212 25.40 6.47 -34.35
N SER D 213 26.11 6.28 -33.24
CA SER D 213 25.49 6.01 -31.95
C SER D 213 25.89 7.08 -30.94
N THR D 214 24.91 7.57 -30.18
CA THR D 214 25.14 8.55 -29.12
C THR D 214 24.25 8.20 -27.93
N LYS D 215 24.33 9.03 -26.89
CA LYS D 215 23.42 8.97 -25.77
C LYS D 215 22.62 10.27 -25.71
N ASN D 216 22.04 10.68 -26.83
CA ASN D 216 21.35 11.96 -26.92
C ASN D 216 20.07 12.00 -26.10
N THR D 217 19.62 10.86 -25.56
CA THR D 217 18.54 10.88 -24.59
C THR D 217 19.00 11.47 -23.27
N ILE D 218 20.29 11.39 -22.98
CA ILE D 218 20.86 11.82 -21.72
C ILE D 218 21.66 13.11 -21.88
N LEU D 219 22.63 13.11 -22.81
CA LEU D 219 23.39 14.30 -23.15
C LEU D 219 22.71 14.96 -24.35
N LYS D 220 21.62 15.67 -24.06
CA LYS D 220 20.76 16.18 -25.12
C LYS D 220 21.48 17.22 -25.99
N LYS D 221 22.34 18.05 -25.39
CA LYS D 221 23.03 19.05 -26.18
C LYS D 221 24.40 18.57 -26.65
N TYR D 222 25.14 17.92 -25.76
CA TYR D 222 26.46 17.40 -26.11
C TYR D 222 26.36 16.41 -27.25
N ASP D 223 25.62 15.32 -27.05
CA ASP D 223 25.50 14.30 -28.08
C ASP D 223 24.51 14.67 -29.17
N GLY D 224 23.51 15.52 -28.85
CA GLY D 224 22.62 16.01 -29.89
C GLY D 224 23.35 16.79 -30.96
N ARG D 225 24.43 17.48 -30.60
CA ARG D 225 25.23 18.19 -31.59
CA ARG D 225 25.23 18.19 -31.59
C ARG D 225 25.87 17.22 -32.57
N PHE D 226 26.33 16.06 -32.07
CA PHE D 226 26.90 15.05 -32.95
C PHE D 226 25.86 14.56 -33.95
N LYS D 227 24.66 14.23 -33.46
CA LYS D 227 23.58 13.79 -34.34
C LYS D 227 23.18 14.88 -35.32
N ASP D 228 23.15 16.13 -34.87
CA ASP D 228 22.75 17.23 -35.74
C ASP D 228 23.77 17.46 -36.85
N ILE D 229 25.05 17.52 -36.49
CA ILE D 229 26.08 17.80 -37.48
C ILE D 229 26.18 16.67 -38.50
N PHE D 230 26.03 15.43 -38.05
CA PHE D 230 26.05 14.30 -38.96
C PHE D 230 24.93 14.41 -40.00
N GLN D 231 23.71 14.72 -39.55
CA GLN D 231 22.58 14.76 -40.46
C GLN D 231 22.66 15.95 -41.41
N GLU D 232 23.22 17.08 -40.94
CA GLU D 232 23.41 18.22 -41.82
C GLU D 232 24.32 17.88 -42.98
N ILE D 233 25.48 17.28 -42.69
CA ILE D 233 26.46 16.97 -43.72
C ILE D 233 25.95 15.84 -44.62
N TYR D 234 25.17 14.92 -44.07
CA TYR D 234 24.63 13.83 -44.88
C TYR D 234 23.62 14.36 -45.91
N ASP D 235 22.57 15.03 -45.43
CA ASP D 235 21.54 15.54 -46.33
C ASP D 235 22.13 16.48 -47.37
N LYS D 236 23.20 17.19 -47.02
CA LYS D 236 23.75 18.21 -47.92
C LYS D 236 24.75 17.63 -48.90
N GLN D 237 25.70 16.82 -48.42
CA GLN D 237 26.87 16.45 -49.21
C GLN D 237 27.03 14.96 -49.47
N TYR D 238 26.09 14.11 -49.08
CA TYR D 238 26.34 12.67 -49.26
C TYR D 238 25.09 11.86 -49.57
N LYS D 239 23.90 12.36 -49.20
CA LYS D 239 22.69 11.56 -49.26
C LYS D 239 22.44 10.99 -50.66
N SER D 240 22.73 11.77 -51.70
CA SER D 240 22.49 11.30 -53.06
C SER D 240 23.45 10.18 -53.44
N GLN D 241 24.73 10.31 -53.06
CA GLN D 241 25.70 9.27 -53.36
C GLN D 241 25.37 7.99 -52.62
N PHE D 242 24.90 8.10 -51.37
CA PHE D 242 24.51 6.92 -50.61
C PHE D 242 23.35 6.20 -51.29
N GLU D 243 22.34 6.96 -51.73
CA GLU D 243 21.21 6.37 -52.42
C GLU D 243 21.63 5.75 -53.76
N ALA D 244 22.70 6.28 -54.37
CA ALA D 244 23.14 5.77 -55.66
C ALA D 244 23.85 4.42 -55.52
N GLN D 245 24.51 4.19 -54.38
CA GLN D 245 25.03 2.88 -54.04
C GLN D 245 24.02 2.08 -53.21
N LYS D 246 22.79 2.57 -53.10
CA LYS D 246 21.72 1.94 -52.32
C LYS D 246 22.18 1.59 -50.91
N ILE D 247 22.93 2.48 -50.29
CA ILE D 247 23.22 2.41 -48.86
C ILE D 247 22.52 3.59 -48.19
N TRP D 248 22.79 3.79 -46.90
CA TRP D 248 22.05 4.77 -46.11
C TRP D 248 22.83 5.10 -44.84
N TYR D 249 22.43 6.18 -44.19
CA TYR D 249 22.94 6.55 -42.88
C TYR D 249 21.78 6.79 -41.93
N GLU D 250 21.91 6.29 -40.70
CA GLU D 250 20.93 6.54 -39.65
C GLU D 250 21.63 6.68 -38.32
N HIS D 251 21.05 7.53 -37.47
CA HIS D 251 21.47 7.66 -36.08
C HIS D 251 20.75 6.61 -35.24
N ARG D 252 21.47 6.08 -34.25
CA ARG D 252 20.90 5.13 -33.31
C ARG D 252 21.27 5.56 -31.89
N LEU D 253 20.32 5.41 -30.98
CA LEU D 253 20.68 5.43 -29.57
C LEU D 253 21.59 4.23 -29.31
N ILE D 254 22.64 4.44 -28.52
CA ILE D 254 23.65 3.40 -28.33
C ILE D 254 23.02 2.12 -27.81
N ASP D 255 22.03 2.24 -26.91
CA ASP D 255 21.30 1.06 -26.44
C ASP D 255 20.77 0.24 -27.60
N ASP D 256 20.09 0.90 -28.54
CA ASP D 256 19.53 0.18 -29.67
C ASP D 256 20.61 -0.30 -30.63
N MET D 257 21.72 0.44 -30.72
CA MET D 257 22.78 0.07 -31.67
C MET D 257 23.45 -1.24 -31.25
N VAL D 258 23.72 -1.40 -29.97
CA VAL D 258 24.35 -2.63 -29.49
C VAL D 258 23.49 -3.84 -29.80
N ALA D 259 22.20 -3.75 -29.51
CA ALA D 259 21.30 -4.87 -29.77
C ALA D 259 21.20 -5.16 -31.27
N GLN D 260 21.08 -4.11 -32.08
CA GLN D 260 20.97 -4.29 -33.52
C GLN D 260 22.22 -4.95 -34.09
N ALA D 261 23.41 -4.50 -33.65
CA ALA D 261 24.64 -5.02 -34.22
C ALA D 261 24.82 -6.50 -33.93
N MET D 262 24.46 -6.93 -32.72
CA MET D 262 24.60 -8.34 -32.36
C MET D 262 23.57 -9.23 -33.06
N LYS D 263 22.49 -8.65 -33.55
CA LYS D 263 21.51 -9.36 -34.36
C LYS D 263 21.75 -9.19 -35.85
N SER D 264 22.80 -8.47 -36.22
CA SER D 264 23.09 -8.12 -37.60
C SER D 264 23.97 -9.19 -38.26
N GLU D 265 24.00 -9.14 -39.60
CA GLU D 265 24.87 -10.00 -40.38
C GLU D 265 26.29 -9.44 -40.52
N GLY D 266 26.53 -8.23 -40.02
CA GLY D 266 27.78 -7.55 -40.28
C GLY D 266 27.69 -6.70 -41.54
N GLY D 267 28.85 -6.22 -41.97
CA GLY D 267 28.93 -5.44 -43.19
C GLY D 267 28.28 -4.07 -43.09
N PHE D 268 28.66 -3.32 -42.07
CA PHE D 268 28.23 -1.93 -41.91
C PHE D 268 29.30 -1.15 -41.19
N ILE D 269 29.22 0.16 -41.30
CA ILE D 269 30.13 1.08 -40.61
C ILE D 269 29.45 1.57 -39.34
N TRP D 270 30.20 1.60 -38.24
CA TRP D 270 29.68 1.99 -36.93
C TRP D 270 30.55 3.12 -36.39
N ALA D 271 30.02 4.33 -36.39
CA ALA D 271 30.69 5.48 -35.80
C ALA D 271 30.21 5.65 -34.37
N CYS D 272 31.13 5.58 -33.41
CA CYS D 272 30.81 5.58 -32.00
CA CYS D 272 30.79 5.59 -32.00
C CYS D 272 31.31 6.87 -31.36
N LYS D 273 30.41 7.61 -30.73
CA LYS D 273 30.78 8.77 -29.93
C LYS D 273 30.95 8.31 -28.48
N ASN D 274 32.08 8.68 -27.87
CA ASN D 274 32.42 8.26 -26.51
C ASN D 274 32.54 6.75 -26.41
N GLN D 280 39.43 1.13 -28.62
CA GLN D 280 39.11 0.23 -27.51
C GLN D 280 38.70 -1.14 -28.03
N SER D 281 38.40 -1.21 -29.34
CA SER D 281 38.00 -2.48 -29.95
C SER D 281 39.14 -3.50 -29.97
N ASP D 282 40.38 -3.06 -29.81
CA ASP D 282 41.50 -3.97 -29.76
C ASP D 282 41.64 -4.66 -28.40
N SER D 283 41.06 -4.08 -27.34
CA SER D 283 41.05 -4.76 -26.05
C SER D 283 40.16 -5.99 -26.09
N VAL D 284 39.02 -5.90 -26.77
CA VAL D 284 38.17 -7.06 -26.99
C VAL D 284 38.93 -8.10 -27.81
N ALA D 285 39.64 -7.65 -28.85
CA ALA D 285 40.43 -8.58 -29.66
C ALA D 285 41.51 -9.24 -28.83
N GLN D 286 42.17 -8.49 -27.95
CA GLN D 286 43.18 -9.08 -27.08
C GLN D 286 42.58 -10.13 -26.17
N GLY D 287 41.37 -9.88 -25.65
CA GLY D 287 40.73 -10.85 -24.80
C GLY D 287 40.24 -12.07 -25.56
N TYR D 288 39.73 -11.85 -26.77
CA TYR D 288 39.33 -12.96 -27.64
C TYR D 288 40.51 -13.65 -28.29
N GLY D 289 41.71 -13.06 -28.22
CA GLY D 289 42.87 -13.65 -28.85
C GLY D 289 42.85 -13.56 -30.36
N SER D 290 42.32 -12.46 -30.91
CA SER D 290 42.21 -12.25 -32.34
C SER D 290 42.91 -10.96 -32.77
N LEU D 291 43.96 -10.56 -32.04
CA LEU D 291 44.67 -9.34 -32.37
C LEU D 291 45.35 -9.45 -33.73
N GLY D 292 45.87 -10.63 -34.07
CA GLY D 292 46.48 -10.83 -35.36
C GLY D 292 45.52 -10.80 -36.54
N MET D 293 44.22 -10.63 -36.29
CA MET D 293 43.20 -10.63 -37.33
C MET D 293 42.39 -9.34 -37.34
N MET D 294 43.01 -8.21 -36.98
CA MET D 294 42.31 -6.93 -36.96
C MET D 294 43.24 -5.83 -37.43
N THR D 295 42.74 -4.98 -38.33
CA THR D 295 43.49 -3.85 -38.84
C THR D 295 42.99 -2.53 -38.23
N SER D 296 43.73 -1.48 -38.51
CA SER D 296 43.45 -0.13 -38.01
C SER D 296 43.89 0.86 -39.08
N VAL D 297 42.93 1.58 -39.65
CA VAL D 297 43.18 2.49 -40.77
C VAL D 297 42.71 3.88 -40.39
N LEU D 298 43.68 4.80 -40.24
CA LEU D 298 43.36 6.20 -40.01
C LEU D 298 42.78 6.83 -41.28
N VAL D 299 41.56 7.34 -41.19
CA VAL D 299 40.83 7.87 -42.33
C VAL D 299 40.69 9.37 -42.17
N CYS D 300 41.35 10.12 -43.05
CA CYS D 300 41.28 11.57 -43.02
C CYS D 300 40.00 12.07 -43.69
N PRO D 301 39.45 13.19 -43.24
CA PRO D 301 38.14 13.62 -43.75
C PRO D 301 38.15 14.06 -45.21
N ASP D 302 39.32 14.33 -45.81
CA ASP D 302 39.33 14.71 -47.22
C ASP D 302 38.81 13.59 -48.10
N GLY D 303 39.02 12.35 -47.70
CA GLY D 303 38.55 11.22 -48.48
C GLY D 303 39.56 10.63 -49.44
N LYS D 304 40.80 11.06 -49.39
CA LYS D 304 41.88 10.46 -50.19
C LYS D 304 43.08 10.07 -49.34
N THR D 305 43.34 10.78 -48.25
CA THR D 305 44.45 10.44 -47.36
C THR D 305 44.05 9.31 -46.42
N VAL D 306 44.95 8.33 -46.27
CA VAL D 306 44.68 7.09 -45.56
C VAL D 306 46.00 6.53 -45.05
N GLU D 307 46.02 6.08 -43.80
CA GLU D 307 47.19 5.41 -43.22
C GLU D 307 46.73 4.14 -42.54
N ALA D 308 47.25 3.01 -42.99
CA ALA D 308 46.82 1.69 -42.54
C ALA D 308 47.90 0.99 -41.74
N GLU D 309 47.47 0.20 -40.76
CA GLU D 309 48.39 -0.57 -39.93
C GLU D 309 47.63 -1.74 -39.32
N ALA D 310 48.36 -2.61 -38.64
CA ALA D 310 47.75 -3.64 -37.84
C ALA D 310 47.25 -3.04 -36.52
N ALA D 311 46.25 -3.69 -35.92
CA ALA D 311 45.70 -3.23 -34.66
C ALA D 311 46.52 -3.69 -33.46
N HIS D 312 47.42 -4.64 -33.64
CA HIS D 312 48.25 -5.14 -32.56
C HIS D 312 49.59 -4.40 -32.52
N GLY D 313 50.45 -4.79 -31.59
CA GLY D 313 51.74 -4.15 -31.37
C GLY D 313 52.88 -4.91 -32.00
N THR D 314 54.05 -4.82 -31.36
CA THR D 314 55.27 -5.44 -31.89
C THR D 314 55.44 -6.90 -31.45
N VAL D 315 54.53 -7.42 -30.63
CA VAL D 315 54.57 -8.79 -30.14
C VAL D 315 55.94 -9.10 -29.54
N THR D 316 56.35 -8.27 -28.57
CA THR D 316 57.65 -8.42 -27.92
C THR D 316 57.82 -9.83 -27.38
N ARG D 317 56.73 -10.39 -26.84
CA ARG D 317 56.76 -11.73 -26.26
C ARG D 317 57.39 -12.74 -27.22
N HIS D 318 56.97 -12.71 -28.48
CA HIS D 318 57.49 -13.64 -29.48
C HIS D 318 58.88 -13.25 -29.96
N TYR D 319 59.19 -11.96 -29.96
CA TYR D 319 60.51 -11.51 -30.42
C TYR D 319 61.61 -12.06 -29.52
N ARG D 320 61.37 -12.08 -28.21
CA ARG D 320 62.36 -12.63 -27.29
C ARG D 320 62.59 -14.11 -27.57
N MET D 321 61.51 -14.87 -27.77
CA MET D 321 61.65 -16.26 -28.16
C MET D 321 62.45 -16.40 -29.44
N TYR D 322 62.15 -15.54 -30.42
CA TYR D 322 62.89 -15.57 -31.68
C TYR D 322 64.36 -15.23 -31.46
N GLN D 323 64.65 -14.30 -30.55
CA GLN D 323 66.03 -13.93 -30.28
C GLN D 323 66.80 -15.10 -29.67
N LYS D 324 66.15 -15.85 -28.79
CA LYS D 324 66.76 -17.02 -28.18
C LYS D 324 66.79 -18.23 -29.09
N GLY D 325 66.41 -18.08 -30.37
CA GLY D 325 66.41 -19.20 -31.28
C GLY D 325 65.26 -20.15 -31.13
N GLN D 326 64.22 -19.77 -30.39
CA GLN D 326 63.06 -20.64 -30.21
C GLN D 326 62.09 -20.47 -31.38
N GLU D 327 61.29 -21.51 -31.61
CA GLU D 327 60.26 -21.44 -32.63
C GLU D 327 59.18 -20.44 -32.22
N THR D 328 58.71 -19.67 -33.20
CA THR D 328 57.64 -18.71 -32.99
C THR D 328 56.48 -19.03 -33.92
N SER D 329 55.29 -18.49 -33.59
CA SER D 329 54.09 -18.62 -34.43
C SER D 329 53.31 -17.31 -34.33
N THR D 330 53.80 -16.30 -35.04
CA THR D 330 53.19 -14.97 -35.02
C THR D 330 52.29 -14.79 -36.23
N ASN D 331 51.10 -14.27 -36.00
CA ASN D 331 50.10 -14.11 -37.06
C ASN D 331 50.44 -12.90 -37.92
N PRO D 332 50.63 -13.08 -39.23
CA PRO D 332 50.93 -11.93 -40.11
C PRO D 332 49.73 -11.33 -40.84
N ILE D 333 48.52 -11.85 -40.61
CA ILE D 333 47.37 -11.46 -41.42
C ILE D 333 47.08 -9.97 -41.27
N ALA D 334 47.08 -9.47 -40.03
CA ALA D 334 46.78 -8.06 -39.81
C ALA D 334 47.80 -7.17 -40.50
N SER D 335 49.08 -7.52 -40.40
CA SER D 335 50.10 -6.76 -41.12
C SER D 335 49.88 -6.84 -42.62
N ILE D 336 49.53 -8.02 -43.12
CA ILE D 336 49.26 -8.20 -44.55
C ILE D 336 48.10 -7.31 -44.98
N PHE D 337 47.01 -7.32 -44.20
CA PHE D 337 45.82 -6.57 -44.59
C PHE D 337 46.01 -5.07 -44.46
N ALA D 338 46.97 -4.62 -43.64
CA ALA D 338 47.36 -3.22 -43.70
C ALA D 338 47.83 -2.85 -45.10
N TRP D 339 48.58 -3.75 -45.73
CA TRP D 339 49.02 -3.54 -47.11
C TRP D 339 47.85 -3.62 -48.08
N THR D 340 47.11 -4.73 -48.04
CA THR D 340 46.03 -4.93 -48.99
C THR D 340 44.95 -3.85 -48.87
N ARG D 341 44.77 -3.28 -47.68
CA ARG D 341 43.83 -2.19 -47.52
C ARG D 341 44.40 -0.87 -48.05
N GLY D 342 45.71 -0.67 -47.89
CA GLY D 342 46.33 0.52 -48.45
C GLY D 342 46.32 0.52 -49.97
N LEU D 343 46.70 -0.61 -50.57
CA LEU D 343 46.74 -0.70 -52.03
C LEU D 343 45.34 -0.60 -52.63
N ALA D 344 44.34 -1.13 -51.93
CA ALA D 344 42.98 -1.04 -52.45
C ALA D 344 42.49 0.40 -52.47
N HIS D 345 42.91 1.20 -51.48
CA HIS D 345 42.62 2.63 -51.51
C HIS D 345 43.35 3.32 -52.65
N ARG D 346 44.64 3.01 -52.80
CA ARG D 346 45.42 3.51 -53.94
C ARG D 346 44.78 3.10 -55.26
N ALA D 347 44.31 1.84 -55.35
CA ALA D 347 43.68 1.37 -56.58
C ALA D 347 42.43 2.17 -56.90
N LYS D 348 41.68 2.59 -55.87
CA LYS D 348 40.48 3.39 -56.12
C LYS D 348 40.86 4.82 -56.52
N LEU D 349 41.90 5.38 -55.88
CA LEU D 349 42.28 6.76 -56.18
C LEU D 349 42.65 6.92 -57.66
N ASP D 350 43.41 5.97 -58.20
CA ASP D 350 43.92 6.06 -59.56
C ASP D 350 43.12 5.21 -60.55
N ASN D 351 41.97 4.69 -60.14
CA ASN D 351 41.15 3.83 -61.00
C ASN D 351 41.95 2.63 -61.50
N ASN D 352 42.95 2.23 -60.72
CA ASN D 352 43.81 1.09 -61.08
C ASN D 352 43.03 -0.20 -60.94
N LYS D 353 42.41 -0.64 -62.04
CA LYS D 353 41.64 -1.88 -62.04
C LYS D 353 42.53 -3.09 -61.76
N GLU D 354 43.82 -3.00 -62.08
CA GLU D 354 44.73 -4.14 -61.92
C GLU D 354 45.18 -4.30 -60.48
N LEU D 355 45.49 -3.19 -59.80
CA LEU D 355 45.84 -3.27 -58.39
C LEU D 355 44.66 -3.72 -57.56
N ALA D 356 43.45 -3.24 -57.88
CA ALA D 356 42.25 -3.63 -57.14
C ALA D 356 42.08 -5.15 -57.14
N PHE D 357 42.26 -5.78 -58.31
CA PHE D 357 42.14 -7.24 -58.38
C PHE D 357 43.22 -7.91 -57.52
N PHE D 358 44.42 -7.34 -57.50
CA PHE D 358 45.52 -7.94 -56.75
C PHE D 358 45.23 -7.94 -55.25
N ALA D 359 44.89 -6.77 -54.70
CA ALA D 359 44.68 -6.66 -53.27
C ALA D 359 43.60 -7.63 -52.79
N ASN D 360 42.51 -7.74 -53.54
CA ASN D 360 41.45 -8.67 -53.17
C ASN D 360 41.92 -10.11 -53.28
N ALA D 361 42.72 -10.43 -54.30
CA ALA D 361 43.24 -11.78 -54.42
C ALA D 361 44.12 -12.15 -53.23
N LEU D 362 44.96 -11.21 -52.79
CA LEU D 362 45.81 -11.47 -51.63
C LEU D 362 44.98 -11.64 -50.36
N GLU D 363 43.94 -10.82 -50.20
CA GLU D 363 43.04 -10.98 -49.06
C GLU D 363 42.36 -12.34 -49.09
N GLU D 364 41.91 -12.77 -50.28
CA GLU D 364 41.28 -14.07 -50.40
C GLU D 364 42.28 -15.19 -50.11
N VAL D 365 43.48 -15.10 -50.67
CA VAL D 365 44.48 -16.14 -50.48
C VAL D 365 44.75 -16.35 -49.00
N SER D 366 44.91 -15.26 -48.25
CA SER D 366 45.11 -15.37 -46.81
C SER D 366 43.94 -16.09 -46.15
N ILE D 367 42.72 -15.74 -46.55
CA ILE D 367 41.53 -16.34 -45.95
C ILE D 367 41.39 -17.79 -46.38
N GLU D 368 41.50 -18.07 -47.70
CA GLU D 368 41.41 -19.44 -48.18
C GLU D 368 42.47 -20.33 -47.55
N THR D 369 43.67 -19.79 -47.33
CA THR D 369 44.72 -20.56 -46.68
C THR D 369 44.31 -21.00 -45.28
N ILE D 370 43.82 -20.05 -44.47
CA ILE D 370 43.40 -20.36 -43.12
C ILE D 370 42.22 -21.34 -43.13
N GLU D 371 41.28 -21.14 -44.04
CA GLU D 371 40.11 -22.00 -44.13
C GLU D 371 40.47 -23.42 -44.58
N ALA D 372 41.60 -23.59 -45.26
CA ALA D 372 42.08 -24.92 -45.60
C ALA D 372 42.78 -25.62 -44.43
N GLY D 373 42.88 -24.97 -43.28
CA GLY D 373 43.52 -25.57 -42.13
C GLY D 373 44.99 -25.23 -41.95
N PHE D 374 45.49 -24.19 -42.61
CA PHE D 374 46.88 -23.76 -42.48
C PHE D 374 46.88 -22.41 -41.76
N MET D 375 47.39 -22.39 -40.53
CA MET D 375 47.23 -21.24 -39.66
C MET D 375 48.32 -21.23 -38.59
N THR D 376 48.49 -20.07 -37.97
CA THR D 376 49.40 -19.91 -36.85
C THR D 376 48.73 -20.36 -35.55
N LYS D 377 49.54 -20.46 -34.49
CA LYS D 377 49.09 -21.06 -33.24
C LYS D 377 47.87 -20.35 -32.66
N ASP D 378 47.85 -19.03 -32.73
CA ASP D 378 46.75 -18.27 -32.17
C ASP D 378 45.41 -18.67 -32.78
N LEU D 379 45.39 -18.84 -34.10
CA LEU D 379 44.16 -19.26 -34.77
C LEU D 379 43.79 -20.68 -34.39
N ALA D 380 44.77 -21.58 -34.29
CA ALA D 380 44.50 -22.93 -33.84
C ALA D 380 43.96 -22.94 -32.42
N ALA D 381 44.49 -22.07 -31.56
CA ALA D 381 43.96 -21.95 -30.21
C ALA D 381 42.51 -21.49 -30.24
N CYS D 382 42.16 -20.59 -31.16
CA CYS D 382 40.81 -20.08 -31.25
CA CYS D 382 40.80 -20.09 -31.23
C CYS D 382 39.80 -21.18 -31.60
N ILE D 383 40.26 -22.23 -32.27
CA ILE D 383 39.37 -23.32 -32.67
C ILE D 383 39.20 -24.34 -31.55
N LYS D 384 40.32 -24.83 -31.00
CA LYS D 384 40.30 -25.93 -30.05
C LYS D 384 40.44 -25.48 -28.60
N GLY D 385 40.89 -24.25 -28.36
CA GLY D 385 41.25 -23.84 -27.01
C GLY D 385 42.73 -24.05 -26.80
N LEU D 386 43.42 -23.02 -26.27
CA LEU D 386 44.87 -23.12 -26.09
C LEU D 386 45.34 -24.35 -25.32
N PRO D 387 44.64 -24.83 -24.28
CA PRO D 387 45.09 -26.08 -23.64
C PRO D 387 45.13 -27.27 -24.58
N ASN D 388 44.42 -27.21 -25.71
CA ASN D 388 44.24 -28.37 -26.58
C ASN D 388 45.02 -28.27 -27.88
N VAL D 389 45.95 -27.32 -27.98
CA VAL D 389 46.70 -27.12 -29.22
C VAL D 389 47.88 -28.08 -29.27
N GLN D 390 48.06 -28.74 -30.40
CA GLN D 390 49.22 -29.56 -30.67
C GLN D 390 50.10 -28.86 -31.70
N ARG D 391 51.36 -29.27 -31.76
CA ARG D 391 52.28 -28.74 -32.75
C ARG D 391 51.75 -28.95 -34.17
N SER D 392 51.14 -30.12 -34.40
CA SER D 392 50.60 -30.45 -35.72
C SER D 392 49.42 -29.58 -36.11
N ASP D 393 48.82 -28.86 -35.17
CA ASP D 393 47.65 -28.04 -35.46
C ASP D 393 47.98 -26.74 -36.18
N TYR D 394 49.26 -26.35 -36.23
CA TYR D 394 49.60 -25.03 -36.76
C TYR D 394 50.97 -25.07 -37.43
N LEU D 395 51.31 -23.94 -38.04
CA LEU D 395 52.60 -23.71 -38.67
C LEU D 395 53.33 -22.60 -37.93
N ASN D 396 54.66 -22.62 -37.99
CA ASN D 396 55.40 -21.53 -37.36
C ASN D 396 55.38 -20.30 -38.25
N THR D 397 56.02 -19.23 -37.78
CA THR D 397 55.97 -17.94 -38.47
C THR D 397 56.42 -18.05 -39.92
N PHE D 398 57.47 -18.82 -40.16
CA PHE D 398 58.05 -18.89 -41.50
C PHE D 398 57.31 -19.89 -42.39
N GLU D 399 56.87 -21.02 -41.81
CA GLU D 399 56.08 -21.98 -42.56
C GLU D 399 54.80 -21.35 -43.11
N PHE D 400 54.10 -20.58 -42.27
CA PHE D 400 52.87 -19.93 -42.70
C PHE D 400 53.16 -18.90 -43.80
N MET D 401 54.23 -18.14 -43.65
CA MET D 401 54.64 -17.21 -44.68
C MET D 401 54.88 -17.92 -46.01
N ASP D 402 55.58 -19.05 -45.97
CA ASP D 402 55.84 -19.82 -47.18
C ASP D 402 54.54 -20.30 -47.81
N LYS D 403 53.64 -20.86 -47.00
CA LYS D 403 52.38 -21.38 -47.53
C LYS D 403 51.56 -20.26 -48.18
N LEU D 404 51.49 -19.09 -47.54
CA LEU D 404 50.78 -17.97 -48.12
C LEU D 404 51.38 -17.59 -49.47
N GLY D 405 52.71 -17.50 -49.54
CA GLY D 405 53.36 -17.17 -50.81
C GLY D 405 53.16 -18.25 -51.86
N GLU D 406 53.22 -19.52 -51.46
CA GLU D 406 52.98 -20.59 -52.40
C GLU D 406 51.55 -20.55 -52.93
N ASN D 407 50.58 -20.27 -52.07
CA ASN D 407 49.19 -20.20 -52.54
C ASN D 407 48.91 -18.93 -53.31
N LEU D 408 49.71 -17.88 -53.12
CA LEU D 408 49.51 -16.64 -53.86
C LEU D 408 49.95 -16.79 -55.31
N LYS D 409 51.12 -17.40 -55.54
CA LYS D 409 51.59 -17.73 -56.88
C LYS D 409 50.50 -18.40 -57.71
N ILE D 410 49.92 -19.48 -57.18
CA ILE D 410 49.00 -20.32 -57.96
C ILE D 410 47.71 -19.57 -58.23
N LYS D 411 47.24 -18.78 -57.25
CA LYS D 411 46.10 -17.91 -57.48
C LYS D 411 46.37 -16.87 -58.55
N LEU D 412 47.61 -16.36 -58.61
CA LEU D 412 47.99 -15.35 -59.57
C LEU D 412 48.61 -15.92 -60.85
N ALA D 413 48.88 -17.23 -60.89
CA ALA D 413 49.32 -17.87 -62.12
C ALA D 413 48.39 -17.52 -63.27
N GLN D 414 47.08 -17.56 -63.00
CA GLN D 414 46.10 -16.98 -63.90
C GLN D 414 46.28 -15.46 -63.93
#